data_8YVN
#
_entry.id   8YVN
#
_cell.length_a   1.00
_cell.length_b   1.00
_cell.length_c   1.00
_cell.angle_alpha   90.00
_cell.angle_beta   90.00
_cell.angle_gamma   90.00
#
_symmetry.space_group_name_H-M   'P 1'
#
loop_
_entity.id
_entity.type
_entity.pdbx_description
1 polymer Neuraminidase
2 polymer 'CAV-F6 heavy chain'
3 polymer 'CAV-F6 kappa chain'
4 branched beta-D-mannopyranose-(1-4)-2-acetamido-2-deoxy-beta-D-glucopyranose-(1-4)-2-acetamido-2-deoxy-beta-D-glucopyranose
5 branched 2-acetamido-2-deoxy-beta-D-glucopyranose-(1-4)-2-acetamido-2-deoxy-beta-D-glucopyranose
6 branched alpha-D-mannopyranose-(1-2)-alpha-D-mannopyranose-(1-3)-[alpha-D-mannopyranose-(1-3)-alpha-D-mannopyranose-(1-6)]beta-D-mannopyranose-(1-4)-2-acetamido-2-deoxy-beta-D-glucopyranose-(1-4)-2-acetamido-2-deoxy-beta-D-glucopyranose
7 non-polymer 2-acetamido-2-deoxy-beta-D-glucopyranose
8 non-polymer 'CALCIUM ION'
#
loop_
_entity_poly.entity_id
_entity_poly.type
_entity_poly.pdbx_seq_one_letter_code
_entity_poly.pdbx_strand_id
1 'polypeptide(L)'
;EYRNWSKPQCGITGFAPFSKDNSIRLSAGGDIWVTREPYVSCDPDKCYQFALGQGTTLNNVHSNNTVRDRTPYRTLLMNE
LGVPFHLGTKQVCIAWSSSSCHDGKAWLHVCITGDDKNATASFIYNGRLVDSVVSWSKDILRTQESECVCINGTCTVVMT
DGSASGKADTKILFIEEGKIVHTSTLSGSAQHVEECSCYPRYPGVRCVCRDNWKGSNRPIVDINIKDHSIVSSYVCSGLV
GDTPRKNDSSSSSHCLDPNNEEGGHGVKGWAFDDGNDVWMGRTINETSRLGYETFKVIEGWSNPKSKLQTNRQVIVDRGD
RSGYSGIFSVEGKSCINRCFYVELIRGRKEETEVLWTSNSIVVFCGTSGTYGTGSWPDGADLNLMPI
;
A,B,C,D
2 'polypeptide(L)'
;EVQLVESGGGLVQPGGSLRLSCAASGFSFTTYEMNWVRQAPGKGLEWVSHISSRGLVIYYADSVKGRFTMSRDTAKNSLY
LQMDSLTVADTAVYYCARHYFDRDWGYSGMDLWGQGTTVTVSS
;
E,F,G,H
3 'polypeptide(L)'
;EVVLTQSPGTLSLSPGERATLSCRASQSLGTNYLAWYQHKPGQSPRLLIDGASTRAIGIPDRFSASGSGTDFTLTVSRLE
PEDFAVYYCQHYGNPYTFGQGTKLEIK
;
I,J,K,L
#
# COMPACT_ATOMS: atom_id res chain seq x y z
N GLU A 1 17.57 -8.83 -33.76
CA GLU A 1 16.64 -8.22 -32.82
C GLU A 1 15.31 -8.95 -32.83
N TYR A 2 14.76 -9.19 -34.02
CA TYR A 2 13.57 -10.02 -34.12
C TYR A 2 13.82 -11.40 -33.55
N ARG A 3 12.72 -12.07 -33.23
CA ARG A 3 12.73 -13.38 -32.63
C ARG A 3 12.17 -14.36 -33.65
N ASN A 4 12.91 -15.43 -33.93
CA ASN A 4 12.54 -16.39 -34.95
C ASN A 4 12.37 -17.82 -34.47
N TRP A 5 12.66 -18.11 -33.20
CA TRP A 5 12.36 -19.40 -32.59
C TRP A 5 12.95 -20.58 -33.36
N SER A 6 14.17 -20.40 -33.86
CA SER A 6 14.73 -21.36 -34.80
C SER A 6 15.30 -22.61 -34.14
N LYS A 7 15.55 -22.58 -32.84
CA LYS A 7 16.22 -23.69 -32.19
C LYS A 7 15.29 -24.89 -32.05
N PRO A 8 15.84 -26.09 -31.83
CA PRO A 8 14.99 -27.26 -31.63
C PRO A 8 14.18 -27.18 -30.34
N GLN A 9 13.39 -28.21 -30.07
CA GLN A 9 12.64 -28.27 -28.82
C GLN A 9 13.44 -29.01 -27.77
N CYS A 10 13.43 -28.49 -26.56
CA CYS A 10 14.22 -29.07 -25.48
C CYS A 10 13.69 -30.46 -25.14
N GLY A 11 14.58 -31.33 -24.67
CA GLY A 11 14.18 -32.64 -24.22
C GLY A 11 13.40 -32.53 -22.94
N ILE A 12 12.16 -33.02 -22.93
CA ILE A 12 11.27 -32.85 -21.79
C ILE A 12 10.93 -34.23 -21.23
N THR A 13 11.26 -34.44 -19.96
CA THR A 13 10.84 -35.62 -19.23
C THR A 13 9.81 -35.31 -18.16
N GLY A 14 9.40 -34.05 -18.05
CA GLY A 14 8.51 -33.63 -17.00
C GLY A 14 8.66 -32.14 -16.79
N PHE A 15 7.96 -31.65 -15.78
CA PHE A 15 7.91 -30.23 -15.51
C PHE A 15 8.28 -29.96 -14.07
N ALA A 16 9.00 -28.86 -13.84
CA ALA A 16 9.47 -28.51 -12.51
C ALA A 16 8.83 -27.20 -12.05
N PRO A 17 8.66 -27.01 -10.74
CA PRO A 17 7.99 -25.78 -10.27
C PRO A 17 8.76 -24.54 -10.67
N PHE A 18 8.04 -23.52 -11.07
CA PHE A 18 8.72 -22.31 -11.48
C PHE A 18 8.24 -21.06 -10.76
N SER A 19 6.93 -20.92 -10.53
CA SER A 19 6.47 -19.69 -9.90
C SER A 19 5.10 -19.90 -9.27
N LYS A 20 4.78 -19.02 -8.32
CA LYS A 20 3.52 -19.00 -7.60
C LYS A 20 3.31 -17.58 -7.11
N ASP A 21 2.08 -17.08 -7.21
CA ASP A 21 1.83 -15.69 -6.86
C ASP A 21 1.11 -15.48 -5.53
N ASN A 22 0.39 -16.47 -5.02
CA ASN A 22 -0.28 -16.36 -3.73
C ASN A 22 -1.18 -15.14 -3.66
N SER A 23 -1.93 -14.89 -4.74
CA SER A 23 -2.71 -13.66 -4.82
C SER A 23 -3.83 -13.63 -3.80
N ILE A 24 -4.58 -14.73 -3.67
CA ILE A 24 -5.73 -14.73 -2.78
C ILE A 24 -5.29 -14.68 -1.33
N ARG A 25 -4.19 -15.35 -1.00
CA ARG A 25 -3.71 -15.31 0.38
C ARG A 25 -3.26 -13.92 0.77
N LEU A 26 -2.61 -13.21 -0.15
CA LEU A 26 -2.21 -11.84 0.14
C LEU A 26 -3.38 -10.88 0.12
N SER A 27 -4.46 -11.21 -0.61
CA SER A 27 -5.60 -10.31 -0.70
C SER A 27 -6.32 -10.16 0.63
N ALA A 28 -6.16 -11.11 1.55
CA ALA A 28 -6.82 -10.99 2.85
C ALA A 28 -6.30 -9.80 3.62
N GLY A 29 -5.00 -9.55 3.57
CA GLY A 29 -4.44 -8.33 4.08
C GLY A 29 -3.59 -7.64 3.03
N GLY A 30 -4.06 -6.49 2.56
CA GLY A 30 -3.44 -5.80 1.45
C GLY A 30 -4.39 -5.61 0.29
N ASP A 31 -3.99 -4.71 -0.60
CA ASP A 31 -4.81 -4.31 -1.74
C ASP A 31 -4.30 -5.03 -2.98
N ILE A 32 -5.07 -6.02 -3.45
CA ILE A 32 -4.69 -6.85 -4.58
C ILE A 32 -5.83 -6.82 -5.59
N TRP A 33 -5.49 -6.73 -6.87
CA TRP A 33 -6.49 -6.67 -7.92
C TRP A 33 -7.32 -7.95 -7.96
N VAL A 34 -8.61 -7.81 -8.28
CA VAL A 34 -9.46 -8.94 -8.59
C VAL A 34 -9.27 -9.24 -10.07
N THR A 35 -8.79 -10.44 -10.38
CA THR A 35 -8.45 -10.81 -11.73
C THR A 35 -9.10 -12.13 -12.10
N ARG A 36 -8.94 -12.49 -13.37
CA ARG A 36 -9.22 -13.83 -13.88
C ARG A 36 -8.69 -13.89 -15.31
N GLU A 37 -8.63 -15.09 -15.85
CA GLU A 37 -8.07 -15.36 -17.17
C GLU A 37 -6.64 -14.85 -17.28
N PRO A 38 -5.69 -15.45 -16.58
CA PRO A 38 -4.30 -14.99 -16.64
C PRO A 38 -3.52 -15.73 -17.71
N TYR A 39 -2.28 -15.29 -17.92
CA TYR A 39 -1.34 -16.04 -18.73
C TYR A 39 0.05 -15.48 -18.46
N VAL A 40 1.04 -16.08 -19.13
CA VAL A 40 2.45 -15.71 -18.96
C VAL A 40 3.07 -15.57 -20.35
N SER A 41 3.96 -14.58 -20.49
CA SER A 41 4.72 -14.40 -21.72
C SER A 41 6.07 -13.78 -21.36
N CYS A 42 7.09 -14.08 -22.14
CA CYS A 42 8.45 -13.66 -21.81
C CYS A 42 9.07 -12.88 -22.95
N ASP A 43 9.64 -11.72 -22.63
CA ASP A 43 10.56 -11.05 -23.55
C ASP A 43 11.93 -11.73 -23.41
N PRO A 44 12.88 -11.45 -24.33
CA PRO A 44 14.13 -12.21 -24.32
C PRO A 44 14.91 -12.15 -23.01
N ASP A 45 14.47 -11.35 -22.03
CA ASP A 45 15.17 -11.22 -20.77
C ASP A 45 14.49 -11.96 -19.63
N LYS A 46 13.22 -11.65 -19.34
CA LYS A 46 12.51 -12.25 -18.22
C LYS A 46 11.08 -12.51 -18.64
N CYS A 47 10.26 -12.95 -17.68
CA CYS A 47 8.90 -13.35 -17.96
C CYS A 47 7.93 -12.47 -17.19
N TYR A 48 6.75 -12.28 -17.78
CA TYR A 48 5.71 -11.41 -17.28
C TYR A 48 4.43 -12.21 -17.16
N GLN A 49 3.62 -11.82 -16.18
CA GLN A 49 2.29 -12.38 -16.00
C GLN A 49 1.25 -11.32 -16.35
N PHE A 50 0.21 -11.75 -17.04
CA PHE A 50 -0.89 -10.91 -17.48
C PHE A 50 -2.19 -11.45 -16.91
N ALA A 51 -3.16 -10.57 -16.72
CA ALA A 51 -4.47 -10.98 -16.26
C ALA A 51 -5.50 -9.97 -16.71
N LEU A 52 -6.76 -10.35 -16.63
CA LEU A 52 -7.88 -9.46 -16.94
C LEU A 52 -8.51 -9.06 -15.60
N GLY A 53 -8.23 -7.83 -15.17
CA GLY A 53 -8.75 -7.37 -13.90
C GLY A 53 -10.11 -6.73 -14.04
N GLN A 54 -10.93 -6.93 -13.01
CA GLN A 54 -12.31 -6.45 -13.00
C GLN A 54 -12.42 -5.01 -12.56
N GLY A 55 -11.33 -4.25 -12.59
CA GLY A 55 -11.40 -2.85 -12.21
C GLY A 55 -11.61 -2.60 -10.74
N THR A 56 -11.19 -3.53 -9.89
CA THR A 56 -11.34 -3.35 -8.46
C THR A 56 -10.39 -4.27 -7.73
N THR A 57 -10.17 -3.97 -6.45
CA THR A 57 -9.41 -4.85 -5.57
C THR A 57 -10.36 -5.81 -4.87
N LEU A 58 -9.82 -6.70 -4.05
CA LEU A 58 -10.65 -7.73 -3.45
C LEU A 58 -11.32 -7.26 -2.16
N ASN A 59 -10.60 -6.54 -1.31
CA ASN A 59 -11.20 -5.92 -0.13
C ASN A 59 -11.87 -4.60 -0.51
N ASN A 60 -12.88 -4.72 -1.36
CA ASN A 60 -13.50 -3.57 -2.00
C ASN A 60 -14.99 -3.81 -2.09
N VAL A 61 -15.77 -2.73 -2.04
CA VAL A 61 -17.21 -2.87 -2.20
C VAL A 61 -17.54 -3.28 -3.62
N HIS A 62 -16.71 -2.88 -4.59
CA HIS A 62 -16.93 -3.22 -5.99
C HIS A 62 -16.56 -4.66 -6.31
N SER A 63 -15.91 -5.36 -5.38
CA SER A 63 -15.59 -6.78 -5.56
C SER A 63 -16.83 -7.66 -5.53
N ASN A 64 -17.98 -7.12 -5.18
CA ASN A 64 -19.20 -7.93 -5.04
C ASN A 64 -19.71 -8.25 -6.41
N ASN A 65 -20.00 -9.49 -6.64
CA ASN A 65 -20.55 -9.99 -7.90
C ASN A 65 -19.63 -9.67 -9.07
N THR A 66 -18.43 -10.23 -9.03
CA THR A 66 -17.45 -10.11 -10.11
C THR A 66 -17.29 -11.41 -10.89
N VAL A 67 -18.38 -12.17 -11.05
CA VAL A 67 -18.32 -13.42 -11.81
C VAL A 67 -18.57 -13.20 -13.28
N ARG A 68 -19.07 -12.02 -13.66
CA ARG A 68 -19.25 -11.67 -15.06
C ARG A 68 -17.90 -11.58 -15.75
N ASP A 69 -17.92 -11.74 -17.08
CA ASP A 69 -16.70 -11.69 -17.86
C ASP A 69 -16.60 -10.52 -18.81
N ARG A 70 -17.68 -9.78 -19.05
CA ARG A 70 -17.70 -8.72 -20.05
C ARG A 70 -18.31 -7.47 -19.41
N THR A 71 -17.47 -6.62 -18.84
CA THR A 71 -17.88 -5.36 -18.25
C THR A 71 -17.01 -4.26 -18.82
N PRO A 72 -17.49 -3.01 -18.80
CA PRO A 72 -16.69 -1.91 -19.36
C PRO A 72 -15.44 -1.59 -18.55
N TYR A 73 -15.17 -2.32 -17.48
CA TYR A 73 -14.15 -1.92 -16.53
C TYR A 73 -12.96 -2.86 -16.51
N ARG A 74 -13.10 -4.06 -17.08
CA ARG A 74 -12.01 -5.00 -17.12
C ARG A 74 -10.87 -4.45 -17.97
N THR A 75 -9.66 -4.51 -17.45
CA THR A 75 -8.48 -4.08 -18.18
C THR A 75 -7.43 -5.17 -18.13
N LEU A 76 -6.38 -5.01 -18.93
CA LEU A 76 -5.30 -5.99 -19.00
C LEU A 76 -4.15 -5.54 -18.12
N LEU A 77 -3.84 -6.34 -17.11
CA LEU A 77 -2.79 -6.04 -16.14
C LEU A 77 -1.54 -6.85 -16.47
N MET A 78 -0.38 -6.20 -16.35
CA MET A 78 0.91 -6.80 -16.66
C MET A 78 1.90 -6.51 -15.54
N ASN A 79 2.45 -7.56 -14.93
CA ASN A 79 3.63 -7.41 -14.07
C ASN A 79 4.71 -8.39 -14.50
N GLU A 80 5.86 -8.26 -13.84
CA GLU A 80 6.87 -9.29 -13.94
C GLU A 80 6.36 -10.56 -13.28
N LEU A 81 6.85 -11.69 -13.74
CA LEU A 81 6.43 -12.97 -13.18
C LEU A 81 6.86 -13.04 -11.72
N GLY A 82 5.88 -13.08 -10.82
CA GLY A 82 6.20 -13.18 -9.41
C GLY A 82 5.62 -12.05 -8.61
N VAL A 83 5.61 -10.84 -9.16
CA VAL A 83 5.07 -9.69 -8.45
C VAL A 83 3.55 -9.80 -8.43
N PRO A 84 2.92 -9.84 -7.27
CA PRO A 84 1.46 -9.89 -7.22
C PRO A 84 0.84 -8.61 -7.74
N PHE A 85 -0.41 -8.73 -8.18
CA PHE A 85 -1.12 -7.61 -8.79
C PHE A 85 -1.52 -6.63 -7.70
N HIS A 86 -0.54 -5.86 -7.23
CA HIS A 86 -0.82 -4.83 -6.26
C HIS A 86 -1.33 -3.58 -6.96
N LEU A 87 -1.52 -2.50 -6.20
CA LEU A 87 -2.10 -1.29 -6.75
C LEU A 87 -1.15 -0.53 -7.67
N GLY A 88 0.13 -0.88 -7.69
CA GLY A 88 1.05 -0.28 -8.62
C GLY A 88 1.12 -0.97 -9.95
N THR A 89 0.23 -1.94 -10.20
CA THR A 89 0.25 -2.69 -11.44
C THR A 89 -0.16 -1.81 -12.61
N LYS A 90 0.60 -1.87 -13.69
CA LYS A 90 0.26 -1.13 -14.90
C LYS A 90 -0.77 -1.91 -15.69
N GLN A 91 -1.91 -1.31 -15.95
CA GLN A 91 -2.96 -1.89 -16.77
C GLN A 91 -2.88 -1.31 -18.18
N VAL A 92 -2.64 -2.18 -19.15
CA VAL A 92 -2.06 -1.76 -20.42
C VAL A 92 -3.08 -1.55 -21.52
N CYS A 93 -4.34 -1.87 -21.30
CA CYS A 93 -5.38 -1.63 -22.29
C CYS A 93 -6.74 -1.92 -21.67
N ILE A 94 -7.78 -1.40 -22.29
CA ILE A 94 -9.15 -1.77 -21.96
C ILE A 94 -9.45 -3.05 -22.71
N ALA A 95 -9.80 -4.11 -21.98
CA ALA A 95 -10.03 -5.41 -22.60
C ALA A 95 -10.83 -6.30 -21.66
N TRP A 96 -11.87 -6.92 -22.19
CA TRP A 96 -12.39 -8.12 -21.56
C TRP A 96 -12.03 -9.39 -22.31
N SER A 97 -11.28 -9.28 -23.41
CA SER A 97 -10.54 -10.42 -23.93
C SER A 97 -9.17 -9.93 -24.38
N SER A 98 -8.16 -10.80 -24.33
CA SER A 98 -6.82 -10.29 -24.56
C SER A 98 -5.87 -11.38 -25.05
N SER A 99 -4.77 -10.93 -25.65
CA SER A 99 -3.64 -11.79 -25.99
C SER A 99 -2.41 -10.91 -26.14
N SER A 100 -1.22 -11.50 -25.98
CA SER A 100 0.01 -10.72 -25.95
C SER A 100 1.19 -11.47 -26.54
N CYS A 101 1.98 -10.75 -27.33
CA CYS A 101 3.19 -11.25 -27.99
C CYS A 101 4.38 -10.38 -27.60
N HIS A 102 5.57 -10.92 -27.80
CA HIS A 102 6.80 -10.13 -27.87
C HIS A 102 7.62 -10.64 -29.04
N ASP A 103 7.82 -9.78 -30.04
CA ASP A 103 8.50 -10.19 -31.26
C ASP A 103 10.01 -10.01 -31.19
N GLY A 104 10.56 -9.75 -30.02
CA GLY A 104 11.97 -9.50 -29.87
C GLY A 104 12.32 -8.04 -29.86
N LYS A 105 11.39 -7.17 -30.24
CA LYS A 105 11.60 -5.72 -30.23
C LYS A 105 10.65 -5.00 -29.29
N ALA A 106 9.35 -5.28 -29.38
CA ALA A 106 8.37 -4.58 -28.56
C ALA A 106 7.20 -5.51 -28.29
N TRP A 107 6.41 -5.16 -27.30
CA TRP A 107 5.25 -5.94 -26.91
C TRP A 107 4.08 -5.64 -27.83
N LEU A 108 3.31 -6.67 -28.15
CA LEU A 108 2.07 -6.53 -28.88
C LEU A 108 0.93 -6.97 -27.99
N HIS A 109 -0.11 -6.16 -27.90
CA HIS A 109 -1.29 -6.47 -27.12
C HIS A 109 -2.49 -6.43 -28.05
N VAL A 110 -3.29 -7.51 -28.04
CA VAL A 110 -4.58 -7.53 -28.70
C VAL A 110 -5.63 -7.47 -27.62
N CYS A 111 -6.48 -6.45 -27.67
CA CYS A 111 -7.43 -6.18 -26.60
C CYS A 111 -8.81 -6.02 -27.18
N ILE A 112 -9.77 -6.82 -26.70
CA ILE A 112 -11.20 -6.74 -27.12
C ILE A 112 -12.09 -6.14 -26.04
N THR A 113 -12.87 -5.12 -26.36
CA THR A 113 -13.80 -4.42 -25.44
C THR A 113 -15.00 -3.98 -26.26
N GLY A 114 -16.13 -3.71 -25.62
CA GLY A 114 -17.27 -3.15 -26.34
C GLY A 114 -18.52 -3.92 -26.17
N ASP A 115 -19.51 -3.54 -26.93
CA ASP A 115 -20.83 -4.19 -26.91
C ASP A 115 -20.67 -5.60 -27.47
N ASP A 116 -21.51 -6.53 -27.03
CA ASP A 116 -21.43 -7.93 -27.48
C ASP A 116 -21.72 -7.97 -28.96
N LYS A 117 -22.54 -7.05 -29.47
CA LYS A 117 -22.89 -7.13 -30.91
C LYS A 117 -21.80 -6.47 -31.74
N ASN A 118 -21.22 -5.37 -31.28
CA ASN A 118 -20.25 -4.65 -32.16
C ASN A 118 -18.79 -5.02 -31.88
N ALA A 119 -18.30 -4.96 -30.64
CA ALA A 119 -16.92 -5.38 -30.23
C ALA A 119 -15.73 -4.95 -31.11
N THR A 120 -14.72 -4.33 -30.51
CA THR A 120 -13.51 -3.84 -31.21
C THR A 120 -12.25 -4.48 -30.67
N ALA A 121 -11.33 -4.88 -31.53
CA ALA A 121 -10.02 -5.39 -31.11
C ALA A 121 -9.02 -4.31 -31.40
N SER A 122 -8.37 -3.79 -30.37
CA SER A 122 -7.31 -2.80 -30.56
C SER A 122 -6.01 -3.52 -30.56
N PHE A 123 -5.17 -3.24 -31.55
CA PHE A 123 -3.85 -3.83 -31.67
C PHE A 123 -2.84 -2.76 -31.32
N ILE A 124 -2.14 -2.96 -30.21
CA ILE A 124 -1.26 -1.98 -29.59
C ILE A 124 0.15 -2.53 -29.66
N TYR A 125 1.05 -1.77 -30.27
CA TYR A 125 2.42 -2.22 -30.45
C TYR A 125 3.37 -1.10 -30.06
N ASN A 126 4.27 -1.39 -29.12
CA ASN A 126 5.28 -0.45 -28.68
C ASN A 126 4.67 0.79 -28.05
N GLY A 127 3.55 0.62 -27.35
CA GLY A 127 2.90 1.74 -26.69
C GLY A 127 2.12 2.65 -27.60
N ARG A 128 1.77 2.20 -28.79
CA ARG A 128 0.93 2.96 -29.71
C ARG A 128 -0.29 2.11 -30.04
N LEU A 129 -1.41 2.76 -30.30
CA LEU A 129 -2.55 2.07 -30.87
C LEU A 129 -2.37 2.01 -32.36
N VAL A 130 -1.90 0.88 -32.86
CA VAL A 130 -1.57 0.77 -34.28
C VAL A 130 -2.76 0.36 -35.15
N ASP A 131 -3.62 -0.52 -34.68
CA ASP A 131 -4.70 -0.98 -35.56
C ASP A 131 -5.95 -1.28 -34.75
N SER A 132 -7.04 -1.57 -35.46
CA SER A 132 -8.32 -1.84 -34.84
C SER A 132 -9.20 -2.59 -35.82
N VAL A 133 -10.02 -3.50 -35.29
CA VAL A 133 -10.92 -4.32 -36.08
C VAL A 133 -12.26 -4.39 -35.36
N VAL A 134 -13.33 -4.60 -36.13
CA VAL A 134 -14.67 -4.73 -35.60
C VAL A 134 -15.10 -6.19 -35.73
N SER A 135 -16.15 -6.55 -34.97
CA SER A 135 -16.71 -7.89 -35.09
C SER A 135 -17.17 -8.14 -36.52
N TRP A 136 -16.82 -9.32 -37.04
CA TRP A 136 -17.33 -9.68 -38.35
C TRP A 136 -18.66 -10.43 -38.28
N SER A 137 -18.86 -11.25 -37.25
CA SER A 137 -20.10 -11.99 -37.09
C SER A 137 -21.10 -11.31 -36.17
N LYS A 138 -20.79 -10.11 -35.69
CA LYS A 138 -21.67 -9.35 -34.81
C LYS A 138 -22.09 -10.19 -33.61
N ASP A 139 -21.10 -10.79 -32.96
CA ASP A 139 -21.31 -11.59 -31.77
C ASP A 139 -20.15 -11.32 -30.82
N ILE A 140 -19.96 -12.18 -29.83
CA ILE A 140 -18.93 -11.94 -28.84
C ILE A 140 -17.57 -12.25 -29.48
N LEU A 141 -16.88 -11.21 -29.93
CA LEU A 141 -15.53 -11.36 -30.46
C LEU A 141 -14.59 -11.70 -29.32
N ARG A 142 -13.75 -12.71 -29.53
CA ARG A 142 -12.91 -13.22 -28.45
C ARG A 142 -11.64 -13.80 -29.03
N THR A 143 -10.63 -13.95 -28.19
CA THR A 143 -9.30 -14.34 -28.63
C THR A 143 -8.72 -15.35 -27.64
N GLN A 144 -7.41 -15.55 -27.73
CA GLN A 144 -6.76 -16.74 -27.17
C GLN A 144 -6.78 -16.77 -25.65
N GLU A 145 -6.76 -15.61 -25.01
CA GLU A 145 -6.56 -15.49 -23.56
C GLU A 145 -5.22 -16.02 -23.11
N SER A 146 -4.27 -16.19 -24.03
CA SER A 146 -2.91 -16.55 -23.69
C SER A 146 -1.99 -15.86 -24.69
N GLU A 147 -0.71 -16.22 -24.67
CA GLU A 147 0.24 -15.54 -25.52
C GLU A 147 0.03 -15.92 -26.98
N CYS A 148 0.32 -14.97 -27.85
CA CYS A 148 0.44 -15.21 -29.28
C CYS A 148 1.92 -15.37 -29.63
N VAL A 149 2.19 -15.74 -30.88
CA VAL A 149 3.53 -16.14 -31.30
C VAL A 149 3.97 -15.31 -32.50
N CYS A 150 5.19 -14.80 -32.46
CA CYS A 150 5.79 -14.03 -33.54
C CYS A 150 6.99 -14.79 -34.09
N ILE A 151 7.11 -14.84 -35.42
CA ILE A 151 8.31 -15.46 -36.06
C ILE A 151 8.77 -14.51 -37.16
N ASN A 152 9.96 -13.91 -37.02
CA ASN A 152 10.51 -12.95 -38.02
C ASN A 152 9.71 -11.64 -38.02
N GLY A 153 9.06 -11.31 -36.91
CA GLY A 153 8.33 -10.02 -36.83
C GLY A 153 6.86 -10.17 -37.17
N THR A 154 6.49 -11.30 -37.80
CA THR A 154 5.09 -11.55 -38.11
C THR A 154 4.49 -12.33 -36.96
N CYS A 155 3.54 -11.71 -36.27
CA CYS A 155 2.85 -12.34 -35.15
C CYS A 155 1.50 -12.86 -35.61
N THR A 156 1.01 -13.89 -34.93
CA THR A 156 -0.23 -14.55 -35.34
C THR A 156 -1.19 -14.61 -34.17
N VAL A 157 -2.45 -14.21 -34.41
CA VAL A 157 -3.47 -14.20 -33.37
C VAL A 157 -4.71 -14.89 -33.90
N VAL A 158 -5.26 -15.82 -33.11
CA VAL A 158 -6.45 -16.55 -33.49
C VAL A 158 -7.65 -15.92 -32.79
N MET A 159 -8.63 -15.48 -33.57
CA MET A 159 -9.80 -14.78 -33.03
C MET A 159 -11.08 -15.42 -33.53
N THR A 160 -11.99 -15.70 -32.61
CA THR A 160 -13.25 -16.36 -32.93
C THR A 160 -14.39 -15.38 -32.74
N ASP A 161 -15.43 -15.52 -33.56
CA ASP A 161 -16.61 -14.68 -33.45
C ASP A 161 -17.81 -15.47 -33.92
N GLY A 162 -18.81 -15.62 -33.07
CA GLY A 162 -20.00 -16.35 -33.43
C GLY A 162 -20.51 -17.14 -32.24
N SER A 163 -21.42 -18.06 -32.54
CA SER A 163 -22.10 -18.81 -31.50
C SER A 163 -21.15 -19.77 -30.81
N ALA A 164 -21.35 -19.94 -29.50
CA ALA A 164 -20.53 -20.89 -28.75
C ALA A 164 -20.88 -22.33 -29.08
N SER A 165 -22.14 -22.60 -29.39
CA SER A 165 -22.59 -23.94 -29.78
C SER A 165 -23.18 -23.81 -31.18
N GLY A 166 -22.32 -23.89 -32.19
CA GLY A 166 -22.73 -23.73 -33.57
C GLY A 166 -21.54 -23.31 -34.40
N LYS A 167 -21.82 -22.97 -35.65
CA LYS A 167 -20.77 -22.55 -36.57
C LYS A 167 -20.37 -21.11 -36.28
N ALA A 168 -19.10 -20.92 -35.94
CA ALA A 168 -18.55 -19.61 -35.65
C ALA A 168 -17.41 -19.32 -36.61
N ASP A 169 -17.25 -18.06 -36.97
CA ASP A 169 -16.17 -17.66 -37.86
C ASP A 169 -14.90 -17.45 -37.05
N THR A 170 -13.90 -18.29 -37.30
CA THR A 170 -12.59 -18.15 -36.69
C THR A 170 -11.62 -17.67 -37.75
N LYS A 171 -10.80 -16.69 -37.40
CA LYS A 171 -9.82 -16.14 -38.30
C LYS A 171 -8.46 -16.13 -37.62
N ILE A 172 -7.42 -16.16 -38.46
CA ILE A 172 -6.04 -16.05 -38.01
C ILE A 172 -5.51 -14.75 -38.60
N LEU A 173 -5.07 -13.86 -37.74
CA LEU A 173 -4.62 -12.54 -38.13
C LEU A 173 -3.10 -12.50 -38.07
N PHE A 174 -2.49 -12.04 -39.14
CA PHE A 174 -1.05 -11.89 -39.25
C PHE A 174 -0.70 -10.41 -39.14
N ILE A 175 0.01 -10.06 -38.07
CA ILE A 175 0.27 -8.69 -37.66
C ILE A 175 1.76 -8.41 -37.79
N GLU A 176 2.10 -7.23 -38.29
CA GLU A 176 3.48 -6.80 -38.45
C GLU A 176 3.64 -5.43 -37.80
N GLU A 177 4.32 -5.38 -36.65
CA GLU A 177 4.52 -4.13 -35.91
C GLU A 177 3.20 -3.47 -35.54
N GLY A 178 2.21 -4.29 -35.18
CA GLY A 178 0.91 -3.79 -34.78
C GLY A 178 -0.09 -3.65 -35.91
N LYS A 179 0.38 -3.61 -37.15
CA LYS A 179 -0.49 -3.49 -38.32
C LYS A 179 -0.87 -4.87 -38.81
N ILE A 180 -2.15 -5.06 -39.09
CA ILE A 180 -2.64 -6.34 -39.59
C ILE A 180 -2.33 -6.43 -41.08
N VAL A 181 -1.38 -7.29 -41.43
CA VAL A 181 -1.03 -7.42 -42.83
C VAL A 181 -1.87 -8.47 -43.53
N HIS A 182 -2.36 -9.49 -42.82
CA HIS A 182 -3.17 -10.47 -43.53
C HIS A 182 -4.18 -11.09 -42.58
N THR A 183 -5.21 -11.70 -43.15
CA THR A 183 -6.24 -12.36 -42.36
C THR A 183 -6.73 -13.59 -43.12
N SER A 184 -6.56 -14.76 -42.52
CA SER A 184 -6.93 -16.02 -43.14
C SER A 184 -8.12 -16.62 -42.40
N THR A 185 -9.18 -16.95 -43.13
CA THR A 185 -10.30 -17.64 -42.51
C THR A 185 -9.90 -19.07 -42.20
N LEU A 186 -10.42 -19.60 -41.10
CA LEU A 186 -10.06 -20.94 -40.68
C LEU A 186 -10.62 -21.98 -41.66
N SER A 187 -9.81 -22.99 -41.95
CA SER A 187 -10.22 -24.05 -42.85
C SER A 187 -9.61 -25.36 -42.37
N GLY A 188 -10.40 -26.42 -42.39
CA GLY A 188 -9.95 -27.72 -41.98
C GLY A 188 -11.07 -28.48 -41.31
N SER A 189 -10.68 -29.44 -40.47
CA SER A 189 -11.62 -30.36 -39.86
C SER A 189 -12.09 -29.92 -38.48
N ALA A 190 -11.54 -28.86 -37.92
CA ALA A 190 -11.95 -28.38 -36.61
C ALA A 190 -13.19 -27.52 -36.76
N GLN A 191 -14.27 -27.88 -36.06
CA GLN A 191 -15.54 -27.18 -36.24
C GLN A 191 -15.67 -25.99 -35.30
N HIS A 192 -15.41 -26.18 -34.01
CA HIS A 192 -15.44 -25.11 -33.04
C HIS A 192 -14.06 -24.91 -32.47
N VAL A 193 -13.57 -23.67 -32.49
CA VAL A 193 -12.22 -23.35 -32.04
C VAL A 193 -12.30 -22.12 -31.14
N GLU A 194 -11.75 -22.25 -29.93
CA GLU A 194 -11.79 -21.17 -28.95
C GLU A 194 -10.56 -21.26 -28.07
N GLU A 195 -10.16 -20.12 -27.54
CA GLU A 195 -9.17 -20.02 -26.46
C GLU A 195 -7.96 -20.92 -26.72
N CYS A 196 -7.24 -20.61 -27.79
CA CYS A 196 -6.16 -21.45 -28.25
C CYS A 196 -4.88 -21.19 -27.49
N SER A 197 -4.15 -22.25 -27.18
CA SER A 197 -2.81 -22.16 -26.61
C SER A 197 -1.83 -22.46 -27.73
N CYS A 198 -1.12 -21.44 -28.19
CA CYS A 198 -0.26 -21.54 -29.36
C CYS A 198 1.20 -21.57 -28.94
N TYR A 199 2.01 -22.27 -29.71
CA TYR A 199 3.43 -22.31 -29.45
C TYR A 199 4.18 -22.37 -30.77
N PRO A 200 5.38 -21.83 -30.82
CA PRO A 200 6.15 -21.84 -32.07
C PRO A 200 6.75 -23.21 -32.32
N ARG A 201 6.14 -23.96 -33.22
CA ARG A 201 6.71 -25.19 -33.71
C ARG A 201 7.36 -24.83 -35.03
N TYR A 202 8.57 -24.28 -34.95
CA TYR A 202 9.23 -23.77 -36.13
C TYR A 202 9.22 -24.82 -37.23
N PRO A 203 8.81 -24.46 -38.46
CA PRO A 203 8.63 -23.11 -39.00
C PRO A 203 7.25 -22.50 -38.93
N GLY A 204 6.45 -22.86 -37.94
CA GLY A 204 5.10 -22.38 -37.92
C GLY A 204 4.61 -22.32 -36.51
N VAL A 205 3.32 -22.14 -36.36
CA VAL A 205 2.70 -22.03 -35.05
C VAL A 205 1.72 -23.18 -34.92
N ARG A 206 1.72 -23.85 -33.78
CA ARG A 206 0.75 -24.90 -33.53
C ARG A 206 -0.07 -24.51 -32.30
N CYS A 207 -1.38 -24.54 -32.45
CA CYS A 207 -2.29 -24.13 -31.40
C CYS A 207 -3.19 -25.28 -31.02
N VAL A 208 -3.35 -25.50 -29.72
CA VAL A 208 -4.30 -26.47 -29.20
C VAL A 208 -5.41 -25.69 -28.50
N CYS A 209 -6.63 -25.85 -28.98
CA CYS A 209 -7.76 -24.99 -28.66
C CYS A 209 -8.75 -25.78 -27.80
N ARG A 210 -9.91 -25.19 -27.53
CA ARG A 210 -11.00 -25.91 -26.88
C ARG A 210 -12.18 -26.02 -27.83
N ASP A 211 -12.87 -27.15 -27.77
CA ASP A 211 -14.09 -27.36 -28.52
C ASP A 211 -15.25 -27.20 -27.56
N ASN A 212 -15.95 -26.09 -27.67
CA ASN A 212 -16.98 -25.75 -26.71
C ASN A 212 -18.36 -26.17 -27.22
N TRP A 213 -18.41 -26.89 -28.35
CA TRP A 213 -19.67 -27.24 -28.98
C TRP A 213 -19.93 -28.74 -29.00
N LYS A 214 -19.03 -29.56 -29.57
CA LYS A 214 -19.38 -30.96 -29.77
C LYS A 214 -18.27 -31.95 -29.47
N GLY A 215 -17.19 -31.56 -28.83
CA GLY A 215 -16.08 -32.47 -28.60
C GLY A 215 -15.43 -32.23 -27.26
N SER A 216 -14.91 -33.31 -26.70
CA SER A 216 -14.08 -33.25 -25.51
C SER A 216 -12.61 -33.48 -25.81
N ASN A 217 -12.26 -33.69 -27.08
CA ASN A 217 -10.87 -33.66 -27.52
C ASN A 217 -10.49 -32.25 -27.94
N ARG A 218 -9.20 -32.01 -28.04
CA ARG A 218 -8.93 -30.62 -28.33
C ARG A 218 -8.64 -30.43 -29.81
N PRO A 219 -9.08 -29.31 -30.40
CA PRO A 219 -8.70 -29.02 -31.78
C PRO A 219 -7.24 -28.63 -31.88
N ILE A 220 -6.71 -28.76 -33.10
CA ILE A 220 -5.35 -28.38 -33.43
C ILE A 220 -5.39 -27.49 -34.66
N VAL A 221 -4.74 -26.33 -34.58
CA VAL A 221 -4.63 -25.40 -35.68
C VAL A 221 -3.16 -25.24 -36.00
N ASP A 222 -2.76 -25.63 -37.20
CA ASP A 222 -1.40 -25.50 -37.67
C ASP A 222 -1.34 -24.33 -38.63
N ILE A 223 -0.66 -23.26 -38.23
CA ILE A 223 -0.54 -22.05 -39.01
C ILE A 223 0.85 -22.03 -39.62
N ASN A 224 0.89 -21.91 -40.94
CA ASN A 224 2.15 -21.69 -41.65
C ASN A 224 2.42 -20.20 -41.65
N ILE A 225 3.37 -19.77 -40.81
CA ILE A 225 3.62 -18.35 -40.59
C ILE A 225 4.01 -17.64 -41.86
N LYS A 226 4.36 -18.38 -42.91
CA LYS A 226 4.95 -17.87 -44.13
C LYS A 226 3.97 -17.85 -45.30
N ASP A 227 3.38 -19.00 -45.62
CA ASP A 227 2.39 -19.10 -46.68
C ASP A 227 0.99 -18.71 -46.20
N HIS A 228 0.82 -18.50 -44.90
CA HIS A 228 -0.46 -18.12 -44.32
C HIS A 228 -1.52 -19.17 -44.62
N SER A 229 -1.12 -20.44 -44.61
CA SER A 229 -2.00 -21.56 -44.87
C SER A 229 -2.34 -22.25 -43.56
N ILE A 230 -3.62 -22.51 -43.34
CA ILE A 230 -4.13 -23.03 -42.07
C ILE A 230 -4.57 -24.47 -42.27
N VAL A 231 -4.22 -25.32 -41.32
CA VAL A 231 -4.67 -26.71 -41.29
C VAL A 231 -5.32 -26.96 -39.95
N SER A 232 -6.38 -27.75 -39.92
CA SER A 232 -7.09 -28.03 -38.68
C SER A 232 -7.32 -29.52 -38.52
N SER A 233 -7.25 -29.98 -37.28
CA SER A 233 -7.51 -31.39 -36.95
C SER A 233 -7.86 -31.44 -35.47
N TYR A 234 -7.81 -32.64 -34.88
CA TYR A 234 -8.07 -32.80 -33.46
C TYR A 234 -6.92 -33.56 -32.81
N VAL A 235 -6.73 -33.33 -31.51
CA VAL A 235 -5.71 -34.07 -30.77
C VAL A 235 -6.09 -35.54 -30.78
N CYS A 236 -5.16 -36.38 -31.22
CA CYS A 236 -5.51 -37.73 -31.59
C CYS A 236 -5.53 -38.70 -30.42
N SER A 237 -5.03 -38.30 -29.25
CA SER A 237 -4.88 -39.23 -28.14
C SER A 237 -6.22 -39.70 -27.60
N GLY A 238 -6.25 -40.96 -27.15
CA GLY A 238 -7.48 -41.51 -26.60
C GLY A 238 -7.84 -40.95 -25.25
N LEU A 239 -6.88 -40.38 -24.54
CA LEU A 239 -7.14 -39.70 -23.27
C LEU A 239 -7.37 -38.23 -23.56
N VAL A 240 -8.63 -37.83 -23.63
CA VAL A 240 -8.94 -36.48 -24.06
C VAL A 240 -8.76 -35.51 -22.90
N GLY A 241 -8.53 -34.23 -23.22
CA GLY A 241 -8.20 -33.27 -22.17
C GLY A 241 -9.23 -32.23 -21.82
N ASP A 242 -10.39 -32.18 -22.45
CA ASP A 242 -11.31 -31.09 -22.14
C ASP A 242 -12.10 -31.50 -20.93
N THR A 243 -12.74 -30.58 -20.21
CA THR A 243 -13.64 -30.91 -19.07
C THR A 243 -14.90 -30.11 -19.29
N PRO A 244 -16.13 -30.64 -19.41
CA PRO A 244 -16.45 -32.01 -19.11
C PRO A 244 -15.95 -33.06 -20.11
N ARG A 245 -15.57 -34.25 -19.64
CA ARG A 245 -15.12 -35.35 -20.52
C ARG A 245 -15.61 -36.65 -19.91
N LYS A 246 -15.57 -37.75 -20.68
CA LYS A 246 -15.98 -39.07 -20.15
C LYS A 246 -14.80 -39.69 -19.37
N ASN A 247 -15.06 -40.75 -18.60
CA ASN A 247 -13.99 -41.39 -17.79
C ASN A 247 -12.95 -42.03 -18.73
N ASP A 248 -11.72 -42.20 -18.25
CA ASP A 248 -10.64 -42.78 -19.11
C ASP A 248 -11.07 -44.14 -19.67
N SER A 249 -11.83 -44.93 -18.91
CA SER A 249 -12.20 -46.29 -19.37
C SER A 249 -12.97 -46.15 -20.65
N SER A 250 -13.81 -45.13 -20.74
CA SER A 250 -14.65 -45.00 -21.94
C SER A 250 -14.58 -43.61 -22.51
N SER A 251 -13.45 -43.24 -23.10
CA SER A 251 -13.33 -41.94 -23.77
C SER A 251 -12.81 -42.30 -25.14
N SER A 252 -12.98 -41.43 -26.10
CA SER A 252 -12.56 -41.72 -27.46
C SER A 252 -12.10 -40.45 -28.13
N SER A 253 -11.46 -40.56 -29.26
CA SER A 253 -11.04 -39.38 -30.04
C SER A 253 -11.19 -39.72 -31.51
N HIS A 254 -11.01 -38.76 -32.41
CA HIS A 254 -11.23 -39.16 -33.81
C HIS A 254 -10.02 -38.78 -34.63
N CYS A 255 -9.20 -37.88 -34.13
CA CYS A 255 -7.97 -37.49 -34.82
C CYS A 255 -8.31 -36.64 -36.05
N LEU A 256 -9.58 -36.56 -36.40
CA LEU A 256 -10.08 -35.65 -37.42
C LEU A 256 -11.31 -34.87 -36.98
N ASP A 257 -12.22 -35.48 -36.24
CA ASP A 257 -13.55 -34.95 -35.97
C ASP A 257 -13.81 -34.91 -34.48
N PRO A 258 -14.79 -34.12 -34.04
CA PRO A 258 -15.20 -34.19 -32.63
C PRO A 258 -15.70 -35.58 -32.31
N ASN A 259 -15.47 -35.98 -31.04
CA ASN A 259 -15.80 -37.32 -30.54
C ASN A 259 -17.26 -37.39 -30.17
N ASN A 260 -17.91 -36.25 -30.03
CA ASN A 260 -19.35 -36.22 -29.66
C ASN A 260 -19.53 -36.86 -28.30
N GLU A 261 -18.58 -36.64 -27.40
CA GLU A 261 -18.72 -37.17 -26.03
C GLU A 261 -18.57 -36.06 -25.01
N GLU A 262 -19.62 -35.81 -24.23
CA GLU A 262 -19.56 -34.79 -23.15
C GLU A 262 -18.88 -33.55 -23.71
N GLY A 263 -19.36 -33.04 -24.82
CA GLY A 263 -18.67 -31.92 -25.48
C GLY A 263 -19.40 -30.64 -25.30
N GLY A 264 -20.32 -30.58 -24.36
CA GLY A 264 -21.12 -29.37 -24.26
C GLY A 264 -20.33 -28.14 -23.91
N HIS A 265 -19.48 -28.20 -22.93
CA HIS A 265 -18.79 -26.95 -22.56
C HIS A 265 -17.32 -27.27 -22.65
N GLY A 266 -16.51 -26.68 -21.79
CA GLY A 266 -15.09 -27.03 -21.81
C GLY A 266 -14.24 -26.20 -20.92
N VAL A 267 -12.93 -26.31 -21.01
CA VAL A 267 -12.00 -25.44 -20.30
C VAL A 267 -10.78 -25.22 -21.18
N LYS A 268 -10.21 -24.03 -21.10
CA LYS A 268 -9.00 -23.74 -21.84
C LYS A 268 -7.84 -24.56 -21.30
N GLY A 269 -7.11 -25.21 -22.21
CA GLY A 269 -6.02 -26.06 -21.81
C GLY A 269 -4.94 -26.09 -22.85
N TRP A 270 -3.99 -27.01 -22.73
CA TRP A 270 -2.86 -27.05 -23.63
C TRP A 270 -2.48 -28.49 -23.92
N ALA A 271 -1.60 -28.66 -24.89
CA ALA A 271 -0.96 -29.91 -25.28
C ALA A 271 0.08 -29.59 -26.32
N PHE A 272 1.14 -30.38 -26.35
CA PHE A 272 2.12 -30.29 -27.42
C PHE A 272 2.66 -31.68 -27.69
N ASP A 273 3.54 -31.79 -28.67
CA ASP A 273 3.96 -33.09 -29.17
C ASP A 273 5.46 -33.27 -29.00
N ASP A 274 5.84 -34.47 -28.61
CA ASP A 274 7.23 -34.91 -28.53
C ASP A 274 7.33 -36.13 -29.44
N GLY A 275 7.78 -35.91 -30.67
CA GLY A 275 7.76 -36.98 -31.65
C GLY A 275 6.35 -37.43 -31.96
N ASN A 276 6.05 -38.70 -31.68
CA ASN A 276 4.68 -39.19 -31.77
C ASN A 276 3.91 -39.08 -30.47
N ASP A 277 4.60 -38.95 -29.34
CA ASP A 277 3.91 -38.85 -28.07
C ASP A 277 3.37 -37.45 -27.87
N VAL A 278 2.38 -37.32 -26.99
CA VAL A 278 1.78 -36.03 -26.69
C VAL A 278 1.95 -35.74 -25.22
N TRP A 279 2.49 -34.56 -24.91
CA TRP A 279 2.52 -34.05 -23.55
C TRP A 279 1.29 -33.19 -23.35
N MET A 280 0.52 -33.50 -22.31
CA MET A 280 -0.76 -32.82 -22.12
C MET A 280 -1.02 -32.62 -20.64
N GLY A 281 -1.94 -31.72 -20.36
CA GLY A 281 -2.36 -31.44 -19.00
C GLY A 281 -3.86 -31.22 -18.95
N ARG A 282 -4.49 -31.64 -17.86
CA ARG A 282 -5.94 -31.54 -17.73
C ARG A 282 -6.29 -31.54 -16.25
N THR A 283 -7.56 -31.29 -15.97
CA THR A 283 -8.02 -31.34 -14.58
C THR A 283 -8.15 -32.79 -14.13
N ILE A 284 -7.97 -33.03 -12.83
CA ILE A 284 -8.04 -34.43 -12.31
C ILE A 284 -9.51 -34.85 -12.30
N ASN A 285 -10.41 -34.00 -11.81
CA ASN A 285 -11.87 -34.30 -11.84
C ASN A 285 -12.32 -34.21 -13.29
N GLU A 286 -13.16 -35.16 -13.73
CA GLU A 286 -13.55 -35.20 -15.17
C GLU A 286 -14.72 -34.26 -15.43
N THR A 287 -15.36 -33.72 -14.37
CA THR A 287 -16.54 -32.90 -14.61
C THR A 287 -16.40 -31.48 -14.09
N SER A 288 -15.78 -31.29 -12.93
CA SER A 288 -15.51 -29.97 -12.38
C SER A 288 -14.05 -29.62 -12.57
N ARG A 289 -13.75 -28.34 -12.46
CA ARG A 289 -12.37 -27.87 -12.56
C ARG A 289 -11.70 -28.01 -11.19
N LEU A 290 -11.45 -29.27 -10.82
CA LEU A 290 -10.83 -29.61 -9.55
C LEU A 290 -9.56 -30.41 -9.83
N GLY A 291 -8.44 -29.93 -9.33
CA GLY A 291 -7.17 -30.60 -9.53
C GLY A 291 -6.56 -30.28 -10.87
N TYR A 292 -5.31 -30.73 -11.04
CA TYR A 292 -4.64 -30.57 -12.32
C TYR A 292 -3.46 -31.51 -12.38
N GLU A 293 -3.42 -32.32 -13.43
CA GLU A 293 -2.37 -33.30 -13.68
C GLU A 293 -1.86 -33.16 -15.09
N THR A 294 -0.55 -33.36 -15.28
CA THR A 294 0.04 -33.44 -16.59
C THR A 294 0.69 -34.80 -16.78
N PHE A 295 0.70 -35.27 -18.02
CA PHE A 295 1.29 -36.57 -18.31
C PHE A 295 1.64 -36.63 -19.80
N LYS A 296 2.11 -37.81 -20.21
CA LYS A 296 2.54 -38.05 -21.58
C LYS A 296 1.82 -39.29 -22.09
N VAL A 297 1.15 -39.16 -23.22
CA VAL A 297 0.46 -40.27 -23.86
C VAL A 297 1.35 -40.77 -25.00
N ILE A 298 1.65 -42.05 -24.98
CA ILE A 298 2.59 -42.63 -25.95
C ILE A 298 1.87 -42.88 -27.26
N GLU A 299 2.44 -42.36 -28.34
CA GLU A 299 1.80 -42.37 -29.66
C GLU A 299 0.43 -41.71 -29.60
N GLY A 300 0.33 -40.63 -28.85
CA GLY A 300 -0.93 -39.96 -28.66
C GLY A 300 -1.17 -38.85 -29.65
N TRP A 301 -0.15 -38.40 -30.33
CA TRP A 301 -0.33 -37.38 -31.36
C TRP A 301 -0.58 -38.11 -32.66
N SER A 302 -0.39 -39.42 -32.67
CA SER A 302 -0.42 -40.11 -33.96
C SER A 302 -1.51 -41.15 -34.01
N ASN A 303 -2.06 -41.53 -32.89
CA ASN A 303 -3.00 -42.65 -32.95
C ASN A 303 -4.14 -42.38 -32.02
N PRO A 304 -5.40 -42.41 -32.48
CA PRO A 304 -6.52 -42.35 -31.56
C PRO A 304 -6.39 -43.78 -31.03
N LYS A 305 -7.09 -44.15 -29.98
CA LYS A 305 -6.94 -45.58 -29.59
C LYS A 305 -5.63 -45.81 -28.83
N SER A 306 -5.01 -44.78 -28.31
CA SER A 306 -3.86 -44.95 -27.42
C SER A 306 -4.26 -44.35 -26.09
N LYS A 307 -4.15 -45.13 -25.04
CA LYS A 307 -4.47 -44.62 -23.70
C LYS A 307 -3.29 -44.92 -22.79
N LEU A 308 -2.05 -44.84 -23.25
CA LEU A 308 -0.92 -45.25 -22.40
C LEU A 308 -0.23 -44.02 -21.85
N GLN A 309 -0.39 -43.75 -20.56
CA GLN A 309 0.29 -42.61 -19.95
C GLN A 309 1.70 -42.99 -19.52
N THR A 310 2.44 -41.97 -19.08
CA THR A 310 3.79 -42.08 -18.57
C THR A 310 4.19 -40.71 -18.08
N ASN A 311 5.02 -40.67 -17.05
CA ASN A 311 5.54 -39.42 -16.50
C ASN A 311 4.41 -38.52 -16.00
N ARG A 312 3.47 -39.11 -15.29
CA ARG A 312 2.35 -38.35 -14.72
C ARG A 312 2.80 -37.50 -13.54
N GLN A 313 2.26 -36.30 -13.45
CA GLN A 313 2.53 -35.39 -12.36
C GLN A 313 1.23 -34.83 -11.85
N VAL A 314 1.17 -34.55 -10.56
CA VAL A 314 0.00 -33.92 -9.96
C VAL A 314 0.39 -32.51 -9.53
N ILE A 315 0.13 -31.54 -10.40
CA ILE A 315 0.44 -30.15 -10.10
C ILE A 315 -0.48 -29.57 -9.05
N VAL A 316 -1.79 -29.80 -9.08
CA VAL A 316 -2.76 -29.35 -8.02
C VAL A 316 -3.52 -30.59 -7.59
N ASP A 317 -3.92 -30.74 -6.34
CA ASP A 317 -4.56 -31.99 -5.81
C ASP A 317 -5.98 -32.17 -6.27
N ARG A 318 -6.56 -33.35 -6.12
CA ARG A 318 -7.89 -33.71 -6.65
C ARG A 318 -8.95 -32.83 -6.05
N GLY A 319 -8.79 -32.44 -4.80
CA GLY A 319 -9.83 -31.66 -4.13
C GLY A 319 -9.61 -30.17 -4.14
N ASP A 320 -8.53 -29.72 -4.76
CA ASP A 320 -8.22 -28.28 -4.84
C ASP A 320 -8.63 -27.71 -6.18
N ARG A 321 -9.14 -26.51 -6.22
CA ARG A 321 -9.69 -25.84 -7.42
C ARG A 321 -8.62 -25.40 -8.40
N SER A 322 -8.85 -25.61 -9.70
CA SER A 322 -7.96 -25.19 -10.79
C SER A 322 -8.79 -24.33 -11.76
N GLY A 323 -8.40 -24.15 -13.02
CA GLY A 323 -9.16 -23.45 -14.02
C GLY A 323 -8.49 -23.45 -15.38
N TYR A 324 -8.46 -22.29 -16.03
CA TYR A 324 -7.76 -22.14 -17.29
C TYR A 324 -6.28 -22.50 -17.12
N SER A 325 -5.73 -23.20 -18.10
CA SER A 325 -4.29 -23.43 -18.14
C SER A 325 -3.80 -23.20 -19.57
N GLY A 326 -2.51 -22.92 -19.69
CA GLY A 326 -1.99 -22.60 -21.01
C GLY A 326 -0.51 -22.80 -21.09
N ILE A 327 0.00 -22.69 -22.31
CA ILE A 327 1.40 -22.98 -22.60
C ILE A 327 2.10 -21.68 -23.01
N PHE A 328 3.40 -21.62 -22.75
CA PHE A 328 4.25 -20.58 -23.29
C PHE A 328 5.65 -21.13 -23.44
N SER A 329 6.34 -20.70 -24.48
CA SER A 329 7.66 -21.23 -24.81
C SER A 329 8.75 -20.23 -24.45
N VAL A 330 9.87 -20.75 -23.96
CA VAL A 330 10.99 -19.95 -23.50
C VAL A 330 12.23 -20.37 -24.28
N GLU A 331 12.90 -19.40 -24.88
CA GLU A 331 14.09 -19.70 -25.68
C GLU A 331 15.26 -19.98 -24.74
N GLY A 332 15.79 -21.20 -24.82
CA GLY A 332 16.94 -21.58 -24.03
C GLY A 332 18.24 -21.33 -24.76
N LYS A 333 19.30 -21.90 -24.21
CA LYS A 333 20.62 -21.70 -24.80
C LYS A 333 20.77 -22.52 -26.07
N SER A 334 20.25 -23.75 -26.09
CA SER A 334 20.40 -24.63 -27.24
C SER A 334 19.09 -25.21 -27.74
N CYS A 335 17.96 -24.89 -27.11
CA CYS A 335 16.68 -25.44 -27.52
C CYS A 335 15.57 -24.57 -26.96
N ILE A 336 14.33 -24.92 -27.33
CA ILE A 336 13.14 -24.18 -26.93
C ILE A 336 12.40 -24.99 -25.88
N ASN A 337 12.18 -24.40 -24.72
CA ASN A 337 11.53 -25.06 -23.60
C ASN A 337 10.06 -24.71 -23.57
N ARG A 338 9.25 -25.64 -23.08
CA ARG A 338 7.81 -25.44 -22.95
C ARG A 338 7.46 -25.34 -21.47
N CYS A 339 6.70 -24.31 -21.12
CA CYS A 339 6.20 -24.14 -19.77
C CYS A 339 4.70 -24.01 -19.84
N PHE A 340 4.04 -24.25 -18.73
CA PHE A 340 2.61 -24.03 -18.63
C PHE A 340 2.27 -23.32 -17.34
N TYR A 341 1.10 -22.69 -17.35
CA TYR A 341 0.53 -22.04 -16.19
C TYR A 341 -0.85 -22.60 -15.94
N VAL A 342 -1.22 -22.67 -14.67
CA VAL A 342 -2.55 -23.10 -14.24
C VAL A 342 -3.17 -21.96 -13.46
N GLU A 343 -4.43 -21.66 -13.75
CA GLU A 343 -5.18 -20.65 -13.04
C GLU A 343 -6.04 -21.32 -11.97
N LEU A 344 -5.87 -20.90 -10.73
CA LEU A 344 -6.55 -21.48 -9.58
C LEU A 344 -7.66 -20.52 -9.18
N ILE A 345 -8.89 -20.84 -9.55
CA ILE A 345 -10.03 -19.96 -9.37
C ILE A 345 -10.61 -20.17 -7.98
N ARG A 346 -10.97 -19.07 -7.32
CA ARG A 346 -11.55 -19.12 -5.98
C ARG A 346 -12.67 -18.10 -5.89
N GLY A 347 -13.83 -18.53 -5.40
CA GLY A 347 -14.86 -17.57 -5.09
C GLY A 347 -16.21 -18.00 -5.60
N ARG A 348 -17.06 -17.01 -5.84
CA ARG A 348 -18.48 -17.21 -6.07
C ARG A 348 -18.72 -18.08 -7.30
N LYS A 349 -19.92 -18.68 -7.34
CA LYS A 349 -20.47 -19.64 -8.28
C LYS A 349 -19.93 -21.04 -8.01
N GLU A 350 -18.93 -21.21 -7.17
CA GLU A 350 -18.52 -22.54 -6.71
C GLU A 350 -18.25 -22.60 -5.22
N GLU A 351 -17.99 -21.47 -4.57
CA GLU A 351 -17.80 -21.39 -3.13
C GLU A 351 -18.63 -20.19 -2.68
N THR A 352 -19.77 -20.44 -2.08
CA THR A 352 -20.75 -19.41 -1.79
C THR A 352 -20.54 -18.76 -0.44
N GLU A 353 -19.34 -18.83 0.13
CA GLU A 353 -19.04 -18.11 1.35
C GLU A 353 -18.36 -16.77 1.10
N VAL A 354 -18.19 -16.38 -0.16
CA VAL A 354 -17.69 -15.07 -0.52
C VAL A 354 -18.52 -14.54 -1.69
N LEU A 355 -18.47 -13.23 -1.88
CA LEU A 355 -19.23 -12.57 -2.93
C LEU A 355 -18.41 -12.29 -4.18
N TRP A 356 -17.12 -12.61 -4.17
CA TRP A 356 -16.22 -12.27 -5.26
C TRP A 356 -15.72 -13.51 -5.96
N THR A 357 -15.12 -13.30 -7.13
CA THR A 357 -14.42 -14.34 -7.87
C THR A 357 -13.05 -13.83 -8.26
N SER A 358 -12.00 -14.55 -7.92
CA SER A 358 -10.66 -14.15 -8.37
C SER A 358 -9.86 -15.41 -8.64
N ASN A 359 -8.59 -15.28 -9.00
CA ASN A 359 -7.73 -16.42 -9.38
C ASN A 359 -6.34 -16.20 -8.84
N SER A 360 -5.55 -17.25 -8.72
CA SER A 360 -4.11 -17.15 -8.43
C SER A 360 -3.48 -17.87 -9.64
N ILE A 361 -2.19 -17.98 -9.76
CA ILE A 361 -1.54 -18.68 -10.86
C ILE A 361 -0.42 -19.54 -10.30
N VAL A 362 -0.16 -20.68 -10.93
CA VAL A 362 1.00 -21.51 -10.61
C VAL A 362 1.66 -21.92 -11.92
N VAL A 363 2.98 -21.75 -12.00
CA VAL A 363 3.71 -21.86 -13.25
C VAL A 363 4.76 -22.95 -13.13
N PHE A 364 4.80 -23.85 -14.11
CA PHE A 364 5.76 -24.93 -14.21
C PHE A 364 6.46 -24.86 -15.57
N CYS A 365 7.70 -25.35 -15.62
CA CYS A 365 8.46 -25.42 -16.87
C CYS A 365 9.05 -26.80 -17.06
N GLY A 366 9.22 -27.18 -18.33
CA GLY A 366 9.76 -28.49 -18.64
C GLY A 366 11.22 -28.61 -18.25
N THR A 367 11.62 -29.84 -17.94
CA THR A 367 12.97 -30.10 -17.48
C THR A 367 13.51 -31.38 -18.09
N SER A 368 14.81 -31.39 -18.35
CA SER A 368 15.50 -32.60 -18.79
C SER A 368 16.12 -33.37 -17.64
N GLY A 369 16.05 -32.83 -16.44
CA GLY A 369 16.53 -33.50 -15.24
C GLY A 369 15.44 -34.29 -14.57
N THR A 370 15.60 -34.53 -13.28
CA THR A 370 14.66 -35.29 -12.50
C THR A 370 13.82 -34.35 -11.64
N TYR A 371 12.75 -34.90 -11.07
CA TYR A 371 11.83 -34.11 -10.28
C TYR A 371 11.13 -35.01 -9.29
N GLY A 372 10.50 -34.41 -8.30
CA GLY A 372 9.79 -35.17 -7.29
C GLY A 372 8.29 -35.04 -7.38
N THR A 373 7.60 -35.16 -6.26
CA THR A 373 6.16 -35.00 -6.20
C THR A 373 5.83 -33.80 -5.32
N GLY A 374 4.57 -33.39 -5.38
CA GLY A 374 4.12 -32.27 -4.59
C GLY A 374 2.70 -31.91 -4.97
N SER A 375 2.24 -30.80 -4.39
CA SER A 375 0.95 -30.23 -4.75
C SER A 375 0.97 -28.78 -4.29
N TRP A 376 0.59 -27.86 -5.18
CA TRP A 376 0.69 -26.43 -4.93
C TRP A 376 -0.66 -25.78 -5.16
N PRO A 377 -1.57 -25.89 -4.20
CA PRO A 377 -2.91 -25.33 -4.36
C PRO A 377 -2.85 -23.82 -4.21
N ASP A 378 -4.02 -23.18 -4.26
CA ASP A 378 -4.08 -21.77 -3.92
C ASP A 378 -3.83 -21.55 -2.43
N GLY A 379 -4.57 -22.22 -1.55
CA GLY A 379 -4.22 -22.11 -0.14
C GLY A 379 -4.99 -21.10 0.64
N ALA A 380 -5.84 -20.34 -0.02
CA ALA A 380 -6.58 -19.28 0.65
C ALA A 380 -7.63 -19.93 1.49
N ASP A 381 -7.94 -19.41 2.66
CA ASP A 381 -9.07 -19.96 3.45
C ASP A 381 -10.19 -18.95 3.37
N LEU A 382 -11.27 -19.26 2.65
CA LEU A 382 -12.34 -18.30 2.38
C LEU A 382 -13.31 -18.23 3.55
N ASN A 383 -13.26 -19.18 4.49
CA ASN A 383 -14.10 -19.07 5.66
C ASN A 383 -13.70 -17.91 6.56
N LEU A 384 -12.46 -17.46 6.48
CA LEU A 384 -11.96 -16.38 7.31
C LEU A 384 -11.77 -15.08 6.56
N MET A 385 -11.63 -15.12 5.23
CA MET A 385 -11.43 -13.92 4.47
C MET A 385 -12.69 -13.06 4.47
N PRO A 386 -12.53 -11.76 4.26
CA PRO A 386 -13.71 -10.88 4.14
C PRO A 386 -14.58 -11.30 2.96
N ILE A 387 -15.89 -11.18 3.14
CA ILE A 387 -16.85 -11.57 2.12
C ILE A 387 -16.75 -10.66 0.91
N GLU B 1 33.37 -10.09 -17.64
CA GLU B 1 31.97 -10.13 -17.23
C GLU B 1 31.79 -11.13 -16.08
N TYR B 2 32.32 -12.34 -16.23
CA TYR B 2 32.31 -13.28 -15.13
C TYR B 2 33.04 -12.72 -13.93
N ARG B 3 32.73 -13.30 -12.77
CA ARG B 3 33.29 -12.89 -11.50
C ARG B 3 34.21 -14.00 -11.01
N ASN B 4 35.44 -13.64 -10.68
CA ASN B 4 36.45 -14.62 -10.29
C ASN B 4 37.03 -14.41 -8.90
N TRP B 5 36.68 -13.33 -8.21
CA TRP B 5 37.04 -13.15 -6.79
C TRP B 5 38.54 -13.24 -6.56
N SER B 6 39.33 -12.68 -7.48
CA SER B 6 40.76 -12.92 -7.46
C SER B 6 41.51 -12.07 -6.46
N LYS B 7 40.92 -10.99 -5.97
CA LYS B 7 41.63 -10.05 -5.12
C LYS B 7 41.87 -10.64 -3.73
N PRO B 8 42.81 -10.09 -2.97
CA PRO B 8 43.05 -10.60 -1.60
C PRO B 8 41.88 -10.31 -0.68
N GLN B 9 41.99 -10.71 0.58
CA GLN B 9 40.97 -10.40 1.57
C GLN B 9 41.30 -9.10 2.27
N CYS B 10 40.28 -8.28 2.47
CA CYS B 10 40.47 -6.98 3.08
C CYS B 10 40.93 -7.13 4.52
N GLY B 11 41.71 -6.17 4.99
CA GLY B 11 42.12 -6.17 6.38
C GLY B 11 40.95 -5.87 7.28
N ILE B 12 40.63 -6.76 8.20
CA ILE B 12 39.43 -6.64 9.03
C ILE B 12 39.86 -6.52 10.48
N THR B 13 39.46 -5.41 11.11
CA THR B 13 39.63 -5.21 12.55
C THR B 13 38.31 -5.25 13.28
N GLY B 14 37.22 -5.48 12.58
CA GLY B 14 35.91 -5.42 13.17
C GLY B 14 34.88 -5.15 12.09
N PHE B 15 33.64 -4.97 12.52
CA PHE B 15 32.52 -4.83 11.61
C PHE B 15 31.74 -3.56 11.95
N ALA B 16 31.27 -2.88 10.92
CA ALA B 16 30.54 -1.64 11.08
C ALA B 16 29.11 -1.79 10.60
N PRO B 17 28.17 -1.03 11.17
CA PRO B 17 26.76 -1.19 10.79
C PRO B 17 26.55 -0.89 9.31
N PHE B 18 25.73 -1.69 8.67
CA PHE B 18 25.50 -1.47 7.25
C PHE B 18 24.04 -1.34 6.89
N SER B 19 23.15 -2.13 7.48
CA SER B 19 21.75 -2.04 7.08
C SER B 19 20.85 -2.62 8.15
N LYS B 20 19.58 -2.21 8.09
CA LYS B 20 18.52 -2.64 8.99
C LYS B 20 17.21 -2.45 8.25
N ASP B 21 16.30 -3.42 8.38
CA ASP B 21 15.06 -3.37 7.62
C ASP B 21 13.83 -2.99 8.42
N ASN B 22 13.84 -3.17 9.74
CA ASN B 22 12.71 -2.77 10.58
C ASN B 22 11.40 -3.40 10.11
N SER B 23 11.45 -4.68 9.72
CA SER B 23 10.29 -5.31 9.12
C SER B 23 9.13 -5.43 10.10
N ILE B 24 9.40 -5.90 11.31
CA ILE B 24 8.31 -6.13 12.26
C ILE B 24 7.71 -4.82 12.72
N ARG B 25 8.53 -3.79 12.91
CA ARG B 25 8.01 -2.50 13.33
C ARG B 25 7.10 -1.90 12.27
N LEU B 26 7.46 -2.04 11.00
CA LEU B 26 6.60 -1.55 9.93
C LEU B 26 5.39 -2.43 9.72
N SER B 27 5.46 -3.71 10.10
CA SER B 27 4.33 -4.61 9.90
C SER B 27 3.13 -4.24 10.76
N ALA B 28 3.33 -3.49 11.84
CA ALA B 28 2.20 -3.10 12.68
C ALA B 28 1.25 -2.18 11.91
N GLY B 29 1.79 -1.27 11.13
CA GLY B 29 0.97 -0.50 10.21
C GLY B 29 1.53 -0.60 8.81
N GLY B 30 0.80 -1.26 7.92
CA GLY B 30 1.28 -1.55 6.59
C GLY B 30 1.29 -3.04 6.31
N ASP B 31 1.40 -3.35 5.02
CA ASP B 31 1.34 -4.72 4.54
C ASP B 31 2.76 -5.20 4.25
N ILE B 32 3.27 -6.08 5.10
CA ILE B 32 4.64 -6.58 5.00
C ILE B 32 4.59 -8.09 5.02
N TRP B 33 5.40 -8.71 4.16
CA TRP B 33 5.43 -10.17 4.05
C TRP B 33 5.87 -10.80 5.37
N VAL B 34 5.29 -11.96 5.67
CA VAL B 34 5.78 -12.81 6.76
C VAL B 34 6.89 -13.67 6.19
N THR B 35 8.10 -13.53 6.72
CA THR B 35 9.26 -14.20 6.18
C THR B 35 10.01 -14.93 7.30
N ARG B 36 11.02 -15.68 6.88
CA ARG B 36 12.04 -16.24 7.76
C ARG B 36 13.13 -16.81 6.86
N GLU B 37 14.26 -17.15 7.48
CA GLU B 37 15.45 -17.64 6.79
C GLU B 37 15.91 -16.66 5.72
N PRO B 38 16.40 -15.49 6.08
CA PRO B 38 16.83 -14.51 5.09
C PRO B 38 18.32 -14.66 4.79
N TYR B 39 18.77 -13.90 3.80
CA TYR B 39 20.19 -13.76 3.53
C TYR B 39 20.40 -12.55 2.63
N VAL B 40 21.66 -12.28 2.30
CA VAL B 40 22.05 -11.15 1.48
C VAL B 40 23.03 -11.61 0.43
N SER B 41 22.92 -11.06 -0.78
CA SER B 41 23.85 -11.35 -1.86
C SER B 41 23.94 -10.12 -2.75
N CYS B 42 25.10 -9.90 -3.36
CA CYS B 42 25.32 -8.67 -4.13
C CYS B 42 25.75 -8.99 -5.55
N ASP B 43 25.11 -8.35 -6.52
CA ASP B 43 25.65 -8.30 -7.87
C ASP B 43 26.71 -7.21 -7.92
N PRO B 44 27.51 -7.14 -8.99
CA PRO B 44 28.64 -6.21 -8.98
C PRO B 44 28.29 -4.74 -8.75
N ASP B 45 27.01 -4.41 -8.66
CA ASP B 45 26.58 -3.02 -8.47
C ASP B 45 26.09 -2.76 -7.05
N LYS B 46 25.09 -3.50 -6.58
CA LYS B 46 24.50 -3.26 -5.27
C LYS B 46 24.17 -4.59 -4.63
N CYS B 47 23.53 -4.53 -3.47
CA CYS B 47 23.24 -5.72 -2.68
C CYS B 47 21.74 -5.91 -2.54
N TYR B 48 21.34 -7.17 -2.44
CA TYR B 48 19.96 -7.59 -2.39
C TYR B 48 19.75 -8.45 -1.17
N GLN B 49 18.54 -8.38 -0.61
CA GLN B 49 18.13 -9.24 0.49
C GLN B 49 17.10 -10.23 -0.01
N PHE B 50 17.22 -11.47 0.45
CA PHE B 50 16.35 -12.57 0.09
C PHE B 50 15.73 -13.13 1.37
N ALA B 51 14.55 -13.71 1.22
CA ALA B 51 13.89 -14.36 2.34
C ALA B 51 12.94 -15.43 1.82
N LEU B 52 12.51 -16.30 2.71
CA LEU B 52 11.51 -17.31 2.40
C LEU B 52 10.20 -16.88 3.02
N GLY B 53 9.30 -16.37 2.19
CA GLY B 53 8.03 -15.89 2.69
C GLY B 53 6.98 -16.98 2.75
N GLN B 54 6.13 -16.88 3.77
CA GLN B 54 5.10 -17.87 4.03
C GLN B 54 3.84 -17.66 3.21
N GLY B 55 3.92 -16.88 2.14
CA GLY B 55 2.76 -16.67 1.30
C GLY B 55 1.67 -15.82 1.92
N THR B 56 2.03 -14.94 2.84
CA THR B 56 1.04 -14.07 3.47
C THR B 56 1.74 -12.89 4.10
N THR B 57 0.96 -11.86 4.39
CA THR B 57 1.45 -10.71 5.13
C THR B 57 1.21 -10.93 6.62
N LEU B 58 1.62 -9.97 7.44
CA LEU B 58 1.54 -10.18 8.89
C LEU B 58 0.19 -9.80 9.46
N ASN B 59 -0.39 -8.69 9.00
CA ASN B 59 -1.76 -8.32 9.39
C ASN B 59 -2.76 -9.06 8.51
N ASN B 60 -2.73 -10.39 8.63
CA ASN B 60 -3.45 -11.28 7.74
C ASN B 60 -4.01 -12.43 8.54
N VAL B 61 -5.16 -12.96 8.10
CA VAL B 61 -5.70 -14.13 8.78
C VAL B 61 -4.82 -15.34 8.55
N HIS B 62 -4.13 -15.39 7.40
CA HIS B 62 -3.25 -16.50 7.08
C HIS B 62 -1.93 -16.44 7.83
N SER B 63 -1.64 -15.34 8.52
CA SER B 63 -0.46 -15.23 9.36
C SER B 63 -0.52 -16.13 10.58
N ASN B 64 -1.65 -16.72 10.88
CA ASN B 64 -1.82 -17.53 12.10
C ASN B 64 -1.12 -18.85 11.89
N ASN B 65 -0.32 -19.21 12.84
CA ASN B 65 0.42 -20.47 12.85
C ASN B 65 1.32 -20.59 11.63
N THR B 66 2.28 -19.68 11.53
CA THR B 66 3.30 -19.70 10.48
C THR B 66 4.66 -20.12 11.01
N VAL B 67 4.70 -21.02 11.99
CA VAL B 67 5.97 -21.50 12.53
C VAL B 67 6.50 -22.68 11.76
N ARG B 68 5.68 -23.30 10.91
CA ARG B 68 6.13 -24.38 10.06
C ARG B 68 7.14 -23.87 9.05
N ASP B 69 7.96 -24.79 8.53
CA ASP B 69 8.99 -24.43 7.57
C ASP B 69 8.79 -25.00 6.19
N ARG B 70 7.87 -25.95 6.00
CA ARG B 70 7.71 -26.63 4.72
C ARG B 70 6.23 -26.65 4.37
N THR B 71 5.78 -25.64 3.63
CA THR B 71 4.42 -25.54 3.15
C THR B 71 4.44 -25.27 1.66
N PRO B 72 3.37 -25.62 0.94
CA PRO B 72 3.36 -25.41 -0.51
C PRO B 72 3.34 -23.94 -0.91
N TYR B 73 3.37 -23.01 0.04
CA TYR B 73 3.11 -21.62 -0.26
C TYR B 73 4.33 -20.74 -0.08
N ARG B 74 5.35 -21.23 0.60
CA ARG B 74 6.56 -20.46 0.80
C ARG B 74 7.24 -20.21 -0.53
N THR B 75 7.62 -18.96 -0.78
CA THR B 75 8.34 -18.59 -1.99
C THR B 75 9.57 -17.80 -1.61
N LEU B 76 10.44 -17.57 -2.58
CA LEU B 76 11.68 -16.83 -2.37
C LEU B 76 11.49 -15.38 -2.79
N LEU B 77 11.62 -14.47 -1.84
CA LEU B 77 11.43 -13.04 -2.07
C LEU B 77 12.78 -12.34 -2.18
N MET B 78 12.88 -11.41 -3.13
CA MET B 78 14.11 -10.68 -3.40
C MET B 78 13.80 -9.19 -3.53
N ASN B 79 14.45 -8.38 -2.68
CA ASN B 79 14.48 -6.93 -2.90
C ASN B 79 15.91 -6.43 -2.87
N GLU B 80 16.06 -5.14 -3.16
CA GLU B 80 17.31 -4.46 -2.88
C GLU B 80 17.52 -4.40 -1.38
N LEU B 81 18.79 -4.35 -0.97
CA LEU B 81 19.08 -4.28 0.44
C LEU B 81 18.56 -2.98 1.01
N GLY B 82 17.59 -3.07 1.91
CA GLY B 82 17.05 -1.89 2.53
C GLY B 82 15.55 -1.77 2.34
N VAL B 83 15.07 -2.14 1.17
CA VAL B 83 13.64 -2.06 0.89
C VAL B 83 12.92 -3.16 1.66
N PRO B 84 11.98 -2.82 2.53
CA PRO B 84 11.24 -3.86 3.25
C PRO B 84 10.37 -4.66 2.31
N PHE B 85 10.05 -5.89 2.75
CA PHE B 85 9.28 -6.82 1.94
C PHE B 85 7.83 -6.37 1.91
N HIS B 86 7.56 -5.34 1.12
CA HIS B 86 6.20 -4.88 0.95
C HIS B 86 5.51 -5.72 -0.11
N LEU B 87 4.28 -5.34 -0.46
CA LEU B 87 3.49 -6.14 -1.38
C LEU B 87 3.97 -6.06 -2.82
N GLY B 88 4.87 -5.14 -3.15
CA GLY B 88 5.46 -5.09 -4.46
C GLY B 88 6.68 -5.96 -4.62
N THR B 89 7.00 -6.77 -3.62
CA THR B 89 8.19 -7.61 -3.66
C THR B 89 8.04 -8.70 -4.70
N LYS B 90 9.06 -8.87 -5.53
CA LYS B 90 9.06 -9.95 -6.51
C LYS B 90 9.49 -11.24 -5.85
N GLN B 91 8.64 -12.25 -5.92
CA GLN B 91 8.94 -13.58 -5.41
C GLN B 91 9.37 -14.48 -6.57
N VAL B 92 10.61 -14.97 -6.49
CA VAL B 92 11.33 -15.40 -7.68
C VAL B 92 11.27 -16.90 -7.92
N CYS B 93 10.70 -17.67 -7.01
CA CYS B 93 10.57 -19.10 -7.21
C CYS B 93 9.73 -19.67 -6.08
N ILE B 94 9.19 -20.87 -6.30
CA ILE B 94 8.55 -21.64 -5.25
C ILE B 94 9.65 -22.39 -4.52
N ALA B 95 9.77 -22.14 -3.21
CA ALA B 95 10.84 -22.73 -2.44
C ALA B 95 10.52 -22.69 -0.96
N TRP B 96 10.68 -23.81 -0.27
CA TRP B 96 10.87 -23.77 1.16
C TRP B 96 12.30 -24.02 1.58
N SER B 97 13.22 -24.21 0.64
CA SER B 97 14.63 -24.02 0.91
C SER B 97 15.26 -23.32 -0.30
N SER B 98 16.32 -22.57 -0.07
CA SER B 98 16.80 -21.74 -1.16
C SER B 98 18.27 -21.37 -1.00
N SER B 99 18.87 -20.98 -2.13
CA SER B 99 20.19 -20.38 -2.16
C SER B 99 20.33 -19.56 -3.44
N SER B 100 21.24 -18.60 -3.45
CA SER B 100 21.34 -17.66 -4.56
C SER B 100 22.76 -17.20 -4.82
N CYS B 101 23.13 -17.16 -6.10
CA CYS B 101 24.43 -16.71 -6.58
C CYS B 101 24.26 -15.58 -7.58
N HIS B 102 25.33 -14.84 -7.81
CA HIS B 102 25.48 -14.00 -8.98
C HIS B 102 26.87 -14.18 -9.54
N ASP B 103 26.97 -14.72 -10.75
CA ASP B 103 28.25 -15.05 -11.35
C ASP B 103 28.87 -13.90 -12.12
N GLY B 104 28.34 -12.70 -11.99
CA GLY B 104 28.80 -11.57 -12.74
C GLY B 104 28.01 -11.29 -14.00
N LYS B 105 27.17 -12.23 -14.42
CA LYS B 105 26.33 -12.06 -15.59
C LYS B 105 24.85 -12.12 -15.25
N ALA B 106 24.42 -13.13 -14.50
CA ALA B 106 23.00 -13.29 -14.19
C ALA B 106 22.87 -13.97 -12.83
N TRP B 107 21.67 -13.87 -12.26
CA TRP B 107 21.39 -14.47 -10.97
C TRP B 107 21.09 -15.95 -11.13
N LEU B 108 21.56 -16.73 -10.16
CA LEU B 108 21.24 -18.15 -10.06
C LEU B 108 20.46 -18.37 -8.78
N HIS B 109 19.34 -19.06 -8.88
CA HIS B 109 18.52 -19.41 -7.74
C HIS B 109 18.39 -20.92 -7.68
N VAL B 110 18.67 -21.49 -6.53
CA VAL B 110 18.40 -22.89 -6.24
C VAL B 110 17.22 -22.92 -5.29
N CYS B 111 16.15 -23.59 -5.70
CA CYS B 111 14.89 -23.55 -4.97
C CYS B 111 14.40 -24.97 -4.74
N ILE B 112 14.20 -25.35 -3.49
CA ILE B 112 13.72 -26.68 -3.14
C ILE B 112 12.31 -26.58 -2.62
N THR B 113 11.41 -27.38 -3.19
CA THR B 113 10.01 -27.44 -2.81
C THR B 113 9.47 -28.83 -3.08
N GLY B 114 8.29 -29.12 -2.54
CA GLY B 114 7.64 -30.39 -2.79
C GLY B 114 7.41 -31.24 -1.55
N ASP B 115 7.16 -32.52 -1.75
CA ASP B 115 6.92 -33.42 -0.62
C ASP B 115 8.20 -33.64 0.16
N ASP B 116 8.03 -33.99 1.44
CA ASP B 116 9.19 -34.31 2.26
C ASP B 116 9.92 -35.53 1.73
N LYS B 117 9.18 -36.56 1.30
CA LYS B 117 9.84 -37.76 0.71
C LYS B 117 10.50 -37.40 -0.62
N ASN B 118 9.69 -37.13 -1.65
CA ASN B 118 10.21 -36.79 -3.00
C ASN B 118 10.24 -35.27 -3.16
N ALA B 119 11.40 -34.64 -3.04
CA ALA B 119 11.48 -33.16 -3.12
C ALA B 119 12.18 -32.77 -4.41
N THR B 120 11.92 -31.56 -4.91
CA THR B 120 12.49 -31.13 -6.18
C THR B 120 13.30 -29.86 -5.97
N ALA B 121 14.49 -29.82 -6.57
CA ALA B 121 15.36 -28.66 -6.55
C ALA B 121 15.43 -28.11 -7.97
N SER B 122 14.91 -26.92 -8.16
CA SER B 122 14.94 -26.23 -9.45
C SER B 122 16.10 -25.26 -9.46
N PHE B 123 16.81 -25.25 -10.58
CA PHE B 123 17.95 -24.37 -10.79
C PHE B 123 17.57 -23.39 -11.88
N ILE B 124 17.45 -22.12 -11.49
CA ILE B 124 16.91 -21.05 -12.32
C ILE B 124 18.04 -20.07 -12.58
N TYR B 125 18.34 -19.83 -13.85
CA TYR B 125 19.43 -18.94 -14.21
C TYR B 125 18.96 -17.97 -15.29
N ASN B 126 19.11 -16.68 -15.02
CA ASN B 126 18.76 -15.63 -15.96
C ASN B 126 17.27 -15.65 -16.31
N GLY B 127 16.43 -16.00 -15.34
CA GLY B 127 15.01 -16.02 -15.58
C GLY B 127 14.50 -17.21 -16.36
N ARG B 128 15.27 -18.28 -16.43
CA ARG B 128 14.85 -19.51 -17.07
C ARG B 128 14.96 -20.63 -16.06
N LEU B 129 14.10 -21.64 -16.17
CA LEU B 129 14.29 -22.85 -15.41
C LEU B 129 15.23 -23.75 -16.18
N VAL B 130 16.50 -23.75 -15.78
CA VAL B 130 17.52 -24.46 -16.53
C VAL B 130 17.66 -25.92 -16.12
N ASP B 131 17.54 -26.24 -14.84
CA ASP B 131 17.77 -27.63 -14.45
C ASP B 131 16.89 -27.99 -13.27
N SER B 132 16.91 -29.28 -12.91
CA SER B 132 16.10 -29.79 -11.83
C SER B 132 16.68 -31.11 -11.34
N VAL B 133 16.58 -31.35 -10.04
CA VAL B 133 17.09 -32.55 -9.39
C VAL B 133 16.05 -33.06 -8.40
N VAL B 134 16.07 -34.36 -8.15
CA VAL B 134 15.18 -34.98 -7.18
C VAL B 134 15.98 -35.39 -5.95
N SER B 135 15.28 -35.64 -4.84
CA SER B 135 15.93 -36.14 -3.65
C SER B 135 16.65 -37.44 -3.94
N TRP B 136 17.89 -37.55 -3.48
CA TRP B 136 18.60 -38.81 -3.60
C TRP B 136 18.36 -39.74 -2.42
N SER B 137 18.23 -39.19 -1.22
CA SER B 137 18.01 -39.98 -0.02
C SER B 137 16.54 -40.10 0.36
N LYS B 138 15.64 -39.54 -0.45
CA LYS B 138 14.21 -39.58 -0.19
C LYS B 138 13.89 -39.08 1.22
N ASP B 139 14.44 -37.91 1.53
CA ASP B 139 14.20 -37.26 2.80
C ASP B 139 14.09 -35.77 2.54
N ILE B 140 14.21 -34.96 3.58
CA ILE B 140 14.04 -33.52 3.43
C ILE B 140 15.29 -32.97 2.74
N LEU B 141 15.20 -32.77 1.43
CA LEU B 141 16.29 -32.14 0.68
C LEU B 141 16.37 -30.67 1.07
N ARG B 142 17.57 -30.19 1.34
CA ARG B 142 17.75 -28.84 1.88
C ARG B 142 19.11 -28.32 1.46
N THR B 143 19.26 -27.00 1.54
CA THR B 143 20.44 -26.33 1.02
C THR B 143 20.86 -25.23 1.99
N GLN B 144 21.72 -24.33 1.52
CA GLN B 144 22.52 -23.48 2.39
C GLN B 144 21.70 -22.46 3.15
N GLU B 145 20.58 -21.99 2.59
CA GLU B 145 19.81 -20.87 3.11
C GLU B 145 20.60 -19.57 3.13
N SER B 146 21.71 -19.52 2.39
CA SER B 146 22.46 -18.29 2.22
C SER B 146 23.02 -18.28 0.80
N GLU B 147 23.91 -17.34 0.51
CA GLU B 147 24.41 -17.22 -0.84
C GLU B 147 25.35 -18.36 -1.18
N CYS B 148 25.35 -18.75 -2.44
CA CYS B 148 26.36 -19.62 -3.01
C CYS B 148 27.41 -18.78 -3.71
N VAL B 149 28.49 -19.43 -4.17
CA VAL B 149 29.66 -18.74 -4.67
C VAL B 149 30.00 -19.24 -6.07
N CYS B 150 30.26 -18.30 -6.98
CA CYS B 150 30.66 -18.61 -8.36
C CYS B 150 32.07 -18.10 -8.59
N ILE B 151 32.89 -18.90 -9.25
CA ILE B 151 34.24 -18.51 -9.66
C ILE B 151 34.42 -18.89 -11.12
N ASN B 152 34.68 -17.89 -11.96
CA ASN B 152 34.80 -18.06 -13.41
C ASN B 152 33.58 -18.73 -14.04
N GLY B 153 32.39 -18.44 -13.56
CA GLY B 153 31.18 -18.97 -14.14
C GLY B 153 30.71 -20.27 -13.55
N THR B 154 31.54 -20.97 -12.79
CA THR B 154 31.18 -22.21 -12.13
C THR B 154 30.74 -21.87 -10.71
N CYS B 155 29.47 -22.10 -10.41
CA CYS B 155 28.92 -21.85 -9.09
C CYS B 155 28.82 -23.16 -8.32
N THR B 156 28.88 -23.05 -7.00
CA THR B 156 28.90 -24.23 -6.15
C THR B 156 27.80 -24.15 -5.10
N VAL B 157 27.04 -25.23 -4.95
CA VAL B 157 25.93 -25.28 -4.00
C VAL B 157 26.04 -26.54 -3.17
N VAL B 158 25.95 -26.41 -1.86
CA VAL B 158 26.03 -27.54 -0.95
C VAL B 158 24.61 -27.95 -0.55
N MET B 159 24.24 -29.20 -0.82
CA MET B 159 22.89 -29.69 -0.57
C MET B 159 22.94 -30.96 0.25
N THR B 160 22.15 -31.01 1.32
CA THR B 160 22.12 -32.15 2.22
C THR B 160 20.78 -32.86 2.08
N ASP B 161 20.79 -34.18 2.25
CA ASP B 161 19.57 -34.97 2.20
C ASP B 161 19.74 -36.17 3.11
N GLY B 162 18.85 -36.32 4.07
CA GLY B 162 18.92 -37.44 4.98
C GLY B 162 18.54 -37.01 6.38
N SER B 163 18.85 -37.88 7.34
CA SER B 163 18.41 -37.68 8.70
C SER B 163 19.16 -36.50 9.34
N ALA B 164 18.45 -35.76 10.20
CA ALA B 164 19.08 -34.65 10.90
C ALA B 164 20.03 -35.13 11.99
N SER B 165 19.75 -36.28 12.60
CA SER B 165 20.61 -36.88 13.61
C SER B 165 20.99 -38.27 13.10
N GLY B 166 22.03 -38.31 12.29
CA GLY B 166 22.47 -39.55 11.67
C GLY B 166 23.28 -39.24 10.43
N LYS B 167 23.58 -40.30 9.68
CA LYS B 167 24.35 -40.16 8.46
C LYS B 167 23.45 -39.67 7.34
N ALA B 168 23.78 -38.50 6.79
CA ALA B 168 23.04 -37.90 5.70
C ALA B 168 23.96 -37.70 4.51
N ASP B 169 23.40 -37.83 3.31
CA ASP B 169 24.19 -37.65 2.11
C ASP B 169 24.26 -36.16 1.77
N THR B 170 25.46 -35.60 1.83
CA THR B 170 25.69 -34.23 1.43
C THR B 170 26.46 -34.24 0.13
N LYS B 171 26.04 -33.38 -0.81
CA LYS B 171 26.68 -33.29 -2.10
C LYS B 171 26.99 -31.84 -2.39
N ILE B 172 28.00 -31.63 -3.23
CA ILE B 172 28.38 -30.32 -3.72
C ILE B 172 28.13 -30.33 -5.21
N LEU B 173 27.29 -29.41 -5.66
CA LEU B 173 26.86 -29.36 -7.05
C LEU B 173 27.59 -28.20 -7.72
N PHE B 174 28.17 -28.47 -8.88
CA PHE B 174 28.88 -27.48 -9.68
C PHE B 174 28.03 -27.17 -10.89
N ILE B 175 27.57 -25.92 -10.95
CA ILE B 175 26.56 -25.44 -11.89
C ILE B 175 27.22 -24.44 -12.84
N GLU B 176 26.88 -24.53 -14.12
CA GLU B 176 27.39 -23.61 -15.13
C GLU B 176 26.21 -23.05 -15.92
N GLU B 177 25.90 -21.77 -15.70
CA GLU B 177 24.77 -21.11 -16.37
C GLU B 177 23.46 -21.83 -16.09
N GLY B 178 23.28 -22.31 -14.87
CA GLY B 178 22.08 -23.00 -14.46
C GLY B 178 22.11 -24.49 -14.67
N LYS B 179 22.99 -25.00 -15.51
CA LYS B 179 23.10 -26.42 -15.78
C LYS B 179 24.09 -27.04 -14.81
N ILE B 180 23.72 -28.18 -14.23
CA ILE B 180 24.59 -28.88 -13.29
C ILE B 180 25.62 -29.65 -14.09
N VAL B 181 26.87 -29.20 -14.04
CA VAL B 181 27.91 -29.91 -14.78
C VAL B 181 28.56 -30.99 -13.95
N HIS B 182 28.58 -30.87 -12.62
CA HIS B 182 29.21 -31.95 -11.87
C HIS B 182 28.58 -32.04 -10.49
N THR B 183 28.77 -33.19 -9.85
CA THR B 183 28.24 -33.42 -8.51
C THR B 183 29.22 -34.28 -7.74
N SER B 184 29.75 -33.76 -6.64
CA SER B 184 30.73 -34.47 -5.83
C SER B 184 30.11 -34.84 -4.48
N THR B 185 30.19 -36.10 -4.12
CA THR B 185 29.73 -36.50 -2.80
C THR B 185 30.71 -36.00 -1.75
N LEU B 186 30.19 -35.64 -0.58
CA LEU B 186 31.03 -35.09 0.47
C LEU B 186 31.96 -36.16 1.01
N SER B 187 33.21 -35.78 1.27
CA SER B 187 34.20 -36.70 1.82
C SER B 187 35.11 -35.93 2.76
N GLY B 188 35.41 -36.53 3.89
CA GLY B 188 36.28 -35.91 4.87
C GLY B 188 35.83 -36.27 6.27
N SER B 189 36.21 -35.43 7.22
CA SER B 189 36.00 -35.70 8.64
C SER B 189 34.71 -35.11 9.19
N ALA B 190 33.98 -34.32 8.40
CA ALA B 190 32.74 -33.73 8.88
C ALA B 190 31.62 -34.74 8.71
N GLN B 191 30.93 -35.05 9.80
CA GLN B 191 29.91 -36.10 9.76
C GLN B 191 28.54 -35.56 9.38
N HIS B 192 28.09 -34.49 10.03
CA HIS B 192 26.83 -33.86 9.70
C HIS B 192 27.09 -32.44 9.21
N VAL B 193 26.54 -32.11 8.06
CA VAL B 193 26.76 -30.81 7.42
C VAL B 193 25.42 -30.25 7.00
N GLU B 194 25.11 -29.03 7.43
CA GLU B 194 23.85 -28.39 7.11
C GLU B 194 24.06 -26.89 7.05
N GLU B 195 23.22 -26.23 6.27
CA GLU B 195 23.07 -24.77 6.27
C GLU B 195 24.42 -24.07 6.29
N CYS B 196 25.17 -24.26 5.21
CA CYS B 196 26.54 -23.78 5.14
C CYS B 196 26.59 -22.32 4.73
N SER B 197 27.50 -21.58 5.36
CA SER B 197 27.81 -20.21 4.96
C SER B 197 29.13 -20.25 4.22
N CYS B 198 29.08 -20.04 2.91
CA CYS B 198 30.22 -20.22 2.02
C CYS B 198 30.75 -18.86 1.60
N TYR B 199 32.06 -18.79 1.39
CA TYR B 199 32.66 -17.57 0.90
C TYR B 199 33.81 -17.92 -0.03
N PRO B 200 34.11 -17.06 -0.99
CA PRO B 200 35.19 -17.35 -1.94
C PRO B 200 36.54 -17.08 -1.30
N ARG B 201 37.22 -18.15 -0.90
CA ARG B 201 38.60 -18.07 -0.47
C ARG B 201 39.41 -18.49 -1.68
N TYR B 202 39.62 -17.54 -2.58
CA TYR B 202 40.28 -17.86 -3.84
C TYR B 202 41.56 -18.63 -3.58
N PRO B 203 41.78 -19.75 -4.26
CA PRO B 203 41.10 -20.25 -5.45
C PRO B 203 39.96 -21.22 -5.26
N GLY B 204 39.25 -21.13 -4.16
CA GLY B 204 38.23 -22.11 -3.90
C GLY B 204 37.16 -21.49 -3.05
N VAL B 205 36.30 -22.35 -2.53
CA VAL B 205 35.19 -21.91 -1.69
C VAL B 205 35.37 -22.56 -0.34
N ARG B 206 35.19 -21.77 0.73
CA ARG B 206 35.25 -22.31 2.08
C ARG B 206 33.90 -22.09 2.74
N CYS B 207 33.32 -23.15 3.28
CA CYS B 207 32.01 -23.09 3.87
C CYS B 207 32.11 -23.50 5.34
N VAL B 208 31.45 -22.73 6.20
CA VAL B 208 31.31 -23.07 7.61
C VAL B 208 29.85 -23.41 7.85
N CYS B 209 29.60 -24.63 8.30
CA CYS B 209 28.27 -25.23 8.31
C CYS B 209 27.81 -25.39 9.76
N ARG B 210 26.69 -26.06 9.97
CA ARG B 210 26.25 -26.40 11.31
C ARG B 210 26.22 -27.92 11.46
N ASP B 211 26.60 -28.38 12.65
CA ASP B 211 26.53 -29.80 12.99
C ASP B 211 25.31 -29.99 13.86
N ASN B 212 24.27 -30.58 13.28
CA ASN B 212 22.99 -30.69 13.95
C ASN B 212 22.85 -32.04 14.64
N TRP B 213 23.91 -32.84 14.65
CA TRP B 213 23.84 -34.20 15.18
C TRP B 213 24.71 -34.41 16.41
N LYS B 214 26.02 -34.13 16.34
CA LYS B 214 26.88 -34.54 17.45
C LYS B 214 27.95 -33.52 17.85
N GLY B 215 27.88 -32.28 17.38
CA GLY B 215 28.93 -31.33 17.68
C GLY B 215 28.37 -29.94 17.85
N SER B 216 29.04 -29.17 18.71
CA SER B 216 28.76 -27.75 18.86
C SER B 216 29.84 -26.89 18.23
N ASN B 217 30.84 -27.49 17.61
CA ASN B 217 31.78 -26.77 16.77
C ASN B 217 31.27 -26.78 15.34
N ARG B 218 31.84 -25.89 14.53
CA ARG B 218 31.21 -25.89 13.21
C ARG B 218 32.05 -26.68 12.22
N PRO B 219 31.41 -27.40 11.31
CA PRO B 219 32.17 -28.06 10.24
C PRO B 219 32.72 -27.07 9.24
N ILE B 220 33.74 -27.51 8.51
CA ILE B 220 34.36 -26.73 7.45
C ILE B 220 34.44 -27.59 6.21
N VAL B 221 33.95 -27.05 5.10
CA VAL B 221 34.01 -27.73 3.80
C VAL B 221 34.84 -26.86 2.87
N ASP B 222 35.96 -27.39 2.41
CA ASP B 222 36.82 -26.70 1.46
C ASP B 222 36.60 -27.32 0.09
N ILE B 223 36.03 -26.54 -0.81
CA ILE B 223 35.71 -26.97 -2.16
C ILE B 223 36.75 -26.38 -3.09
N ASN B 224 37.42 -27.24 -3.84
CA ASN B 224 38.31 -26.80 -4.91
C ASN B 224 37.46 -26.60 -6.15
N ILE B 225 37.20 -25.33 -6.50
CA ILE B 225 36.26 -24.99 -7.55
C ILE B 225 36.70 -25.57 -8.89
N LYS B 226 37.95 -26.03 -9.00
CA LYS B 226 38.59 -26.43 -10.23
C LYS B 226 38.71 -27.94 -10.37
N ASP B 227 39.34 -28.59 -9.40
CA ASP B 227 39.48 -30.04 -9.41
C ASP B 227 38.25 -30.74 -8.84
N HIS B 228 37.31 -29.98 -8.29
CA HIS B 228 36.08 -30.52 -7.72
C HIS B 228 36.39 -31.51 -6.60
N SER B 229 37.43 -31.22 -5.83
CA SER B 229 37.86 -32.04 -4.72
C SER B 229 37.43 -31.39 -3.41
N ILE B 230 36.82 -32.18 -2.54
CA ILE B 230 36.21 -31.69 -1.31
C ILE B 230 37.05 -32.16 -0.12
N VAL B 231 37.27 -31.25 0.83
CA VAL B 231 37.93 -31.57 2.08
C VAL B 231 37.02 -31.13 3.22
N SER B 232 36.99 -31.90 4.30
CA SER B 232 36.13 -31.58 5.43
C SER B 232 36.91 -31.64 6.72
N SER B 233 36.57 -30.74 7.65
CA SER B 233 37.18 -30.71 8.97
C SER B 233 36.22 -29.96 9.90
N TYR B 234 36.72 -29.52 11.06
CA TYR B 234 35.91 -28.74 11.98
C TYR B 234 36.65 -27.47 12.36
N VAL B 235 35.88 -26.44 12.73
CA VAL B 235 36.49 -25.20 13.19
C VAL B 235 37.27 -25.48 14.46
N CYS B 236 38.53 -25.10 14.46
CA CYS B 236 39.45 -25.62 15.46
C CYS B 236 39.45 -24.84 16.75
N SER B 237 38.78 -23.69 16.80
CA SER B 237 38.87 -22.82 17.96
C SER B 237 38.20 -23.44 19.17
N GLY B 238 38.75 -23.15 20.35
CA GLY B 238 38.20 -23.68 21.58
C GLY B 238 36.89 -23.03 21.99
N LEU B 239 36.63 -21.83 21.48
CA LEU B 239 35.36 -21.17 21.69
C LEU B 239 34.42 -21.53 20.55
N VAL B 240 33.55 -22.50 20.78
CA VAL B 240 32.73 -23.02 19.70
C VAL B 240 31.55 -22.09 19.45
N GLY B 241 30.99 -22.17 18.24
CA GLY B 241 30.03 -21.19 17.80
C GLY B 241 28.59 -21.66 17.68
N ASP B 242 28.35 -22.96 17.80
CA ASP B 242 26.99 -23.46 17.72
C ASP B 242 26.26 -23.16 19.02
N THR B 243 24.94 -23.34 18.96
CA THR B 243 24.05 -23.09 20.13
C THR B 243 22.89 -24.06 19.97
N PRO B 244 22.65 -25.08 20.81
CA PRO B 244 23.22 -25.15 22.13
C PRO B 244 24.72 -25.47 22.21
N ARG B 245 25.44 -24.87 23.15
CA ARG B 245 26.88 -25.12 23.34
C ARG B 245 27.16 -25.09 24.83
N LYS B 246 28.33 -25.59 25.26
CA LYS B 246 28.70 -25.53 26.70
C LYS B 246 29.28 -24.15 27.01
N ASN B 247 29.38 -23.80 28.30
CA ASN B 247 29.90 -22.46 28.68
C ASN B 247 31.38 -22.35 28.29
N ASP B 248 31.87 -21.13 28.08
CA ASP B 248 33.27 -20.91 27.63
C ASP B 248 34.26 -21.75 28.44
N SER B 249 34.11 -21.82 29.77
CA SER B 249 35.10 -22.54 30.60
C SER B 249 35.12 -24.01 30.25
N SER B 250 33.96 -24.61 29.98
CA SER B 250 33.93 -26.07 29.77
C SER B 250 33.92 -26.49 28.31
N SER B 251 34.04 -25.58 27.34
CA SER B 251 33.89 -25.96 25.92
C SER B 251 35.17 -26.58 25.37
N SER B 252 35.08 -27.25 24.23
CA SER B 252 36.27 -27.83 23.58
C SER B 252 36.04 -28.04 22.09
N SER B 253 37.08 -28.09 21.26
CA SER B 253 36.92 -28.44 19.88
C SER B 253 37.78 -29.67 19.64
N HIS B 254 37.80 -30.15 18.42
CA HIS B 254 38.69 -31.24 18.08
C HIS B 254 39.46 -31.01 16.80
N CYS B 255 39.05 -30.05 15.97
CA CYS B 255 39.81 -29.63 14.80
C CYS B 255 39.75 -30.69 13.72
N LEU B 256 39.23 -31.87 14.06
CA LEU B 256 38.94 -32.93 13.10
C LEU B 256 37.56 -33.54 13.27
N ASP B 257 37.09 -33.69 14.51
CA ASP B 257 35.91 -34.48 14.83
C ASP B 257 34.93 -33.67 15.65
N PRO B 258 33.67 -34.08 15.70
CA PRO B 258 32.73 -33.43 16.62
C PRO B 258 33.21 -33.57 18.06
N ASN B 259 32.90 -32.55 18.85
CA ASN B 259 33.33 -32.45 20.25
C ASN B 259 32.43 -33.27 21.15
N ASN B 260 31.27 -33.64 20.66
CA ASN B 260 30.31 -34.45 21.46
C ASN B 260 29.90 -33.65 22.69
N GLU B 261 29.73 -32.35 22.52
CA GLU B 261 29.27 -31.51 23.66
C GLU B 261 28.05 -30.72 23.25
N GLU B 262 26.92 -30.95 23.92
CA GLU B 262 25.70 -30.17 23.64
C GLU B 262 25.52 -30.05 22.14
N GLY B 263 25.54 -31.16 21.43
CA GLY B 263 25.51 -31.12 19.97
C GLY B 263 24.18 -31.52 19.41
N GLY B 264 23.16 -31.51 20.24
CA GLY B 264 21.88 -32.01 19.77
C GLY B 264 21.30 -31.21 18.64
N HIS B 265 21.27 -29.91 18.73
CA HIS B 265 20.63 -29.17 17.64
C HIS B 265 21.65 -28.15 17.20
N GLY B 266 21.22 -26.96 16.81
CA GLY B 266 22.18 -25.94 16.47
C GLY B 266 21.49 -24.76 15.83
N VAL B 267 22.30 -23.84 15.33
CA VAL B 267 21.81 -22.67 14.61
C VAL B 267 22.77 -22.38 13.47
N LYS B 268 22.23 -21.90 12.35
CA LYS B 268 23.07 -21.51 11.23
C LYS B 268 23.91 -20.30 11.59
N GLY B 269 25.20 -20.38 11.31
CA GLY B 269 26.11 -19.31 11.67
C GLY B 269 27.26 -19.23 10.69
N TRP B 270 28.28 -18.45 11.02
CA TRP B 270 29.39 -18.23 10.11
C TRP B 270 30.69 -18.16 10.89
N ALA B 271 31.78 -18.17 10.13
CA ALA B 271 33.14 -17.97 10.61
C ALA B 271 34.04 -17.92 9.39
N PHE B 272 35.13 -17.16 9.49
CA PHE B 272 36.16 -17.16 8.47
C PHE B 272 37.50 -16.96 9.15
N ASP B 273 38.56 -16.99 8.36
CA ASP B 273 39.91 -17.02 8.90
C ASP B 273 40.70 -15.81 8.44
N ASP B 274 41.47 -15.26 9.37
CA ASP B 274 42.43 -14.18 9.10
C ASP B 274 43.79 -14.74 9.53
N GLY B 275 44.56 -15.25 8.58
CA GLY B 275 45.79 -15.93 8.92
C GLY B 275 45.53 -17.18 9.74
N ASN B 276 46.05 -17.21 10.96
CA ASN B 276 45.74 -18.28 11.89
C ASN B 276 44.55 -17.96 12.78
N ASP B 277 44.19 -16.69 12.92
CA ASP B 277 43.08 -16.31 13.78
C ASP B 277 41.77 -16.59 13.06
N VAL B 278 40.70 -16.71 13.84
CA VAL B 278 39.37 -16.93 13.28
C VAL B 278 38.45 -15.81 13.70
N TRP B 279 37.79 -15.20 12.73
CA TRP B 279 36.71 -14.26 13.00
C TRP B 279 35.41 -15.02 13.00
N MET B 280 34.64 -14.89 14.08
CA MET B 280 33.45 -15.68 14.23
C MET B 280 32.36 -14.87 14.92
N GLY B 281 31.13 -15.35 14.78
CA GLY B 281 29.99 -14.74 15.43
C GLY B 281 29.05 -15.80 15.95
N ARG B 282 28.40 -15.52 17.09
CA ARG B 282 27.53 -16.50 17.71
C ARG B 282 26.53 -15.74 18.59
N THR B 283 25.56 -16.49 19.12
CA THR B 283 24.61 -15.88 20.02
C THR B 283 25.24 -15.68 21.39
N ILE B 284 24.79 -14.66 22.12
CA ILE B 284 25.38 -14.36 23.46
C ILE B 284 24.91 -15.43 24.45
N ASN B 285 23.61 -15.74 24.45
CA ASN B 285 23.09 -16.84 25.31
C ASN B 285 23.59 -18.16 24.74
N GLU B 286 24.03 -19.08 25.61
CA GLU B 286 24.64 -20.34 25.13
C GLU B 286 23.56 -21.38 24.82
N THR B 287 22.30 -21.12 25.20
CA THR B 287 21.28 -22.15 24.99
C THR B 287 20.14 -21.69 24.12
N SER B 288 19.70 -20.45 24.26
CA SER B 288 18.66 -19.87 23.42
C SER B 288 19.28 -18.93 22.41
N ARG B 289 18.52 -18.62 21.36
CA ARG B 289 18.98 -17.68 20.36
C ARG B 289 18.66 -16.26 20.82
N LEU B 290 19.41 -15.83 21.83
CA LEU B 290 19.26 -14.51 22.43
C LEU B 290 20.59 -13.78 22.33
N GLY B 291 20.57 -12.61 21.70
CA GLY B 291 21.78 -11.82 21.55
C GLY B 291 22.62 -12.28 20.38
N TYR B 292 23.64 -11.49 20.08
CA TYR B 292 24.57 -11.86 19.03
C TYR B 292 25.85 -11.03 19.19
N GLU B 293 26.98 -11.73 19.26
CA GLU B 293 28.29 -11.11 19.41
C GLU B 293 29.24 -11.70 18.38
N THR B 294 30.14 -10.88 17.87
CA THR B 294 31.22 -11.34 17.01
C THR B 294 32.55 -10.99 17.65
N PHE B 295 33.55 -11.83 17.41
CA PHE B 295 34.87 -11.60 17.97
C PHE B 295 35.90 -12.35 17.15
N LYS B 296 37.14 -12.29 17.61
CA LYS B 296 38.28 -12.91 16.96
C LYS B 296 39.01 -13.79 17.96
N VAL B 297 39.21 -15.05 17.61
CA VAL B 297 39.95 -15.99 18.43
C VAL B 297 41.34 -16.13 17.86
N ILE B 298 42.35 -15.88 18.69
CA ILE B 298 43.73 -15.85 18.25
C ILE B 298 44.24 -17.28 18.11
N GLU B 299 44.79 -17.59 16.93
CA GLU B 299 45.20 -18.95 16.59
C GLU B 299 44.03 -19.92 16.74
N GLY B 300 42.85 -19.48 16.35
CA GLY B 300 41.65 -20.28 16.49
C GLY B 300 41.34 -21.12 15.28
N TRP B 301 41.97 -20.83 14.16
CA TRP B 301 41.79 -21.64 12.96
C TRP B 301 42.81 -22.76 12.85
N SER B 302 43.79 -22.80 13.74
CA SER B 302 44.85 -23.80 13.65
C SER B 302 45.06 -24.55 14.96
N ASN B 303 44.54 -24.02 16.03
CA ASN B 303 44.85 -24.68 17.32
C ASN B 303 43.58 -24.87 18.09
N PRO B 304 43.17 -26.11 18.42
CA PRO B 304 42.06 -26.31 19.31
C PRO B 304 42.73 -25.88 20.61
N LYS B 305 42.02 -25.72 21.70
CA LYS B 305 42.80 -25.36 22.93
C LYS B 305 43.21 -23.90 22.91
N SER B 306 42.56 -23.07 22.11
CA SER B 306 42.79 -21.62 22.15
C SER B 306 41.45 -21.00 22.54
N LYS B 307 41.45 -20.22 23.59
CA LYS B 307 40.23 -19.53 23.98
C LYS B 307 40.54 -18.04 24.11
N LEU B 308 41.42 -17.49 23.29
CA LEU B 308 41.82 -16.09 23.51
C LEU B 308 41.02 -15.21 22.58
N GLN B 309 40.21 -14.34 23.12
CA GLN B 309 39.30 -13.54 22.32
C GLN B 309 39.87 -12.14 22.17
N THR B 310 39.41 -11.38 21.20
CA THR B 310 39.81 -9.97 21.09
C THR B 310 38.76 -9.34 20.22
N ASN B 311 38.83 -8.05 19.98
CA ASN B 311 37.95 -7.38 19.03
C ASN B 311 36.52 -7.85 19.17
N ARG B 312 35.99 -7.96 20.38
CA ARG B 312 34.62 -8.38 20.59
C ARG B 312 33.65 -7.25 20.32
N GLN B 313 32.51 -7.60 19.70
CA GLN B 313 31.46 -6.63 19.42
C GLN B 313 30.13 -7.25 19.84
N VAL B 314 29.21 -6.41 20.29
CA VAL B 314 27.87 -6.87 20.62
C VAL B 314 26.91 -6.29 19.60
N ILE B 315 26.61 -7.06 18.56
CA ILE B 315 25.69 -6.63 17.52
C ILE B 315 24.25 -6.58 18.01
N VAL B 316 23.75 -7.57 18.76
CA VAL B 316 22.37 -7.56 19.37
C VAL B 316 22.57 -7.84 20.86
N ASP B 317 21.77 -7.28 21.76
CA ASP B 317 21.99 -7.39 23.23
C ASP B 317 21.63 -8.74 23.78
N ARG B 318 22.03 -9.06 25.01
CA ARG B 318 21.88 -10.40 25.62
C ARG B 318 20.44 -10.77 25.71
N GLY B 319 19.57 -9.81 25.96
CA GLY B 319 18.15 -10.12 26.17
C GLY B 319 17.29 -9.97 24.96
N ASP B 320 17.87 -9.58 23.83
CA ASP B 320 17.13 -9.40 22.57
C ASP B 320 17.27 -10.64 21.70
N ARG B 321 16.24 -11.02 20.97
CA ARG B 321 16.18 -12.22 20.13
C ARG B 321 16.98 -12.12 18.85
N SER B 322 17.71 -13.16 18.47
CA SER B 322 18.50 -13.25 17.23
C SER B 322 18.03 -14.52 16.49
N GLY B 323 18.80 -15.07 15.56
CA GLY B 323 18.50 -16.32 14.89
C GLY B 323 19.59 -16.74 13.92
N TYR B 324 19.19 -17.15 12.72
CA TYR B 324 20.16 -17.50 11.69
C TYR B 324 21.04 -16.31 11.38
N SER B 325 22.33 -16.56 11.18
CA SER B 325 23.25 -15.55 10.68
C SER B 325 24.12 -16.15 9.60
N GLY B 326 24.66 -15.30 8.76
CA GLY B 326 25.44 -15.81 7.66
C GLY B 326 26.39 -14.77 7.09
N ILE B 327 27.25 -15.22 6.19
CA ILE B 327 28.31 -14.40 5.63
C ILE B 327 28.03 -14.17 4.16
N PHE B 328 28.51 -13.03 3.66
CA PHE B 328 28.56 -12.78 2.23
C PHE B 328 29.72 -11.84 1.94
N SER B 329 30.37 -12.05 0.80
CA SER B 329 31.57 -11.31 0.45
C SER B 329 31.27 -10.26 -0.61
N VAL B 330 31.92 -9.11 -0.48
CA VAL B 330 31.71 -7.97 -1.37
C VAL B 330 33.05 -7.60 -1.98
N GLU B 331 33.09 -7.51 -3.30
CA GLU B 331 34.32 -7.17 -4.00
C GLU B 331 34.60 -5.69 -3.86
N GLY B 332 35.71 -5.35 -3.21
CA GLY B 332 36.11 -3.98 -3.06
C GLY B 332 37.02 -3.52 -4.18
N LYS B 333 37.64 -2.37 -3.96
CA LYS B 333 38.51 -1.80 -4.99
C LYS B 333 39.84 -2.56 -5.06
N SER B 334 40.38 -2.96 -3.91
CA SER B 334 41.66 -3.63 -3.88
C SER B 334 41.65 -4.93 -3.10
N CYS B 335 40.52 -5.34 -2.53
CA CYS B 335 40.46 -6.55 -1.74
C CYS B 335 39.00 -6.99 -1.62
N ILE B 336 38.80 -8.13 -0.99
CA ILE B 336 37.47 -8.74 -0.82
C ILE B 336 37.07 -8.58 0.64
N ASN B 337 35.92 -7.94 0.86
CA ASN B 337 35.42 -7.66 2.19
C ASN B 337 34.42 -8.72 2.60
N ARG B 338 34.34 -8.98 3.90
CA ARG B 338 33.40 -9.94 4.45
C ARG B 338 32.35 -9.20 5.25
N CYS B 339 31.09 -9.50 4.98
CA CYS B 339 29.97 -8.96 5.73
C CYS B 339 29.17 -10.11 6.28
N PHE B 340 28.37 -9.83 7.31
CA PHE B 340 27.44 -10.83 7.82
C PHE B 340 26.09 -10.19 8.07
N TYR B 341 25.09 -11.06 8.11
CA TYR B 341 23.72 -10.68 8.43
C TYR B 341 23.25 -11.53 9.60
N VAL B 342 22.41 -10.94 10.43
CA VAL B 342 21.77 -11.62 11.56
C VAL B 342 20.27 -11.54 11.36
N GLU B 343 19.60 -12.66 11.55
CA GLU B 343 18.15 -12.72 11.48
C GLU B 343 17.56 -12.63 12.88
N LEU B 344 16.70 -11.65 13.10
CA LEU B 344 16.10 -11.38 14.40
C LEU B 344 14.67 -11.91 14.37
N ILE B 345 14.46 -13.07 14.98
CA ILE B 345 13.20 -13.78 14.92
C ILE B 345 12.27 -13.27 16.01
N ARG B 346 10.99 -13.07 15.67
CA ARG B 346 10.00 -12.59 16.62
C ARG B 346 8.70 -13.35 16.39
N GLY B 347 8.12 -13.86 17.47
CA GLY B 347 6.79 -14.41 17.36
C GLY B 347 6.68 -15.74 18.04
N ARG B 348 5.71 -16.54 17.55
CA ARG B 348 5.25 -17.73 18.24
C ARG B 348 6.37 -18.74 18.40
N LYS B 349 6.17 -19.64 19.36
CA LYS B 349 7.03 -20.69 19.88
C LYS B 349 8.10 -20.12 20.82
N GLU B 350 8.26 -18.80 20.90
CA GLU B 350 9.09 -18.21 21.95
C GLU B 350 8.46 -16.99 22.59
N GLU B 351 7.48 -16.35 21.94
CA GLU B 351 6.73 -15.24 22.50
C GLU B 351 5.27 -15.53 22.18
N THR B 352 4.52 -15.97 23.18
CA THR B 352 3.18 -16.49 22.98
C THR B 352 2.11 -15.40 23.05
N GLU B 353 2.47 -14.14 22.85
CA GLU B 353 1.47 -13.08 22.76
C GLU B 353 1.07 -12.77 21.34
N VAL B 354 1.59 -13.50 20.35
CA VAL B 354 1.18 -13.37 18.96
C VAL B 354 1.05 -14.77 18.38
N LEU B 355 0.31 -14.86 17.28
CA LEU B 355 0.07 -16.13 16.61
C LEU B 355 0.98 -16.37 15.42
N TRP B 356 1.85 -15.43 15.09
CA TRP B 356 2.68 -15.50 13.90
C TRP B 356 4.15 -15.62 14.28
N THR B 357 4.96 -15.97 13.28
CA THR B 357 6.41 -15.97 13.39
C THR B 357 6.99 -15.22 12.20
N SER B 358 7.83 -14.23 12.46
CA SER B 358 8.46 -13.49 11.38
C SER B 358 9.86 -13.10 11.83
N ASN B 359 10.58 -12.39 10.99
CA ASN B 359 11.98 -12.03 11.27
C ASN B 359 12.28 -10.66 10.72
N SER B 360 13.34 -10.02 11.20
CA SER B 360 13.86 -8.77 10.63
C SER B 360 15.31 -9.14 10.31
N ILE B 361 16.12 -8.29 9.74
CA ILE B 361 17.52 -8.57 9.43
C ILE B 361 18.35 -7.37 9.84
N VAL B 362 19.58 -7.61 10.28
CA VAL B 362 20.54 -6.54 10.53
C VAL B 362 21.87 -6.94 9.91
N VAL B 363 22.48 -6.04 9.16
CA VAL B 363 23.61 -6.35 8.30
C VAL B 363 24.80 -5.50 8.72
N PHE B 364 25.95 -6.15 8.90
CA PHE B 364 27.22 -5.50 9.23
C PHE B 364 28.27 -5.91 8.21
N CYS B 365 29.26 -5.04 8.00
CA CYS B 365 30.37 -5.33 7.09
C CYS B 365 31.71 -5.03 7.77
N GLY B 366 32.74 -5.78 7.37
CA GLY B 366 34.04 -5.59 7.96
C GLY B 366 34.66 -4.25 7.59
N THR B 367 35.51 -3.76 8.48
CA THR B 367 36.11 -2.45 8.30
C THR B 367 37.58 -2.49 8.71
N SER B 368 38.39 -1.70 8.02
CA SER B 368 39.78 -1.50 8.40
C SER B 368 39.97 -0.27 9.26
N GLY B 369 38.92 0.51 9.48
CA GLY B 369 38.96 1.66 10.34
C GLY B 369 38.56 1.31 11.75
N THR B 370 38.09 2.31 12.47
CA THR B 370 37.68 2.16 13.86
C THR B 370 36.16 2.14 13.95
N TYR B 371 35.65 1.74 15.11
CA TYR B 371 34.22 1.60 15.31
C TYR B 371 33.93 1.76 16.79
N GLY B 372 32.65 1.96 17.10
CA GLY B 372 32.24 2.13 18.48
C GLY B 372 31.44 0.96 19.00
N THR B 373 30.54 1.22 19.94
CA THR B 373 29.67 0.22 20.49
C THR B 373 28.23 0.57 20.19
N GLY B 374 27.34 -0.40 20.40
CA GLY B 374 25.94 -0.19 20.15
C GLY B 374 25.18 -1.48 20.31
N SER B 375 23.90 -1.42 19.98
CA SER B 375 23.06 -2.61 19.94
C SER B 375 21.86 -2.28 19.08
N TRP B 376 21.54 -3.16 18.14
CA TRP B 376 20.52 -2.91 17.13
C TRP B 376 19.52 -4.07 17.14
N PRO B 377 18.60 -4.08 18.09
CA PRO B 377 17.63 -5.16 18.19
C PRO B 377 16.59 -5.02 17.10
N ASP B 378 15.51 -5.83 17.16
CA ASP B 378 14.41 -5.62 16.18
C ASP B 378 13.59 -4.43 16.61
N GLY B 379 13.20 -4.35 17.87
CA GLY B 379 12.50 -3.18 18.38
C GLY B 379 11.01 -3.24 18.35
N ALA B 380 10.46 -4.33 17.87
CA ALA B 380 9.00 -4.43 17.74
C ALA B 380 8.44 -4.64 19.12
N ASP B 381 7.28 -4.05 19.43
CA ASP B 381 6.63 -4.34 20.72
C ASP B 381 5.45 -5.23 20.42
N LEU B 382 5.52 -6.51 20.77
CA LEU B 382 4.49 -7.49 20.36
C LEU B 382 3.28 -7.42 21.28
N ASN B 383 3.35 -6.64 22.35
CA ASN B 383 2.23 -6.59 23.32
C ASN B 383 1.19 -5.64 22.75
N LEU B 384 1.60 -4.78 21.82
CA LEU B 384 0.67 -3.85 21.19
C LEU B 384 0.33 -4.21 19.76
N MET B 385 1.15 -5.01 19.10
CA MET B 385 0.89 -5.38 17.72
C MET B 385 -0.33 -6.29 17.64
N PRO B 386 -1.00 -6.33 16.48
CA PRO B 386 -2.10 -7.27 16.30
C PRO B 386 -1.63 -8.72 16.43
N ILE B 387 -2.48 -9.54 17.02
CA ILE B 387 -2.17 -10.95 17.24
C ILE B 387 -2.03 -11.69 15.93
N GLU C 1 17.63 13.70 -32.07
CA GLU C 1 17.18 13.63 -30.69
C GLU C 1 15.97 14.51 -30.46
N TYR C 2 16.04 15.76 -30.90
CA TYR C 2 14.88 16.63 -30.85
C TYR C 2 13.73 16.03 -31.66
N ARG C 3 12.53 16.51 -31.34
CA ARG C 3 11.31 16.05 -31.96
C ARG C 3 10.76 17.18 -32.82
N ASN C 4 10.48 16.90 -34.08
CA ASN C 4 10.05 17.92 -35.03
C ASN C 4 8.69 17.65 -35.66
N TRP C 5 8.07 16.51 -35.41
CA TRP C 5 6.68 16.25 -35.82
C TRP C 5 6.48 16.43 -37.32
N SER C 6 7.45 16.00 -38.12
CA SER C 6 7.45 16.34 -39.53
C SER C 6 6.53 15.47 -40.37
N LYS C 7 6.10 14.32 -39.86
CA LYS C 7 5.34 13.39 -40.66
C LYS C 7 3.91 13.89 -40.90
N PRO C 8 3.22 13.36 -41.91
CA PRO C 8 1.84 13.78 -42.14
C PRO C 8 0.90 13.35 -41.02
N GLN C 9 -0.38 13.67 -41.15
CA GLN C 9 -1.36 13.22 -40.17
C GLN C 9 -1.97 11.89 -40.61
N CYS C 10 -2.14 10.99 -39.66
CA CYS C 10 -2.64 9.66 -39.96
C CYS C 10 -4.08 9.75 -40.45
N GLY C 11 -4.46 8.81 -41.30
CA GLY C 11 -5.84 8.75 -41.76
C GLY C 11 -6.73 8.29 -40.63
N ILE C 12 -7.73 9.10 -40.28
CA ILE C 12 -8.57 8.84 -39.12
C ILE C 12 -10.00 8.63 -39.60
N THR C 13 -10.56 7.46 -39.30
CA THR C 13 -11.97 7.19 -39.52
C THR C 13 -12.74 7.07 -38.22
N GLY C 14 -12.07 7.27 -37.09
CA GLY C 14 -12.70 7.07 -35.80
C GLY C 14 -11.63 6.81 -34.77
N PHE C 15 -12.07 6.51 -33.56
CA PHE C 15 -11.17 6.35 -32.43
C PHE C 15 -11.44 5.02 -31.75
N ALA C 16 -10.37 4.37 -31.29
CA ALA C 16 -10.47 3.07 -30.67
C ALA C 16 -10.03 3.15 -29.21
N PRO C 17 -10.57 2.29 -28.34
CA PRO C 17 -10.23 2.37 -26.91
C PRO C 17 -8.74 2.16 -26.69
N PHE C 18 -8.18 2.94 -25.79
CA PHE C 18 -6.76 2.81 -25.55
C PHE C 18 -6.42 2.59 -24.08
N SER C 19 -7.08 3.28 -23.15
CA SER C 19 -6.70 3.11 -21.76
C SER C 19 -7.83 3.55 -20.84
N LYS C 20 -7.78 3.05 -19.61
CA LYS C 20 -8.74 3.35 -18.55
C LYS C 20 -8.02 3.12 -17.23
N ASP C 21 -8.23 4.00 -16.26
CA ASP C 21 -7.49 3.91 -15.01
C ASP C 21 -8.30 3.39 -13.82
N ASN C 22 -9.63 3.48 -13.86
CA ASN C 22 -10.47 2.95 -12.78
C ASN C 22 -10.07 3.50 -11.43
N SER C 23 -9.79 4.81 -11.37
CA SER C 23 -9.24 5.38 -10.15
C SER C 23 -10.26 5.35 -9.02
N ILE C 24 -11.50 5.75 -9.29
CA ILE C 24 -12.48 5.85 -8.22
C ILE C 24 -12.87 4.47 -7.72
N ARG C 25 -12.96 3.49 -8.62
CA ARG C 25 -13.30 2.13 -8.20
C ARG C 25 -12.22 1.54 -7.31
N LEU C 26 -10.95 1.81 -7.62
CA LEU C 26 -9.88 1.33 -6.77
C LEU C 26 -9.75 2.14 -5.49
N SER C 27 -10.23 3.38 -5.48
CA SER C 27 -10.11 4.20 -4.29
C SER C 27 -10.96 3.69 -3.13
N ALA C 28 -11.99 2.89 -3.41
CA ALA C 28 -12.82 2.36 -2.35
C ALA C 28 -12.03 1.43 -1.45
N GLY C 29 -11.16 0.61 -2.02
CA GLY C 29 -10.21 -0.14 -1.24
C GLY C 29 -8.80 0.09 -1.74
N GLY C 30 -7.98 0.75 -0.94
CA GLY C 30 -6.66 1.17 -1.36
C GLY C 30 -6.50 2.68 -1.26
N ASP C 31 -5.23 3.09 -1.31
CA ASP C 31 -4.85 4.48 -1.14
C ASP C 31 -4.56 5.08 -2.51
N ILE C 32 -5.46 5.93 -2.99
CA ILE C 32 -5.37 6.53 -4.31
C ILE C 32 -5.49 8.04 -4.15
N TRP C 33 -4.67 8.78 -4.91
CA TRP C 33 -4.66 10.23 -4.82
C TRP C 33 -6.01 10.79 -5.25
N VAL C 34 -6.41 11.88 -4.61
CA VAL C 34 -7.54 12.69 -5.06
C VAL C 34 -7.01 13.67 -6.09
N THR C 35 -7.50 13.58 -7.32
CA THR C 35 -6.99 14.37 -8.42
C THR C 35 -8.13 15.08 -9.14
N ARG C 36 -7.75 15.93 -10.09
CA ARG C 36 -8.65 16.49 -11.08
C ARG C 36 -7.77 17.20 -12.11
N GLU C 37 -8.38 17.58 -13.23
CA GLU C 37 -7.70 18.20 -14.36
C GLU C 37 -6.55 17.34 -14.85
N PRO C 38 -6.81 16.18 -15.44
CA PRO C 38 -5.75 15.30 -15.91
C PRO C 38 -5.41 15.58 -17.38
N TYR C 39 -4.36 14.93 -17.85
CA TYR C 39 -4.06 14.91 -19.28
C TYR C 39 -3.06 13.79 -19.53
N VAL C 40 -2.69 13.63 -20.80
CA VAL C 40 -1.78 12.58 -21.24
C VAL C 40 -0.74 13.21 -22.17
N SER C 41 0.51 12.73 -22.05
CA SER C 41 1.58 13.16 -22.94
C SER C 41 2.56 12.00 -23.09
N CYS C 42 3.21 11.90 -24.24
CA CYS C 42 4.06 10.76 -24.53
C CYS C 42 5.48 11.21 -24.90
N ASP C 43 6.47 10.59 -24.28
CA ASP C 43 7.84 10.67 -24.77
C ASP C 43 7.99 9.67 -25.91
N PRO C 44 9.08 9.73 -26.68
CA PRO C 44 9.16 8.89 -27.88
C PRO C 44 9.02 7.40 -27.64
N ASP C 45 8.93 6.95 -26.38
CA ASP C 45 8.83 5.54 -26.06
C ASP C 45 7.43 5.13 -25.63
N LYS C 46 6.88 5.77 -24.60
CA LYS C 46 5.58 5.39 -24.06
C LYS C 46 4.83 6.65 -23.65
N CYS C 47 3.67 6.46 -23.05
CA CYS C 47 2.80 7.57 -22.71
C CYS C 47 2.60 7.64 -21.19
N TYR C 48 2.41 8.86 -20.71
CA TYR C 48 2.29 9.17 -19.30
C TYR C 48 0.99 9.93 -19.07
N GLN C 49 0.42 9.73 -17.89
CA GLN C 49 -0.74 10.47 -17.46
C GLN C 49 -0.34 11.42 -16.33
N PHE C 50 -0.88 12.63 -16.38
CA PHE C 50 -0.63 13.69 -15.43
C PHE C 50 -1.95 14.12 -14.81
N ALA C 51 -1.88 14.62 -13.58
CA ALA C 51 -3.05 15.14 -12.92
C ALA C 51 -2.63 16.16 -11.88
N LEU C 52 -3.60 16.94 -11.41
CA LEU C 52 -3.37 17.90 -10.33
C LEU C 52 -4.00 17.32 -9.07
N GLY C 53 -3.16 16.82 -8.18
CA GLY C 53 -3.65 16.21 -6.97
C GLY C 53 -3.82 17.21 -5.85
N GLN C 54 -4.85 16.98 -5.04
CA GLN C 54 -5.19 17.88 -3.95
C GLN C 54 -4.40 17.63 -2.68
N GLY C 55 -3.27 16.94 -2.79
CA GLY C 55 -2.46 16.70 -1.61
C GLY C 55 -3.03 15.73 -0.62
N THR C 56 -3.88 14.81 -1.06
CA THR C 56 -4.46 13.84 -0.15
C THR C 56 -4.98 12.66 -0.96
N THR C 57 -5.23 11.56 -0.25
CA THR C 57 -5.87 10.40 -0.84
C THR C 57 -7.38 10.50 -0.63
N LEU C 58 -8.11 9.52 -1.13
CA LEU C 58 -9.57 9.62 -1.09
C LEU C 58 -10.15 9.10 0.22
N ASN C 59 -9.63 7.98 0.73
CA ASN C 59 -10.02 7.49 2.06
C ASN C 59 -9.22 8.22 3.14
N ASN C 60 -9.44 9.53 3.20
CA ASN C 60 -8.63 10.42 4.01
C ASN C 60 -9.52 11.48 4.63
N VAL C 61 -9.14 11.95 5.81
CA VAL C 61 -9.92 13.03 6.42
C VAL C 61 -9.76 14.32 5.64
N HIS C 62 -8.61 14.49 4.98
CA HIS C 62 -8.34 15.69 4.19
C HIS C 62 -9.05 15.67 2.85
N SER C 63 -9.66 14.55 2.47
CA SER C 63 -10.45 14.47 1.26
C SER C 63 -11.74 15.27 1.35
N ASN C 64 -12.10 15.75 2.52
CA ASN C 64 -13.38 16.46 2.71
C ASN C 64 -13.26 17.83 2.10
N ASN C 65 -14.21 18.19 1.30
CA ASN C 65 -14.30 19.50 0.65
C ASN C 65 -13.06 19.77 -0.21
N THR C 66 -12.89 18.93 -1.23
CA THR C 66 -11.81 19.11 -2.20
C THR C 66 -12.34 19.58 -3.55
N VAL C 67 -13.37 20.42 -3.55
CA VAL C 67 -13.93 20.94 -4.80
C VAL C 67 -13.22 22.22 -5.22
N ARG C 68 -12.45 22.83 -4.33
CA ARG C 68 -11.66 24.00 -4.69
C ARG C 68 -10.58 23.64 -5.71
N ASP C 69 -10.13 24.64 -6.44
CA ASP C 69 -9.12 24.42 -7.46
C ASP C 69 -7.77 25.08 -7.18
N ARG C 70 -7.69 25.97 -6.20
CA ARG C 70 -6.46 26.73 -5.94
C ARG C 70 -6.15 26.65 -4.45
N THR C 71 -5.34 25.69 -4.07
CA THR C 71 -4.90 25.51 -2.70
C THR C 71 -3.38 25.36 -2.70
N PRO C 72 -2.73 25.68 -1.59
CA PRO C 72 -1.26 25.56 -1.54
C PRO C 72 -0.76 24.13 -1.62
N TYR C 73 -1.64 23.14 -1.74
CA TYR C 73 -1.24 21.75 -1.56
C TYR C 73 -1.33 20.96 -2.86
N ARG C 74 -2.02 21.47 -3.86
CA ARG C 74 -2.13 20.78 -5.13
C ARG C 74 -0.77 20.67 -5.78
N THR C 75 -0.43 19.47 -6.25
CA THR C 75 0.82 19.24 -6.95
C THR C 75 0.52 18.51 -8.25
N LEU C 76 1.54 18.43 -9.11
CA LEU C 76 1.41 17.77 -10.40
C LEU C 76 1.93 16.34 -10.30
N LEU C 77 1.05 15.37 -10.52
CA LEU C 77 1.37 13.95 -10.43
C LEU C 77 1.57 13.37 -11.82
N MET C 78 2.58 12.52 -11.96
CA MET C 78 2.94 11.89 -13.23
C MET C 78 3.15 10.40 -13.03
N ASN C 79 2.40 9.58 -13.75
CA ASN C 79 2.72 8.15 -13.87
C ASN C 79 2.75 7.75 -15.34
N GLU C 80 3.14 6.50 -15.57
CA GLU C 80 2.94 5.90 -16.87
C GLU C 80 1.46 5.74 -17.13
N LEU C 81 1.09 5.77 -18.41
CA LEU C 81 -0.31 5.61 -18.75
C LEU C 81 -0.81 4.23 -18.34
N GLY C 82 -1.73 4.21 -17.39
CA GLY C 82 -2.28 2.94 -16.94
C GLY C 82 -2.11 2.72 -15.47
N VAL C 83 -0.98 3.14 -14.91
CA VAL C 83 -0.73 2.98 -13.49
C VAL C 83 -1.60 3.96 -12.72
N PRO C 84 -2.46 3.50 -11.82
CA PRO C 84 -3.28 4.43 -11.04
C PRO C 84 -2.42 5.24 -10.09
N PHE C 85 -2.94 6.40 -9.69
CA PHE C 85 -2.22 7.33 -8.84
C PHE C 85 -2.19 6.78 -7.42
N HIS C 86 -1.34 5.78 -7.21
CA HIS C 86 -1.16 5.24 -5.87
C HIS C 86 -0.19 6.10 -5.09
N LEU C 87 0.17 5.66 -3.89
CA LEU C 87 1.01 6.47 -3.01
C LEU C 87 2.45 6.52 -3.46
N GLY C 88 2.87 5.70 -4.41
CA GLY C 88 4.19 5.78 -4.97
C GLY C 88 4.32 6.74 -6.12
N THR C 89 3.28 7.51 -6.40
CA THR C 89 3.28 8.43 -7.53
C THR C 89 4.24 9.58 -7.27
N LYS C 90 5.07 9.88 -8.26
CA LYS C 90 5.97 11.02 -8.16
C LYS C 90 5.23 12.29 -8.51
N GLN C 91 5.21 13.24 -7.58
CA GLN C 91 4.61 14.54 -7.81
C GLN C 91 5.70 15.55 -8.14
N VAL C 92 5.63 16.13 -9.34
CA VAL C 92 6.80 16.68 -10.01
C VAL C 92 6.93 18.19 -9.83
N CYS C 93 5.95 18.86 -9.23
CA CYS C 93 6.04 20.29 -8.99
C CYS C 93 4.86 20.71 -8.15
N ILE C 94 4.99 21.88 -7.52
CA ILE C 94 3.86 22.52 -6.85
C ILE C 94 3.10 23.29 -7.92
N ALA C 95 1.82 22.97 -8.10
CA ALA C 95 1.03 23.58 -9.14
C ALA C 95 -0.45 23.41 -8.87
N TRP C 96 -1.21 24.48 -8.98
CA TRP C 96 -2.64 24.36 -9.20
C TRP C 96 -3.03 24.68 -10.62
N SER C 97 -2.08 25.00 -11.49
CA SER C 97 -2.30 24.90 -12.93
C SER C 97 -1.05 24.33 -13.56
N SER C 98 -1.20 23.64 -14.69
CA SER C 98 -0.03 22.93 -15.20
C SER C 98 -0.13 22.66 -16.69
N SER C 99 1.03 22.39 -17.28
CA SER C 99 1.14 21.89 -18.65
C SER C 99 2.48 21.18 -18.79
N SER C 100 2.58 20.29 -19.78
CA SER C 100 3.77 19.45 -19.90
C SER C 100 4.09 19.10 -21.36
N CYS C 101 5.37 19.18 -21.69
CA CYS C 101 5.92 18.87 -23.00
C CYS C 101 6.99 17.80 -22.88
N HIS C 102 7.30 17.16 -24.00
CA HIS C 102 8.53 16.41 -24.16
C HIS C 102 9.10 16.73 -25.54
N ASP C 103 10.28 17.36 -25.55
CA ASP C 103 10.88 17.83 -26.79
C ASP C 103 11.74 16.78 -27.47
N GLY C 104 11.69 15.53 -27.03
CA GLY C 104 12.53 14.50 -27.55
C GLY C 104 13.79 14.25 -26.75
N LYS C 105 14.11 15.15 -25.83
CA LYS C 105 15.28 15.01 -24.96
C LYS C 105 14.90 14.94 -23.49
N ALA C 106 14.07 15.86 -23.01
CA ALA C 106 13.72 15.90 -21.60
C ALA C 106 12.31 16.47 -21.46
N TRP C 107 11.73 16.23 -20.30
CA TRP C 107 10.38 16.72 -20.00
C TRP C 107 10.43 18.19 -19.60
N LEU C 108 9.42 18.93 -20.03
CA LEU C 108 9.21 20.31 -19.62
C LEU C 108 7.89 20.38 -18.86
N HIS C 109 7.91 21.00 -17.69
CA HIS C 109 6.73 21.20 -16.88
C HIS C 109 6.57 22.69 -16.64
N VAL C 110 5.38 23.20 -16.93
CA VAL C 110 5.00 24.56 -16.57
C VAL C 110 4.02 24.44 -15.41
N CYS C 111 4.34 25.04 -14.28
CA CYS C 111 3.58 24.86 -13.05
C CYS C 111 3.24 26.22 -12.46
N ILE C 112 1.96 26.51 -12.28
CA ILE C 112 1.51 27.77 -11.71
C ILE C 112 0.96 27.52 -10.32
N THR C 113 1.46 28.30 -9.36
CA THR C 113 1.04 28.22 -7.96
C THR C 113 1.20 29.59 -7.32
N GLY C 114 0.61 29.75 -6.14
CA GLY C 114 0.75 30.99 -5.40
C GLY C 114 -0.54 31.72 -5.14
N ASP C 115 -0.45 33.01 -4.80
CA ASP C 115 -1.64 33.80 -4.52
C ASP C 115 -2.41 34.06 -5.81
N ASP C 116 -3.72 34.30 -5.66
CA ASP C 116 -4.53 34.65 -6.81
C ASP C 116 -4.07 35.95 -7.44
N LYS C 117 -3.73 36.94 -6.61
CA LYS C 117 -3.21 38.23 -7.17
C LYS C 117 -1.84 38.01 -7.81
N ASN C 118 -0.81 37.78 -6.99
CA ASN C 118 0.57 37.57 -7.48
C ASN C 118 0.85 36.07 -7.61
N ALA C 119 0.80 35.52 -8.82
CA ALA C 119 0.99 34.06 -8.99
C ALA C 119 2.33 33.81 -9.69
N THR C 120 2.88 32.60 -9.52
CA THR C 120 4.19 32.31 -10.08
C THR C 120 4.10 31.10 -10.99
N ALA C 121 4.72 31.19 -12.15
CA ALA C 121 4.81 30.10 -13.12
C ALA C 121 6.26 29.65 -13.19
N SER C 122 6.53 28.44 -12.73
CA SER C 122 7.86 27.86 -12.77
C SER C 122 7.98 26.97 -14.00
N PHE C 123 9.11 27.09 -14.69
CA PHE C 123 9.40 26.30 -15.87
C PHE C 123 10.56 25.38 -15.53
N ILE C 124 10.26 24.09 -15.52
CA ILE C 124 11.15 23.04 -15.04
C ILE C 124 11.51 22.17 -16.22
N TYR C 125 12.80 22.04 -16.50
CA TYR C 125 13.26 21.25 -17.64
C TYR C 125 14.38 20.34 -17.20
N ASN C 126 14.20 19.04 -17.45
CA ASN C 126 15.22 18.03 -17.15
C ASN C 126 15.53 17.97 -15.66
N GLY C 127 14.52 18.19 -14.83
CA GLY C 127 14.71 18.12 -13.39
C GLY C 127 15.39 19.33 -12.78
N ARG C 128 15.40 20.46 -13.47
CA ARG C 128 15.95 21.70 -12.95
C ARG C 128 14.86 22.75 -13.02
N LEU C 129 14.88 23.69 -12.08
CA LEU C 129 14.02 24.86 -12.20
C LEU C 129 14.76 25.88 -13.06
N VAL C 130 14.39 25.94 -14.34
CA VAL C 130 15.11 26.78 -15.28
C VAL C 130 14.60 28.21 -15.33
N ASP C 131 13.29 28.42 -15.22
CA ASP C 131 12.81 29.79 -15.37
C ASP C 131 11.58 30.01 -14.49
N SER C 132 11.14 31.27 -14.44
CA SER C 132 10.00 31.65 -13.61
C SER C 132 9.44 32.97 -14.12
N VAL C 133 8.12 33.10 -14.03
CA VAL C 133 7.41 34.29 -14.47
C VAL C 133 6.35 34.65 -13.43
N VAL C 134 6.01 35.92 -13.37
CA VAL C 134 4.97 36.41 -12.45
C VAL C 134 3.75 36.79 -13.27
N SER C 135 2.61 36.91 -12.59
CA SER C 135 1.39 37.37 -13.23
C SER C 135 1.60 38.74 -13.85
N TRP C 136 1.16 38.90 -15.10
CA TRP C 136 1.21 40.22 -15.71
C TRP C 136 -0.04 41.04 -15.44
N SER C 137 -1.20 40.40 -15.39
CA SER C 137 -2.46 41.10 -15.14
C SER C 137 -2.88 41.07 -13.68
N LYS C 138 -2.06 40.51 -12.80
CA LYS C 138 -2.35 40.43 -11.38
C LYS C 138 -3.72 39.81 -11.13
N ASP C 139 -3.94 38.67 -11.77
CA ASP C 139 -5.16 37.91 -11.62
C ASP C 139 -4.79 36.43 -11.60
N ILE C 140 -5.77 35.57 -11.81
CA ILE C 140 -5.52 34.14 -11.74
C ILE C 140 -4.77 33.72 -13.00
N LEU C 141 -3.45 33.60 -12.90
CA LEU C 141 -2.63 33.11 -13.99
C LEU C 141 -2.90 31.63 -14.19
N ARG C 142 -3.12 31.22 -15.43
CA ARG C 142 -3.55 29.86 -15.73
C ARG C 142 -3.06 29.46 -17.11
N THR C 143 -3.04 28.15 -17.36
CA THR C 143 -2.45 27.61 -18.57
C THR C 143 -3.33 26.48 -19.08
N GLN C 144 -2.77 25.67 -19.98
CA GLN C 144 -3.57 24.83 -20.87
C GLN C 144 -4.27 23.70 -20.15
N GLU C 145 -3.70 23.20 -19.05
CA GLU C 145 -4.16 21.99 -18.37
C GLU C 145 -4.06 20.75 -19.26
N SER C 146 -3.29 20.83 -20.34
CA SER C 146 -3.02 19.67 -21.17
C SER C 146 -1.59 19.81 -21.69
N GLU C 147 -1.21 18.95 -22.63
CA GLU C 147 0.16 18.97 -23.10
C GLU C 147 0.43 20.19 -23.96
N CYS C 148 1.66 20.67 -23.89
CA CYS C 148 2.19 21.65 -24.81
C CYS C 148 2.98 20.94 -25.91
N VAL C 149 3.41 21.70 -26.92
CA VAL C 149 3.99 21.13 -28.13
C VAL C 149 5.35 21.74 -28.39
N CYS C 150 6.34 20.90 -28.69
CA CYS C 150 7.70 21.33 -29.02
C CYS C 150 7.99 20.94 -30.46
N ILE C 151 8.62 21.86 -31.21
CA ILE C 151 9.07 21.55 -32.60
C ILE C 151 10.50 22.06 -32.73
N ASN C 152 11.47 21.17 -32.94
CA ASN C 152 12.91 21.55 -33.04
C ASN C 152 13.43 22.12 -31.72
N GLY C 153 12.89 21.68 -30.58
CA GLY C 153 13.41 22.11 -29.27
C GLY C 153 12.70 23.35 -28.76
N THR C 154 11.97 24.05 -29.62
CA THR C 154 11.20 25.22 -29.18
C THR C 154 9.80 24.75 -28.81
N CYS C 155 9.46 24.86 -27.53
CA CYS C 155 8.15 24.48 -27.04
C CYS C 155 7.29 25.72 -26.87
N THR C 156 5.97 25.53 -26.97
CA THR C 156 5.05 26.65 -26.94
C THR C 156 3.98 26.40 -25.88
N VAL C 157 3.73 27.42 -25.04
CA VAL C 157 2.75 27.31 -23.96
C VAL C 157 1.85 28.52 -24.02
N VAL C 158 0.54 28.29 -23.95
CA VAL C 158 -0.45 29.37 -23.99
C VAL C 158 -0.89 29.63 -22.56
N MET C 159 -0.74 30.88 -22.09
CA MET C 159 -1.05 31.24 -20.72
C MET C 159 -1.96 32.45 -20.71
N THR C 160 -3.04 32.37 -19.95
CA THR C 160 -4.02 33.44 -19.86
C THR C 160 -3.98 34.06 -18.46
N ASP C 161 -4.24 35.36 -18.39
CA ASP C 161 -4.27 36.06 -17.12
C ASP C 161 -5.26 37.21 -17.23
N GLY C 162 -6.25 37.22 -16.36
CA GLY C 162 -7.24 38.27 -16.37
C GLY C 162 -8.60 37.73 -16.05
N SER C 163 -9.62 38.54 -16.33
CA SER C 163 -10.98 38.21 -15.96
C SER C 163 -11.51 37.05 -16.79
N ALA C 164 -12.33 36.21 -16.17
CA ALA C 164 -12.94 35.09 -16.90
C ALA C 164 -14.04 35.57 -17.84
N SER C 165 -14.73 36.64 -17.49
CA SER C 165 -15.76 37.24 -18.34
C SER C 165 -15.34 38.68 -18.61
N GLY C 166 -14.52 38.86 -19.62
CA GLY C 166 -13.99 40.16 -19.95
C GLY C 166 -12.70 40.00 -20.74
N LYS C 167 -12.03 41.13 -20.96
CA LYS C 167 -10.78 41.13 -21.69
C LYS C 167 -9.64 40.65 -20.80
N ALA C 168 -9.01 39.55 -21.19
CA ALA C 168 -7.89 38.97 -20.47
C ALA C 168 -6.67 38.94 -21.37
N ASP C 169 -5.50 39.11 -20.77
CA ASP C 169 -4.26 39.07 -21.53
C ASP C 169 -3.82 37.62 -21.70
N THR C 170 -3.81 37.14 -22.93
CA THR C 170 -3.32 35.82 -23.25
C THR C 170 -1.99 35.97 -23.97
N LYS C 171 -1.02 35.17 -23.59
CA LYS C 171 0.31 35.20 -24.19
C LYS C 171 0.70 33.80 -24.61
N ILE C 172 1.57 33.74 -25.60
CA ILE C 172 2.17 32.49 -26.06
C ILE C 172 3.65 32.59 -25.77
N LEU C 173 4.15 31.65 -24.98
CA LEU C 173 5.52 31.66 -24.52
C LEU C 173 6.30 30.61 -25.30
N PHE C 174 7.44 31.00 -25.84
CA PHE C 174 8.33 30.12 -26.59
C PHE C 174 9.54 29.83 -25.73
N ILE C 175 9.68 28.56 -25.35
CA ILE C 175 10.63 28.07 -24.36
C ILE C 175 11.66 27.20 -25.06
N GLU C 176 12.93 27.34 -24.67
CA GLU C 176 14.01 26.54 -25.22
C GLU C 176 14.81 25.95 -24.07
N GLU C 177 14.68 24.64 -23.84
CA GLU C 177 15.37 23.96 -22.75
C GLU C 177 15.01 24.56 -21.40
N GLY C 178 13.75 24.94 -21.23
CA GLY C 178 13.27 25.50 -19.99
C GLY C 178 13.36 27.01 -19.90
N LYS C 179 14.19 27.64 -20.72
CA LYS C 179 14.36 29.08 -20.73
C LYS C 179 13.36 29.69 -21.70
N ILE C 180 12.70 30.76 -21.27
CA ILE C 180 11.73 31.45 -22.11
C ILE C 180 12.49 32.35 -23.06
N VAL C 181 12.51 31.99 -24.34
CA VAL C 181 13.23 32.82 -25.30
C VAL C 181 12.32 33.89 -25.90
N HIS C 182 11.02 33.68 -25.97
CA HIS C 182 10.20 34.74 -26.55
C HIS C 182 8.80 34.69 -25.95
N THR C 183 8.08 35.80 -26.07
CA THR C 183 6.71 35.90 -25.56
C THR C 183 5.91 36.78 -26.49
N SER C 184 4.87 36.22 -27.10
CA SER C 184 4.03 36.93 -28.05
C SER C 184 2.65 37.15 -27.44
N THR C 185 2.20 38.40 -27.44
CA THR C 185 0.84 38.67 -27.00
C THR C 185 -0.15 38.18 -28.04
N LEU C 186 -1.30 37.69 -27.57
CA LEU C 186 -2.28 37.14 -28.49
C LEU C 186 -2.88 38.23 -29.36
N SER C 187 -3.09 37.92 -30.63
CA SER C 187 -3.67 38.86 -31.57
C SER C 187 -4.53 38.11 -32.56
N GLY C 188 -5.70 38.65 -32.85
CA GLY C 188 -6.62 38.02 -33.78
C GLY C 188 -8.05 38.25 -33.35
N SER C 189 -8.93 37.37 -33.82
CA SER C 189 -10.36 37.53 -33.63
C SER C 189 -10.89 36.81 -32.40
N ALA C 190 -10.07 36.03 -31.70
CA ALA C 190 -10.54 35.31 -30.52
C ALA C 190 -10.46 36.25 -29.32
N GLN C 191 -11.59 36.44 -28.64
CA GLN C 191 -11.64 37.40 -27.56
C GLN C 191 -11.27 36.79 -26.22
N HIS C 192 -11.84 35.66 -25.87
CA HIS C 192 -11.50 34.95 -24.64
C HIS C 192 -10.91 33.60 -24.99
N VAL C 193 -9.75 33.30 -24.43
CA VAL C 193 -9.02 32.08 -24.72
C VAL C 193 -8.57 31.45 -23.42
N GLU C 194 -8.92 30.19 -23.22
CA GLU C 194 -8.59 29.48 -21.99
C GLU C 194 -8.42 28.01 -22.30
N GLU C 195 -7.62 27.34 -21.48
CA GLU C 195 -7.51 25.88 -21.44
C GLU C 195 -7.45 25.28 -22.84
N CYS C 196 -6.37 25.60 -23.54
CA CYS C 196 -6.23 25.22 -24.93
C CYS C 196 -5.72 23.80 -25.08
N SER C 197 -6.27 23.09 -26.06
CA SER C 197 -5.77 21.79 -26.46
C SER C 197 -4.99 21.97 -27.74
N CYS C 198 -3.68 21.85 -27.67
CA CYS C 198 -2.78 22.16 -28.78
C CYS C 198 -2.25 20.89 -29.38
N TYR C 199 -2.00 20.93 -30.69
CA TYR C 199 -1.42 19.79 -31.37
C TYR C 199 -0.49 20.29 -32.46
N PRO C 200 0.55 19.53 -32.78
CA PRO C 200 1.49 19.96 -33.81
C PRO C 200 0.90 19.74 -35.20
N ARG C 201 0.44 20.82 -35.81
CA ARG C 201 0.05 20.81 -37.21
C ARG C 201 1.25 21.38 -37.95
N TYR C 202 2.23 20.52 -38.20
CA TYR C 202 3.48 20.97 -38.80
C TYR C 202 3.19 21.80 -40.03
N PRO C 203 3.79 22.99 -40.15
CA PRO C 203 4.92 23.52 -39.41
C PRO C 203 4.64 24.38 -38.20
N GLY C 204 3.53 24.17 -37.53
CA GLY C 204 3.18 25.05 -36.45
C GLY C 204 2.34 24.30 -35.46
N VAL C 205 1.75 25.05 -34.55
CA VAL C 205 0.92 24.47 -33.50
C VAL C 205 -0.48 25.03 -33.68
N ARG C 206 -1.48 24.17 -33.58
CA ARG C 206 -2.87 24.62 -33.63
C ARG C 206 -3.54 24.24 -32.33
N CYS C 207 -4.18 25.21 -31.70
CA CYS C 207 -4.80 25.02 -30.40
C CYS C 207 -6.28 25.33 -30.51
N VAL C 208 -7.10 24.47 -29.94
CA VAL C 208 -8.54 24.70 -29.82
C VAL C 208 -8.83 24.91 -28.35
N CYS C 209 -9.37 26.08 -28.02
CA CYS C 209 -9.47 26.58 -26.66
C CYS C 209 -10.93 26.60 -26.23
N ARG C 210 -11.21 27.17 -25.06
CA ARG C 210 -12.58 27.39 -24.63
C ARG C 210 -12.84 28.88 -24.52
N ASP C 211 -14.05 29.29 -24.88
CA ASP C 211 -14.50 30.66 -24.73
C ASP C 211 -15.40 30.71 -23.51
N ASN C 212 -14.90 31.25 -22.43
CA ASN C 212 -15.60 31.23 -21.16
C ASN C 212 -16.39 32.51 -20.94
N TRP C 213 -16.44 33.38 -21.94
CA TRP C 213 -17.06 34.69 -21.80
C TRP C 213 -18.29 34.87 -22.69
N LYS C 214 -18.16 34.70 -24.00
CA LYS C 214 -19.28 35.08 -24.87
C LYS C 214 -19.57 34.13 -26.01
N GLY C 215 -19.02 32.92 -26.02
CA GLY C 215 -19.22 32.03 -27.14
C GLY C 215 -19.31 30.59 -26.69
N SER C 216 -20.10 29.82 -27.44
CA SER C 216 -20.15 28.37 -27.27
C SER C 216 -19.44 27.63 -28.38
N ASN C 217 -18.84 28.35 -29.33
CA ASN C 217 -17.93 27.76 -30.28
C ASN C 217 -16.51 27.83 -29.74
N ARG C 218 -15.62 27.06 -30.34
CA ARG C 218 -14.33 27.10 -29.67
C ARG C 218 -13.37 28.01 -30.43
N PRO C 219 -12.52 28.74 -29.71
CA PRO C 219 -11.49 29.54 -30.39
C PRO C 219 -10.42 28.65 -30.99
N ILE C 220 -9.70 29.22 -31.95
CA ILE C 220 -8.57 28.56 -32.60
C ILE C 220 -7.39 29.52 -32.57
N VAL C 221 -6.25 29.02 -32.10
CA VAL C 221 -5.01 29.79 -32.07
C VAL C 221 -4.00 29.05 -32.93
N ASP C 222 -3.55 29.69 -33.99
CA ASP C 222 -2.54 29.15 -34.88
C ASP C 222 -1.22 29.83 -34.58
N ILE C 223 -0.28 29.08 -34.03
CA ILE C 223 1.03 29.59 -33.65
C ILE C 223 2.02 29.13 -34.70
N ASN C 224 2.72 30.09 -35.29
CA ASN C 224 3.84 29.79 -36.17
C ASN C 224 5.07 29.62 -35.31
N ILE C 225 5.50 28.36 -35.13
CA ILE C 225 6.57 28.03 -34.19
C ILE C 225 7.87 28.74 -34.54
N LYS C 226 7.96 29.28 -35.75
CA LYS C 226 9.19 29.82 -36.32
C LYS C 226 9.23 31.34 -36.33
N ASP C 227 8.23 31.96 -36.95
CA ASP C 227 8.12 33.41 -36.98
C ASP C 227 7.48 33.98 -35.73
N HIS C 228 6.96 33.12 -34.85
CA HIS C 228 6.33 33.54 -33.60
C HIS C 228 5.15 34.46 -33.88
N SER C 229 4.43 34.18 -34.96
CA SER C 229 3.26 34.96 -35.36
C SER C 229 1.99 34.19 -35.01
N ILE C 230 1.05 34.87 -34.37
CA ILE C 230 -0.14 34.25 -33.84
C ILE C 230 -1.34 34.70 -34.68
N VAL C 231 -2.23 33.75 -34.98
CA VAL C 231 -3.48 34.02 -35.66
C VAL C 231 -4.60 33.44 -34.81
N SER C 232 -5.73 34.12 -34.76
CA SER C 232 -6.86 33.65 -33.96
C SER C 232 -8.14 33.68 -34.77
N SER C 233 -9.00 32.70 -34.52
CA SER C 233 -10.31 32.63 -35.17
C SER C 233 -11.20 31.74 -34.29
N TYR C 234 -12.30 31.27 -34.85
CA TYR C 234 -13.19 30.36 -34.13
C TYR C 234 -13.46 29.12 -34.97
N VAL C 235 -13.77 28.02 -34.28
CA VAL C 235 -14.13 26.79 -34.98
C VAL C 235 -15.40 27.04 -35.78
N CYS C 236 -15.34 26.76 -37.07
CA CYS C 236 -16.34 27.28 -37.98
C CYS C 236 -17.58 26.39 -38.07
N SER C 237 -17.56 25.20 -37.49
CA SER C 237 -18.66 24.26 -37.66
C SER C 237 -19.94 24.74 -36.99
N GLY C 238 -21.07 24.41 -37.60
CA GLY C 238 -22.35 24.81 -37.04
C GLY C 238 -22.74 24.04 -35.81
N LEU C 239 -22.14 22.87 -35.60
CA LEU C 239 -22.34 22.10 -34.39
C LEU C 239 -21.26 22.47 -33.40
N VAL C 240 -21.57 23.36 -32.47
CA VAL C 240 -20.56 23.90 -31.58
C VAL C 240 -20.26 22.90 -30.45
N GLY C 241 -19.08 23.03 -29.87
CA GLY C 241 -18.59 22.01 -28.96
C GLY C 241 -18.53 22.38 -27.49
N ASP C 242 -18.84 23.62 -27.12
CA ASP C 242 -18.66 24.00 -25.70
C ASP C 242 -19.92 23.62 -24.97
N THR C 243 -19.90 23.53 -23.64
CA THR C 243 -21.11 23.27 -22.81
C THR C 243 -21.06 24.26 -21.68
N PRO C 244 -22.04 25.16 -21.40
CA PRO C 244 -23.34 25.13 -22.02
C PRO C 244 -23.40 25.56 -23.49
N ARG C 245 -24.28 24.93 -24.28
CA ARG C 245 -24.45 25.30 -25.69
C ARG C 245 -25.93 25.20 -26.00
N LYS C 246 -26.36 25.72 -27.15
CA LYS C 246 -27.79 25.59 -27.55
C LYS C 246 -28.00 24.23 -28.24
N ASN C 247 -29.24 23.80 -28.40
CA ASN C 247 -29.54 22.49 -29.02
C ASN C 247 -29.09 22.51 -30.49
N ASP C 248 -28.79 21.34 -31.06
CA ASP C 248 -28.29 21.26 -32.45
C ASP C 248 -29.16 22.06 -33.42
N SER C 249 -30.49 21.97 -33.30
CA SER C 249 -31.36 22.63 -34.30
C SER C 249 -31.21 24.13 -34.21
N SER C 250 -30.87 24.64 -33.05
CA SER C 250 -30.84 26.11 -32.90
C SER C 250 -29.47 26.54 -32.41
N SER C 251 -28.41 26.19 -33.14
CA SER C 251 -27.04 26.56 -32.75
C SER C 251 -26.42 27.24 -33.96
N SER C 252 -25.38 28.03 -33.73
CA SER C 252 -24.76 28.78 -34.82
C SER C 252 -23.28 28.98 -34.52
N SER C 253 -22.52 29.42 -35.50
CA SER C 253 -21.09 29.71 -35.30
C SER C 253 -20.72 30.89 -36.18
N HIS C 254 -19.51 31.45 -36.02
CA HIS C 254 -19.25 32.63 -36.87
C HIS C 254 -17.99 32.45 -37.71
N CYS C 255 -17.15 31.48 -37.41
CA CYS C 255 -15.87 31.33 -38.14
C CYS C 255 -14.91 32.47 -37.81
N LEU C 256 -15.41 33.57 -37.28
CA LEU C 256 -14.54 34.67 -36.88
C LEU C 256 -14.79 35.16 -35.47
N ASP C 257 -16.04 35.19 -35.02
CA ASP C 257 -16.45 35.88 -33.80
C ASP C 257 -17.23 34.93 -32.90
N PRO C 258 -17.34 35.25 -31.62
CA PRO C 258 -18.24 34.46 -30.76
C PRO C 258 -19.66 34.55 -31.27
N ASN C 259 -20.39 33.45 -31.12
CA ASN C 259 -21.77 33.44 -31.60
C ASN C 259 -22.73 34.04 -30.61
N ASN C 260 -22.29 34.31 -29.40
CA ASN C 260 -23.16 34.97 -28.40
C ASN C 260 -24.33 34.06 -28.09
N GLU C 261 -24.09 32.76 -28.01
CA GLU C 261 -25.17 31.82 -27.63
C GLU C 261 -24.75 30.97 -26.46
N GLU C 262 -25.45 31.06 -25.35
CA GLU C 262 -25.17 30.22 -24.17
C GLU C 262 -23.66 30.19 -23.97
N GLY C 263 -23.03 31.34 -23.88
CA GLY C 263 -21.56 31.39 -23.82
C GLY C 263 -21.07 31.74 -22.46
N GLY C 264 -21.92 31.63 -21.47
CA GLY C 264 -21.49 32.09 -20.16
C GLY C 264 -20.34 31.32 -19.58
N HIS C 265 -20.38 30.01 -19.60
CA HIS C 265 -19.28 29.29 -18.96
C HIS C 265 -18.72 28.38 -20.03
N GLY C 266 -18.26 27.21 -19.66
CA GLY C 266 -17.79 26.28 -20.69
C GLY C 266 -17.13 25.06 -20.15
N VAL C 267 -16.49 24.27 -21.00
CA VAL C 267 -15.70 23.11 -20.58
C VAL C 267 -14.53 22.97 -21.52
N LYS C 268 -13.39 22.53 -20.99
CA LYS C 268 -12.23 22.29 -21.81
C LYS C 268 -12.48 21.12 -22.75
N GLY C 269 -12.18 21.32 -24.02
CA GLY C 269 -12.43 20.29 -25.01
C GLY C 269 -11.42 20.37 -26.13
N TRP C 270 -11.67 19.64 -27.22
CA TRP C 270 -10.71 19.57 -28.31
C TRP C 270 -11.45 19.54 -29.63
N ALA C 271 -10.68 19.68 -30.71
CA ALA C 271 -11.11 19.54 -32.09
C ALA C 271 -9.88 19.64 -32.96
N PHE C 272 -9.90 18.96 -34.09
CA PHE C 272 -8.85 19.11 -35.08
C PHE C 272 -9.48 18.95 -36.46
N ASP C 273 -8.67 19.11 -37.50
CA ASP C 273 -9.18 19.21 -38.85
C ASP C 273 -8.63 18.09 -39.72
N ASP C 274 -9.48 17.54 -40.55
CA ASP C 274 -9.12 16.56 -41.58
C ASP C 274 -9.56 17.17 -42.90
N GLY C 275 -8.63 17.80 -43.61
CA GLY C 275 -8.99 18.55 -44.79
C GLY C 275 -9.89 19.71 -44.46
N ASN C 276 -11.11 19.70 -45.02
CA ASN C 276 -12.12 20.68 -44.66
C ASN C 276 -13.01 20.19 -43.53
N ASP C 277 -13.07 18.90 -43.26
CA ASP C 277 -13.92 18.39 -42.21
C ASP C 277 -13.26 18.61 -40.85
N VAL C 278 -14.07 18.60 -39.81
CA VAL C 278 -13.56 18.77 -38.45
C VAL C 278 -13.92 17.56 -37.62
N TRP C 279 -12.92 16.97 -36.98
CA TRP C 279 -13.13 15.94 -35.98
C TRP C 279 -13.24 16.60 -34.62
N MET C 280 -14.32 16.34 -33.90
CA MET C 280 -14.55 17.04 -32.65
C MET C 280 -15.20 16.09 -31.65
N GLY C 281 -15.13 16.50 -30.39
CA GLY C 281 -15.76 15.76 -29.32
C GLY C 281 -16.38 16.70 -28.31
N ARG C 282 -17.50 16.31 -27.72
CA ARG C 282 -18.23 17.16 -26.80
C ARG C 282 -19.06 16.29 -25.88
N THR C 283 -19.67 16.92 -24.88
CA THR C 283 -20.55 16.17 -23.99
C THR C 283 -21.89 15.93 -24.68
N ILE C 284 -22.55 14.83 -24.32
CA ILE C 284 -23.85 14.48 -24.98
C ILE C 284 -24.92 15.44 -24.45
N ASN C 285 -24.97 15.66 -23.14
CA ASN C 285 -25.93 16.65 -22.56
C ASN C 285 -25.44 18.04 -22.95
N GLU C 286 -26.36 18.93 -23.34
CA GLU C 286 -25.95 20.26 -23.86
C GLU C 286 -25.74 21.24 -22.70
N THR C 287 -26.15 20.87 -21.47
CA THR C 287 -26.04 21.83 -20.38
C THR C 287 -25.16 21.34 -19.24
N SER C 288 -25.22 20.07 -18.89
CA SER C 288 -24.37 19.48 -17.87
C SER C 288 -23.27 18.66 -18.54
N ARG C 289 -22.23 18.38 -17.76
CA ARG C 289 -21.14 17.54 -18.26
C ARG C 289 -21.51 16.07 -18.05
N LEU C 290 -22.46 15.63 -18.86
CA LEU C 290 -22.98 14.26 -18.83
C LEU C 290 -22.79 13.63 -20.20
N GLY C 291 -22.09 12.51 -20.26
CA GLY C 291 -21.84 11.82 -21.50
C GLY C 291 -20.70 12.43 -22.28
N TYR C 292 -20.31 11.73 -23.34
CA TYR C 292 -19.27 12.25 -24.23
C TYR C 292 -19.34 11.51 -25.54
N GLU C 293 -19.43 12.27 -26.63
CA GLU C 293 -19.50 11.75 -27.99
C GLU C 293 -18.50 12.48 -28.86
N THR C 294 -17.91 11.76 -29.80
CA THR C 294 -17.06 12.36 -30.82
C THR C 294 -17.64 12.06 -32.20
N PHE C 295 -17.44 12.98 -33.12
CA PHE C 295 -17.95 12.81 -34.47
C PHE C 295 -17.17 13.69 -35.43
N LYS C 296 -17.60 13.69 -36.68
CA LYS C 296 -16.96 14.43 -37.75
C LYS C 296 -18.00 15.29 -38.44
N VAL C 297 -17.74 16.58 -38.54
CA VAL C 297 -18.61 17.52 -39.23
C VAL C 297 -18.02 17.79 -40.60
N ILE C 298 -18.81 17.56 -41.64
CA ILE C 298 -18.33 17.66 -43.01
C ILE C 298 -18.29 19.13 -43.42
N GLU C 299 -17.12 19.57 -43.91
CA GLU C 299 -16.87 20.97 -44.21
C GLU C 299 -17.12 21.84 -42.99
N GLY C 300 -16.71 21.34 -41.82
CA GLY C 300 -16.94 22.04 -40.58
C GLY C 300 -15.82 22.95 -40.18
N TRP C 301 -14.64 22.78 -40.79
CA TRP C 301 -13.52 23.66 -40.53
C TRP C 301 -13.47 24.85 -41.46
N SER C 302 -14.35 24.90 -42.46
CA SER C 302 -14.30 25.98 -43.44
C SER C 302 -15.65 26.65 -43.63
N ASN C 303 -16.73 25.95 -43.32
CA ASN C 303 -18.07 26.46 -43.60
C ASN C 303 -18.92 26.45 -42.33
N PRO C 304 -19.37 27.60 -41.85
CA PRO C 304 -20.44 27.58 -40.84
C PRO C 304 -21.73 27.13 -41.48
N LYS C 305 -22.80 27.04 -40.70
CA LYS C 305 -24.10 26.58 -41.17
C LYS C 305 -24.06 25.14 -41.66
N SER C 306 -23.03 24.38 -41.32
CA SER C 306 -22.91 22.99 -41.69
C SER C 306 -23.19 22.14 -40.46
N LYS C 307 -24.18 21.26 -40.55
CA LYS C 307 -24.57 20.40 -39.44
C LYS C 307 -24.69 18.97 -39.91
N LEU C 308 -23.68 18.48 -40.61
CA LEU C 308 -23.71 17.17 -41.25
C LEU C 308 -22.67 16.29 -40.56
N GLN C 309 -23.08 15.59 -39.51
CA GLN C 309 -22.16 14.69 -38.83
C GLN C 309 -21.92 13.43 -39.64
N THR C 310 -21.00 12.62 -39.15
CA THR C 310 -20.61 11.35 -39.72
C THR C 310 -19.62 10.71 -38.76
N ASN C 311 -19.63 9.38 -38.70
CA ASN C 311 -18.69 8.64 -37.86
C ASN C 311 -18.83 9.01 -36.38
N ARG C 312 -20.07 9.10 -35.92
CA ARG C 312 -20.33 9.42 -34.52
C ARG C 312 -20.01 8.23 -33.61
N GLN C 313 -19.45 8.53 -32.46
CA GLN C 313 -19.12 7.53 -31.46
C GLN C 313 -19.62 8.01 -30.11
N VAL C 314 -20.02 7.08 -29.26
CA VAL C 314 -20.43 7.41 -27.90
C VAL C 314 -19.38 6.83 -26.96
N ILE C 315 -18.41 7.65 -26.57
CA ILE C 315 -17.36 7.22 -25.65
C ILE C 315 -17.88 7.04 -24.24
N VAL C 316 -18.69 7.98 -23.74
CA VAL C 316 -19.28 7.83 -22.42
C VAL C 316 -20.78 8.04 -22.56
N ASP C 317 -21.55 7.17 -21.91
CA ASP C 317 -22.98 7.12 -22.08
C ASP C 317 -23.63 8.41 -21.61
N ARG C 318 -24.82 8.68 -22.16
CA ARG C 318 -25.50 9.96 -21.92
C ARG C 318 -25.84 10.16 -20.45
N GLY C 319 -26.08 9.10 -19.71
CA GLY C 319 -26.44 9.22 -18.32
C GLY C 319 -25.29 9.28 -17.34
N ASP C 320 -24.06 9.25 -17.82
CA ASP C 320 -22.88 9.19 -16.96
C ASP C 320 -22.08 10.48 -17.06
N ARG C 321 -21.25 10.71 -16.04
CA ARG C 321 -20.57 11.98 -15.87
C ARG C 321 -19.24 12.00 -16.62
N SER C 322 -18.98 13.13 -17.26
CA SER C 322 -17.72 13.40 -17.94
C SER C 322 -17.17 14.73 -17.45
N GLY C 323 -16.18 15.27 -18.13
CA GLY C 323 -15.59 16.54 -17.73
C GLY C 323 -14.64 17.10 -18.76
N TYR C 324 -13.49 17.57 -18.31
CA TYR C 324 -12.46 18.06 -19.21
C TYR C 324 -12.05 16.96 -20.17
N SER C 325 -11.84 17.32 -21.43
CA SER C 325 -11.25 16.40 -22.39
C SER C 325 -10.20 17.15 -23.19
N GLY C 326 -9.27 16.39 -23.77
CA GLY C 326 -8.19 17.04 -24.48
C GLY C 326 -7.54 16.11 -25.48
N ILE C 327 -6.65 16.69 -26.27
CA ILE C 327 -6.01 15.99 -27.37
C ILE C 327 -4.53 15.84 -27.08
N PHE C 328 -3.93 14.78 -27.62
CA PHE C 328 -2.49 14.63 -27.65
C PHE C 328 -2.11 13.82 -28.86
N SER C 329 -0.97 14.14 -29.46
CA SER C 329 -0.55 13.52 -30.70
C SER C 329 0.58 12.53 -30.44
N VAL C 330 0.56 11.42 -31.18
CA VAL C 330 1.51 10.33 -31.02
C VAL C 330 2.19 10.10 -32.37
N GLU C 331 3.51 10.11 -32.38
CA GLU C 331 4.26 9.92 -33.62
C GLU C 331 4.23 8.44 -34.00
N GLY C 332 3.65 8.15 -35.15
CA GLY C 332 3.58 6.79 -35.66
C GLY C 332 4.77 6.48 -36.56
N LYS C 333 4.65 5.37 -37.26
CA LYS C 333 5.73 4.95 -38.14
C LYS C 333 5.78 5.79 -39.40
N SER C 334 4.62 6.15 -39.95
CA SER C 334 4.57 6.91 -41.18
C SER C 334 3.69 8.15 -41.11
N CYS C 335 3.07 8.42 -39.97
CA CYS C 335 2.19 9.58 -39.84
C CYS C 335 2.02 9.90 -38.36
N ILE C 336 1.29 10.98 -38.10
CA ILE C 336 1.05 11.48 -36.74
C ILE C 336 -0.40 11.18 -36.38
N ASN C 337 -0.60 10.45 -35.30
CA ASN C 337 -1.92 10.04 -34.84
C ASN C 337 -2.42 11.00 -33.78
N ARG C 338 -3.74 11.16 -33.73
CA ARG C 338 -4.39 12.01 -32.74
C ARG C 338 -5.16 11.13 -31.76
N CYS C 339 -4.94 11.37 -30.47
CA CYS C 339 -5.67 10.68 -29.42
C CYS C 339 -6.32 11.74 -28.55
N PHE C 340 -7.34 11.33 -27.81
CA PHE C 340 -7.95 12.22 -26.84
C PHE C 340 -8.17 11.47 -25.53
N TYR C 341 -8.30 12.25 -24.47
CA TYR C 341 -8.65 11.75 -23.15
C TYR C 341 -9.87 12.49 -22.65
N VAL C 342 -10.68 11.77 -21.87
CA VAL C 342 -11.87 12.33 -21.22
C VAL C 342 -11.70 12.15 -19.73
N GLU C 343 -11.99 13.20 -18.98
CA GLU C 343 -11.96 13.17 -17.53
C GLU C 343 -13.37 12.93 -16.99
N LEU C 344 -13.52 11.88 -16.21
CA LEU C 344 -14.82 11.47 -15.66
C LEU C 344 -14.85 11.91 -14.21
N ILE C 345 -15.56 13.00 -13.93
CA ILE C 345 -15.58 13.62 -12.62
C ILE C 345 -16.65 12.96 -11.77
N ARG C 346 -16.32 12.70 -10.50
CA ARG C 346 -17.25 12.09 -9.56
C ARG C 346 -17.12 12.76 -8.21
N GLY C 347 -18.25 13.16 -7.63
CA GLY C 347 -18.20 13.61 -6.26
C GLY C 347 -18.98 14.88 -6.07
N ARG C 348 -18.58 15.63 -5.04
CA ARG C 348 -19.35 16.74 -4.51
C ARG C 348 -19.56 17.82 -5.56
N LYS C 349 -20.59 18.63 -5.32
CA LYS C 349 -21.17 19.70 -6.13
C LYS C 349 -22.03 19.14 -7.26
N GLU C 350 -22.03 17.84 -7.50
CA GLU C 350 -23.00 17.23 -8.41
C GLU C 350 -23.57 15.94 -7.88
N GLU C 351 -22.90 15.28 -6.95
CA GLU C 351 -23.39 14.07 -6.28
C GLU C 351 -23.12 14.28 -4.80
N THR C 352 -24.18 14.59 -4.05
CA THR C 352 -24.05 15.02 -2.66
C THR C 352 -24.05 13.87 -1.68
N GLU C 353 -23.75 12.65 -2.12
CA GLU C 353 -23.62 11.53 -1.21
C GLU C 353 -22.18 11.28 -0.78
N VAL C 354 -21.24 12.12 -1.22
CA VAL C 354 -19.86 12.05 -0.79
C VAL C 354 -19.38 13.48 -0.53
N LEU C 355 -18.31 13.60 0.24
CA LEU C 355 -17.74 14.89 0.58
C LEU C 355 -16.55 15.28 -0.28
N TRP C 356 -16.13 14.42 -1.20
CA TRP C 356 -14.93 14.64 -1.99
C TRP C 356 -15.28 14.84 -3.45
N THR C 357 -14.29 15.31 -4.21
CA THR C 357 -14.37 15.41 -5.66
C THR C 357 -13.11 14.80 -6.25
N SER C 358 -13.25 13.86 -7.17
CA SER C 358 -12.08 13.30 -7.86
C SER C 358 -12.46 12.97 -9.30
N ASN C 359 -11.55 12.30 -10.01
CA ASN C 359 -11.82 12.00 -11.43
C ASN C 359 -11.13 10.70 -11.83
N SER C 360 -11.53 10.15 -12.97
CA SER C 360 -10.92 8.93 -13.51
C SER C 360 -10.64 9.33 -14.96
N ILE C 361 -9.86 8.62 -15.73
CA ILE C 361 -9.58 9.07 -17.11
C ILE C 361 -9.89 7.95 -18.08
N VAL C 362 -10.36 8.27 -19.28
CA VAL C 362 -10.51 7.27 -20.33
C VAL C 362 -9.89 7.80 -21.61
N VAL C 363 -9.06 6.99 -22.26
CA VAL C 363 -8.20 7.44 -23.34
C VAL C 363 -8.52 6.66 -24.60
N PHE C 364 -8.72 7.38 -25.71
CA PHE C 364 -8.98 6.81 -27.03
C PHE C 364 -7.96 7.36 -28.02
N CYS C 365 -7.67 6.59 -29.06
CA CYS C 365 -6.77 7.01 -30.13
C CYS C 365 -7.39 6.77 -31.49
N GLY C 366 -7.01 7.60 -32.45
CA GLY C 366 -7.56 7.48 -33.79
C GLY C 366 -7.08 6.22 -34.48
N THR C 367 -7.91 5.73 -35.40
CA THR C 367 -7.62 4.48 -36.08
C THR C 367 -8.00 4.59 -37.55
N SER C 368 -7.23 3.93 -38.40
CA SER C 368 -7.57 3.79 -39.81
C SER C 368 -8.34 2.52 -40.11
N GLY C 369 -8.51 1.66 -39.12
CA GLY C 369 -9.30 0.45 -39.27
C GLY C 369 -10.73 0.67 -38.88
N THR C 370 -11.39 -0.42 -38.50
CA THR C 370 -12.79 -0.38 -38.12
C THR C 370 -12.92 -0.47 -36.61
N TYR C 371 -14.12 -0.20 -36.12
CA TYR C 371 -14.36 -0.18 -34.68
C TYR C 371 -15.83 -0.46 -34.44
N GLY C 372 -16.15 -0.78 -33.20
CA GLY C 372 -17.52 -1.08 -32.83
C GLY C 372 -18.16 0.00 -31.97
N THR C 373 -19.10 -0.40 -31.12
CA THR C 373 -19.74 0.51 -30.19
C THR C 373 -19.44 0.07 -28.77
N GLY C 374 -19.75 0.95 -27.83
CA GLY C 374 -19.51 0.66 -26.44
C GLY C 374 -19.79 1.88 -25.59
N SER C 375 -19.49 1.75 -24.31
CA SER C 375 -19.55 2.87 -23.39
C SER C 375 -18.69 2.52 -22.19
N TRP C 376 -17.82 3.43 -21.78
CA TRP C 376 -16.82 3.19 -20.75
C TRP C 376 -16.94 4.26 -19.68
N PRO C 377 -17.92 4.14 -18.79
CA PRO C 377 -18.12 5.14 -17.75
C PRO C 377 -17.04 5.00 -16.68
N ASP C 378 -17.17 5.71 -15.56
CA ASP C 378 -16.20 5.50 -14.45
C ASP C 378 -16.57 4.21 -13.73
N GLY C 379 -17.83 4.03 -13.36
CA GLY C 379 -18.27 2.78 -12.76
C GLY C 379 -18.27 2.74 -11.28
N ALA C 380 -17.88 3.82 -10.63
CA ALA C 380 -17.79 3.81 -9.18
C ALA C 380 -19.20 3.88 -8.63
N ASP C 381 -19.49 3.20 -7.53
CA ASP C 381 -20.82 3.35 -6.92
C ASP C 381 -20.62 4.16 -5.65
N LEU C 382 -21.08 5.41 -5.63
CA LEU C 382 -20.79 6.32 -4.51
C LEU C 382 -21.77 6.09 -3.36
N ASN C 383 -22.86 5.36 -3.58
CA ASN C 383 -23.73 5.03 -2.47
C ASN C 383 -23.08 4.11 -1.46
N LEU C 384 -22.08 3.34 -1.88
CA LEU C 384 -21.41 2.40 -1.02
C LEU C 384 -20.01 2.83 -0.60
N MET C 385 -19.39 3.73 -1.36
CA MET C 385 -18.05 4.17 -1.02
C MET C 385 -18.06 5.00 0.26
N PRO C 386 -16.94 5.06 0.96
CA PRO C 386 -16.85 5.93 2.14
C PRO C 386 -17.06 7.40 1.76
N ILE C 387 -17.73 8.13 2.64
CA ILE C 387 -18.05 9.52 2.43
C ILE C 387 -16.79 10.37 2.38
N GLU D 1 33.43 12.43 -15.93
CA GLU D 1 32.52 11.69 -15.06
C GLU D 1 32.45 12.33 -13.68
N TYR D 2 33.60 12.61 -13.08
CA TYR D 2 33.62 13.36 -11.83
C TYR D 2 32.96 14.72 -12.00
N ARG D 3 32.56 15.27 -10.87
CA ARG D 3 31.86 16.54 -10.80
C ARG D 3 32.79 17.56 -10.15
N ASN D 4 33.02 18.69 -10.81
CA ASN D 4 33.97 19.68 -10.34
C ASN D 4 33.37 21.06 -10.08
N TRP D 5 32.09 21.27 -10.40
CA TRP D 5 31.38 22.50 -10.01
C TRP D 5 32.08 23.76 -10.50
N SER D 6 32.62 23.71 -11.72
CA SER D 6 33.50 24.78 -12.17
C SER D 6 32.76 26.02 -12.66
N LYS D 7 31.48 25.92 -12.96
CA LYS D 7 30.76 27.01 -13.57
C LYS D 7 30.51 28.13 -12.57
N PRO D 8 30.21 29.34 -13.03
CA PRO D 8 29.92 30.44 -12.11
C PRO D 8 28.62 30.21 -11.34
N GLN D 9 28.26 31.15 -10.48
CA GLN D 9 26.99 31.07 -9.77
C GLN D 9 25.91 31.80 -10.55
N CYS D 10 24.73 31.19 -10.61
CA CYS D 10 23.63 31.75 -11.39
C CYS D 10 23.19 33.07 -10.77
N GLY D 11 22.68 33.96 -11.61
CA GLY D 11 22.14 35.21 -11.12
C GLY D 11 20.83 34.96 -10.40
N ILE D 12 20.76 35.35 -9.13
CA ILE D 12 19.62 35.04 -8.28
C ILE D 12 18.95 36.33 -7.86
N THR D 13 17.68 36.49 -8.20
CA THR D 13 16.85 37.59 -7.74
C THR D 13 15.79 37.12 -6.75
N GLY D 14 15.77 35.83 -6.44
CA GLY D 14 14.73 35.28 -5.61
C GLY D 14 14.62 33.78 -5.87
N PHE D 15 13.63 33.18 -5.23
CA PHE D 15 13.47 31.74 -5.29
C PHE D 15 12.05 31.40 -5.72
N ALA D 16 11.92 30.35 -6.53
CA ALA D 16 10.64 29.94 -7.05
C ALA D 16 10.25 28.56 -6.53
N PRO D 17 8.97 28.26 -6.39
CA PRO D 17 8.56 26.96 -5.84
C PRO D 17 9.07 25.81 -6.68
N PHE D 18 9.52 24.77 -6.02
CA PHE D 18 10.05 23.64 -6.77
C PHE D 18 9.40 22.31 -6.40
N SER D 19 9.15 22.06 -5.12
CA SER D 19 8.59 20.77 -4.75
C SER D 19 7.93 20.83 -3.40
N LYS D 20 7.04 19.86 -3.16
CA LYS D 20 6.29 19.70 -1.93
C LYS D 20 5.90 18.24 -1.83
N ASP D 21 6.00 17.65 -0.64
CA ASP D 21 5.75 16.23 -0.49
C ASP D 21 4.43 15.87 0.16
N ASN D 22 3.84 16.77 0.93
CA ASN D 22 2.53 16.53 1.55
C ASN D 22 2.53 15.25 2.38
N SER D 23 3.60 15.02 3.13
CA SER D 23 3.76 13.74 3.82
C SER D 23 2.72 13.56 4.92
N ILE D 24 2.49 14.59 5.74
CA ILE D 24 1.58 14.43 6.86
C ILE D 24 0.15 14.31 6.36
N ARG D 25 -0.21 15.04 5.32
CA ARG D 25 -1.57 14.96 4.78
C ARG D 25 -1.85 13.57 4.22
N LEU D 26 -0.87 12.97 3.56
CA LEU D 26 -1.05 11.61 3.06
C LEU D 26 -0.97 10.58 4.16
N SER D 27 -0.31 10.88 5.27
CA SER D 27 -0.18 9.91 6.36
C SER D 27 -1.50 9.61 7.03
N ALA D 28 -2.49 10.50 6.91
CA ALA D 28 -3.79 10.25 7.52
C ALA D 28 -4.46 9.03 6.89
N GLY D 29 -4.36 8.90 5.58
CA GLY D 29 -4.78 7.68 4.92
C GLY D 29 -3.66 7.13 4.07
N GLY D 30 -3.11 5.99 4.46
CA GLY D 30 -1.94 5.43 3.82
C GLY D 30 -0.80 5.24 4.79
N ASP D 31 0.17 4.44 4.35
CA ASP D 31 1.32 4.07 5.17
C ASP D 31 2.52 4.91 4.75
N ILE D 32 2.89 5.87 5.59
CA ILE D 32 3.97 6.80 5.32
C ILE D 32 4.95 6.78 6.48
N TRP D 33 6.24 6.79 6.17
CA TRP D 33 7.26 6.74 7.19
C TRP D 33 7.19 7.95 8.11
N VAL D 34 7.49 7.73 9.38
CA VAL D 34 7.71 8.81 10.33
C VAL D 34 9.17 9.24 10.20
N THR D 35 9.39 10.49 9.81
CA THR D 35 10.73 10.98 9.54
C THR D 35 10.98 12.27 10.29
N ARG D 36 12.22 12.73 10.20
CA ARG D 36 12.63 14.07 10.59
C ARG D 36 14.06 14.27 10.10
N GLU D 37 14.53 15.51 10.14
CA GLU D 37 15.83 15.91 9.64
C GLU D 37 16.01 15.52 8.17
N PRO D 38 15.28 16.14 7.26
CA PRO D 38 15.41 15.78 5.84
C PRO D 38 16.44 16.66 5.14
N TYR D 39 16.71 16.31 3.88
CA TYR D 39 17.49 17.18 3.01
C TYR D 39 17.30 16.72 1.58
N VAL D 40 17.94 17.43 0.66
CA VAL D 40 17.83 17.15 -0.77
C VAL D 40 19.23 17.16 -1.37
N SER D 41 19.47 16.25 -2.32
CA SER D 41 20.72 16.21 -3.05
C SER D 41 20.45 15.66 -4.45
N CYS D 42 21.23 16.09 -5.43
CA CYS D 42 20.96 15.74 -6.82
C CYS D 42 22.17 15.09 -7.46
N ASP D 43 21.95 13.96 -8.13
CA ASP D 43 22.93 13.43 -9.06
C ASP D 43 22.78 14.18 -10.38
N PRO D 44 23.73 14.03 -11.31
CA PRO D 44 23.69 14.89 -12.52
C PRO D 44 22.42 14.79 -13.34
N ASP D 45 21.49 13.91 -12.98
CA ASP D 45 20.25 13.73 -13.72
C ASP D 45 19.04 14.34 -13.02
N LYS D 46 18.76 13.92 -11.79
CA LYS D 46 17.59 14.38 -11.07
C LYS D 46 17.94 14.57 -9.61
N CYS D 47 16.94 14.88 -8.80
CA CYS D 47 17.15 15.20 -7.40
C CYS D 47 16.43 14.20 -6.52
N TYR D 48 17.00 13.97 -5.34
CA TYR D 48 16.54 12.99 -4.38
C TYR D 48 16.33 13.67 -3.04
N GLN D 49 15.36 13.16 -2.29
CA GLN D 49 15.11 13.61 -0.94
C GLN D 49 15.52 12.51 0.03
N PHE D 50 16.15 12.92 1.13
CA PHE D 50 16.62 12.03 2.17
C PHE D 50 15.98 12.43 3.49
N ALA D 51 15.84 11.47 4.39
CA ALA D 51 15.32 11.76 5.71
C ALA D 51 15.82 10.70 6.68
N LEU D 52 15.68 10.98 7.97
CA LEU D 52 16.02 10.04 9.02
C LEU D 52 14.71 9.50 9.59
N GLY D 53 14.38 8.28 9.21
CA GLY D 53 13.13 7.69 9.65
C GLY D 53 13.28 6.96 10.98
N GLN D 54 12.23 7.03 11.78
CA GLN D 54 12.21 6.45 13.11
C GLN D 54 11.87 4.98 13.12
N GLY D 55 11.99 4.30 11.98
CA GLY D 55 11.71 2.88 11.94
C GLY D 55 10.26 2.51 12.09
N THR D 56 9.34 3.40 11.71
CA THR D 56 7.93 3.11 11.81
C THR D 56 7.16 4.04 10.91
N THR D 57 5.91 3.68 10.62
CA THR D 57 4.99 4.53 9.91
C THR D 57 4.21 5.38 10.91
N LEU D 58 3.33 6.24 10.41
CA LEU D 58 2.64 7.17 11.29
C LEU D 58 1.38 6.56 11.89
N ASN D 59 0.59 5.83 11.10
CA ASN D 59 -0.56 5.10 11.62
C ASN D 59 -0.09 3.76 12.20
N ASN D 60 0.73 3.87 13.23
CA ASN D 60 1.44 2.72 13.79
C ASN D 60 1.46 2.85 15.31
N VAL D 61 1.47 1.71 15.99
CA VAL D 61 1.59 1.77 17.45
C VAL D 61 2.98 2.26 17.85
N HIS D 62 3.98 1.99 17.03
CA HIS D 62 5.35 2.41 17.30
C HIS D 62 5.58 3.88 17.04
N SER D 63 4.62 4.57 16.42
CA SER D 63 4.69 6.01 16.21
C SER D 63 4.58 6.80 17.50
N ASN D 64 4.23 6.16 18.60
CA ASN D 64 4.01 6.85 19.88
C ASN D 64 5.35 7.23 20.45
N ASN D 65 5.48 8.47 20.83
CA ASN D 65 6.68 9.02 21.44
C ASN D 65 7.90 8.84 20.53
N THR D 66 7.83 9.49 19.37
CA THR D 66 8.95 9.52 18.43
C THR D 66 9.63 10.87 18.38
N VAL D 67 9.71 11.56 19.52
CA VAL D 67 10.37 12.86 19.57
C VAL D 67 11.87 12.72 19.85
N ARG D 68 12.32 11.55 20.27
CA ARG D 68 13.73 11.29 20.46
C ARG D 68 14.47 11.35 19.13
N ASP D 69 15.77 11.59 19.20
CA ASP D 69 16.59 11.70 18.01
C ASP D 69 17.62 10.60 17.85
N ARG D 70 17.88 9.80 18.89
CA ARG D 70 18.95 8.80 18.85
C ARG D 70 18.39 7.48 19.36
N THR D 71 17.91 6.66 18.44
CA THR D 71 17.39 5.33 18.74
C THR D 71 18.06 4.34 17.81
N PRO D 72 18.14 3.06 18.21
CA PRO D 72 18.78 2.07 17.34
C PRO D 72 18.03 1.78 16.06
N TYR D 73 16.91 2.45 15.81
CA TYR D 73 16.02 2.06 14.74
C TYR D 73 15.96 3.08 13.62
N ARG D 74 16.44 4.29 13.86
CA ARG D 74 16.44 5.32 12.82
C ARG D 74 17.35 4.91 11.69
N THR D 75 16.84 5.02 10.46
CA THR D 75 17.64 4.73 9.28
C THR D 75 17.53 5.89 8.30
N LEU D 76 18.37 5.86 7.28
CA LEU D 76 18.40 6.92 6.27
C LEU D 76 17.58 6.49 5.06
N LEU D 77 16.51 7.24 4.78
CA LEU D 77 15.60 6.96 3.68
C LEU D 77 15.90 7.87 2.51
N MET D 78 15.85 7.30 1.30
CA MET D 78 16.15 8.01 0.06
C MET D 78 15.08 7.71 -0.97
N ASN D 79 14.40 8.75 -1.47
CA ASN D 79 13.58 8.64 -2.67
C ASN D 79 13.96 9.71 -3.67
N GLU D 80 13.35 9.62 -4.83
CA GLU D 80 13.38 10.73 -5.78
C GLU D 80 12.63 11.91 -5.21
N LEU D 81 13.02 13.11 -5.60
CA LEU D 81 12.35 14.30 -5.10
C LEU D 81 10.91 14.30 -5.56
N GLY D 82 9.98 14.20 -4.62
CA GLY D 82 8.58 14.23 -4.96
C GLY D 82 7.84 13.00 -4.48
N VAL D 83 8.48 11.85 -4.55
CA VAL D 83 7.85 10.62 -4.11
C VAL D 83 7.79 10.62 -2.59
N PRO D 84 6.60 10.51 -1.99
CA PRO D 84 6.51 10.46 -0.54
C PRO D 84 7.11 9.17 0.01
N PHE D 85 7.53 9.23 1.27
CA PHE D 85 8.20 8.12 1.93
C PHE D 85 7.17 7.03 2.23
N HIS D 86 6.78 6.31 1.18
CA HIS D 86 5.88 5.19 1.37
C HIS D 86 6.65 3.96 1.80
N LEU D 87 5.97 2.83 1.89
CA LEU D 87 6.60 1.61 2.40
C LEU D 87 7.58 0.99 1.42
N GLY D 88 7.61 1.43 0.18
CA GLY D 88 8.60 0.97 -0.76
C GLY D 88 9.89 1.76 -0.73
N THR D 89 10.04 2.66 0.22
CA THR D 89 11.23 3.51 0.29
C THR D 89 12.44 2.68 0.67
N LYS D 90 13.53 2.87 -0.06
CA LYS D 90 14.78 2.20 0.27
C LYS D 90 15.49 2.97 1.37
N GLN D 91 15.77 2.28 2.47
CA GLN D 91 16.52 2.85 3.58
C GLN D 91 17.96 2.38 3.50
N VAL D 92 18.88 3.33 3.35
CA VAL D 92 20.19 3.05 2.77
C VAL D 92 21.28 2.83 3.81
N CYS D 93 21.01 3.04 5.09
CA CYS D 93 21.99 2.80 6.13
C CYS D 93 21.32 2.96 7.48
N ILE D 94 21.95 2.40 8.51
CA ILE D 94 21.55 2.65 9.89
C ILE D 94 22.20 3.96 10.30
N ALA D 95 21.39 4.93 10.71
CA ALA D 95 21.91 6.24 11.05
C ALA D 95 20.90 7.00 11.87
N TRP D 96 21.35 7.60 12.97
CA TRP D 96 20.62 8.71 13.56
C TRP D 96 21.30 10.04 13.31
N SER D 97 22.41 10.07 12.58
CA SER D 97 22.86 11.29 11.93
C SER D 97 23.38 10.94 10.55
N SER D 98 23.30 11.87 9.61
CA SER D 98 23.60 11.48 8.24
C SER D 98 24.02 12.67 7.40
N SER D 99 24.68 12.34 6.28
CA SER D 99 24.99 13.30 5.22
C SER D 99 25.21 12.53 3.93
N SER D 100 25.06 13.19 2.79
CA SER D 100 25.10 12.49 1.50
C SER D 100 25.66 13.37 0.39
N CYS D 101 26.53 12.77 -0.43
CA CYS D 101 27.17 13.40 -1.58
C CYS D 101 26.87 12.60 -2.83
N HIS D 102 27.06 13.23 -3.98
CA HIS D 102 27.22 12.53 -5.25
C HIS D 102 28.36 13.18 -6.01
N ASP D 103 29.42 12.42 -6.23
CA ASP D 103 30.63 12.95 -6.85
C ASP D 103 30.61 12.89 -8.37
N GLY D 104 29.47 12.59 -8.97
CA GLY D 104 29.38 12.42 -10.39
C GLY D 104 29.49 10.98 -10.85
N LYS D 105 29.90 10.09 -9.98
CA LYS D 105 29.99 8.67 -10.28
C LYS D 105 29.10 7.81 -9.42
N ALA D 106 29.13 8.01 -8.10
CA ALA D 106 28.35 7.18 -7.19
C ALA D 106 27.98 8.00 -5.97
N TRP D 107 26.99 7.52 -5.23
CA TRP D 107 26.53 8.19 -4.03
C TRP D 107 27.44 7.87 -2.86
N LEU D 108 27.67 8.85 -2.01
CA LEU D 108 28.38 8.68 -0.76
C LEU D 108 27.43 8.99 0.38
N HIS D 109 27.37 8.09 1.36
CA HIS D 109 26.55 8.27 2.54
C HIS D 109 27.45 8.20 3.76
N VAL D 110 27.35 9.20 4.62
CA VAL D 110 27.98 9.19 5.92
C VAL D 110 26.88 8.98 6.94
N CYS D 111 26.98 7.90 7.73
CA CYS D 111 25.91 7.49 8.62
C CYS D 111 26.46 7.27 10.01
N ILE D 112 25.94 7.99 11.00
CA ILE D 112 26.38 7.87 12.38
C ILE D 112 25.29 7.18 13.19
N THR D 113 25.68 6.13 13.91
CA THR D 113 24.79 5.36 14.77
C THR D 113 25.58 4.77 15.93
N GLY D 114 24.87 4.29 16.93
CA GLY D 114 25.52 3.63 18.06
C GLY D 114 25.28 4.30 19.39
N ASP D 115 26.12 3.98 20.38
CA ASP D 115 25.97 4.56 21.70
C ASP D 115 26.33 6.05 21.68
N ASP D 116 25.78 6.79 22.63
CA ASP D 116 26.13 8.20 22.76
C ASP D 116 27.60 8.37 23.09
N LYS D 117 28.15 7.54 23.99
CA LYS D 117 29.59 7.62 24.30
C LYS D 117 30.42 7.16 23.09
N ASN D 118 30.39 5.87 22.78
CA ASN D 118 31.18 5.30 21.66
C ASN D 118 30.30 5.20 20.42
N ALA D 119 30.43 6.12 19.47
CA ALA D 119 29.53 6.14 18.29
C ALA D 119 30.33 5.78 17.04
N THR D 120 29.65 5.32 15.98
CA THR D 120 30.35 4.88 14.79
C THR D 120 29.82 5.62 13.58
N ALA D 121 30.72 6.09 12.74
CA ALA D 121 30.39 6.74 11.47
C ALA D 121 30.85 5.83 10.35
N SER D 122 29.89 5.31 9.59
CA SER D 122 30.16 4.46 8.44
C SER D 122 30.13 5.30 7.17
N PHE D 123 31.10 5.07 6.30
CA PHE D 123 31.21 5.76 5.03
C PHE D 123 30.97 4.74 3.93
N ILE D 124 29.86 4.93 3.22
CA ILE D 124 29.34 3.97 2.26
C ILE D 124 29.40 4.61 0.89
N TYR D 125 30.08 3.98 -0.05
CA TYR D 125 30.26 4.53 -1.37
C TYR D 125 29.98 3.46 -2.40
N ASN D 126 29.04 3.76 -3.30
CA ASN D 126 28.69 2.86 -4.40
C ASN D 126 28.13 1.53 -3.89
N GLY D 127 27.40 1.57 -2.78
CA GLY D 127 26.82 0.37 -2.24
C GLY D 127 27.76 -0.53 -1.50
N ARG D 128 28.91 -0.02 -1.07
CA ARG D 128 29.86 -0.78 -0.28
C ARG D 128 30.10 -0.01 1.00
N LEU D 129 30.38 -0.70 2.09
CA LEU D 129 30.86 -0.06 3.30
C LEU D 129 32.37 0.11 3.17
N VAL D 130 32.80 1.31 2.79
CA VAL D 130 34.20 1.54 2.50
C VAL D 130 35.01 1.93 3.73
N ASP D 131 34.46 2.71 4.66
CA ASP D 131 35.28 3.14 5.79
C ASP D 131 34.42 3.29 7.03
N SER D 132 35.09 3.55 8.15
CA SER D 132 34.41 3.68 9.43
C SER D 132 35.32 4.44 10.39
N VAL D 133 34.70 5.25 11.25
CA VAL D 133 35.41 6.06 12.24
C VAL D 133 34.67 5.97 13.56
N VAL D 134 35.39 6.16 14.65
CA VAL D 134 34.82 6.16 16.00
C VAL D 134 34.84 7.58 16.53
N SER D 135 34.03 7.82 17.57
CA SER D 135 34.04 9.11 18.24
C SER D 135 35.42 9.44 18.75
N TRP D 136 35.88 10.67 18.50
CA TRP D 136 37.15 11.09 19.06
C TRP D 136 36.99 11.72 20.44
N SER D 137 35.89 12.44 20.67
CA SER D 137 35.65 13.10 21.95
C SER D 137 34.77 12.28 22.88
N LYS D 138 34.38 11.07 22.48
CA LYS D 138 33.53 10.20 23.28
C LYS D 138 32.27 10.91 23.71
N ASP D 139 31.60 11.54 22.76
CA ASP D 139 30.36 12.23 22.98
C ASP D 139 29.46 11.97 21.78
N ILE D 140 28.41 12.78 21.64
CA ILE D 140 27.46 12.55 20.55
C ILE D 140 28.11 12.99 19.25
N LEU D 141 28.65 12.05 18.50
CA LEU D 141 29.20 12.33 17.18
C LEU D 141 28.06 12.65 16.23
N ARG D 142 28.21 13.73 15.46
CA ARG D 142 27.12 14.23 14.63
C ARG D 142 27.69 14.93 13.42
N THR D 143 26.85 15.10 12.40
CA THR D 143 27.30 15.62 11.12
C THR D 143 26.26 16.59 10.58
N GLN D 144 26.36 16.90 9.28
CA GLN D 144 25.73 18.08 8.71
C GLN D 144 24.21 18.00 8.68
N GLU D 145 23.65 16.80 8.56
CA GLU D 145 22.22 16.60 8.33
C GLU D 145 21.76 17.20 7.00
N SER D 146 22.70 17.49 6.10
CA SER D 146 22.37 17.94 4.76
C SER D 146 23.42 17.38 3.82
N GLU D 147 23.41 17.83 2.57
CA GLU D 147 24.34 17.28 1.60
C GLU D 147 25.75 17.75 1.87
N CYS D 148 26.70 16.88 1.56
CA CYS D 148 28.11 17.23 1.48
C CYS D 148 28.48 17.53 0.03
N VAL D 149 29.71 18.00 -0.19
CA VAL D 149 30.13 18.52 -1.48
C VAL D 149 31.40 17.82 -1.93
N CYS D 150 31.42 17.39 -3.19
CA CYS D 150 32.57 16.74 -3.81
C CYS D 150 33.09 17.62 -4.93
N ILE D 151 34.41 17.79 -5.02
CA ILE D 151 35.03 18.53 -6.15
C ILE D 151 36.21 17.68 -6.65
N ASN D 152 36.13 17.18 -7.89
CA ASN D 152 37.20 16.33 -8.47
C ASN D 152 37.29 14.98 -7.76
N GLY D 153 36.18 14.51 -7.16
CA GLY D 153 36.18 13.17 -6.53
C GLY D 153 36.48 13.25 -5.06
N THR D 154 37.02 14.37 -4.59
CA THR D 154 37.29 14.55 -3.17
C THR D 154 36.06 15.20 -2.53
N CYS D 155 35.40 14.47 -1.66
CA CYS D 155 34.24 14.97 -0.95
C CYS D 155 34.61 15.41 0.44
N THR D 156 33.86 16.36 0.99
CA THR D 156 34.19 16.95 2.27
C THR D 156 32.99 16.86 3.21
N VAL D 157 33.23 16.39 4.43
CA VAL D 157 32.17 16.23 5.43
C VAL D 157 32.61 16.87 6.73
N VAL D 158 31.75 17.69 7.31
CA VAL D 158 32.05 18.37 8.57
C VAL D 158 31.37 17.60 9.70
N MET D 159 32.16 17.14 10.68
CA MET D 159 31.65 16.33 11.77
C MET D 159 32.07 16.91 13.10
N THR D 160 31.11 17.06 14.00
CA THR D 160 31.35 17.64 15.31
C THR D 160 31.20 16.57 16.39
N ASP D 161 31.99 16.70 17.45
CA ASP D 161 31.92 15.76 18.56
C ASP D 161 32.30 16.50 19.83
N GLY D 162 31.42 16.51 20.81
CA GLY D 162 31.69 17.17 22.06
C GLY D 162 30.44 17.84 22.59
N SER D 163 30.65 18.72 23.57
CA SER D 163 29.55 19.34 24.28
C SER D 163 28.80 20.31 23.38
N ALA D 164 27.48 20.39 23.55
CA ALA D 164 26.69 21.32 22.77
C ALA D 164 26.90 22.76 23.24
N SER D 165 27.17 22.96 24.52
CA SER D 165 27.45 24.28 25.08
C SER D 165 28.85 24.21 25.69
N GLY D 166 29.86 24.42 24.87
CA GLY D 166 31.23 24.32 25.30
C GLY D 166 32.13 24.06 24.11
N LYS D 167 33.39 23.78 24.41
CA LYS D 167 34.36 23.51 23.36
C LYS D 167 34.18 22.09 22.85
N ALA D 168 33.88 21.96 21.56
CA ALA D 168 33.71 20.68 20.91
C ALA D 168 34.71 20.55 19.78
N ASP D 169 35.17 19.33 19.54
CA ASP D 169 36.10 19.07 18.46
C ASP D 169 35.34 18.91 17.15
N THR D 170 35.55 19.82 16.23
CA THR D 170 34.98 19.73 14.90
C THR D 170 36.10 19.40 13.93
N LYS D 171 35.83 18.46 13.02
CA LYS D 171 36.80 18.04 12.04
C LYS D 171 36.17 18.09 10.66
N ILE D 172 37.01 18.26 9.65
CA ILE D 172 36.60 18.20 8.26
C ILE D 172 37.30 17.01 7.66
N LEU D 173 36.52 16.08 7.11
CA LEU D 173 37.01 14.83 6.59
C LEU D 173 36.99 14.90 5.07
N PHE D 174 38.11 14.55 4.46
CA PHE D 174 38.25 14.52 3.01
C PHE D 174 38.27 13.07 2.57
N ILE D 175 37.25 12.69 1.80
CA ILE D 175 36.92 11.32 1.43
C ILE D 175 37.13 11.16 -0.07
N GLU D 176 37.71 10.04 -0.47
CA GLU D 176 37.92 9.72 -1.88
C GLU D 176 37.39 8.33 -2.15
N GLU D 177 36.26 8.25 -2.86
CA GLU D 177 35.61 6.97 -3.18
C GLU D 177 35.27 6.19 -1.92
N GLY D 178 34.81 6.91 -0.89
CA GLY D 178 34.44 6.30 0.37
C GLY D 178 35.55 6.16 1.38
N LYS D 179 36.80 6.23 0.95
CA LYS D 179 37.95 6.13 1.83
C LYS D 179 38.33 7.52 2.33
N ILE D 180 38.57 7.64 3.62
CA ILE D 180 38.96 8.91 4.22
C ILE D 180 40.45 9.13 3.95
N VAL D 181 40.76 10.08 3.08
CA VAL D 181 42.15 10.33 2.78
C VAL D 181 42.75 11.37 3.72
N HIS D 182 41.95 12.29 4.25
CA HIS D 182 42.58 13.26 5.15
C HIS D 182 41.56 13.74 6.17
N THR D 183 42.06 14.31 7.26
CA THR D 183 41.21 14.83 8.32
C THR D 183 41.86 16.07 8.91
N SER D 184 41.19 17.21 8.80
CA SER D 184 41.71 18.47 9.29
C SER D 184 40.89 18.93 10.49
N THR D 185 41.57 19.24 11.58
CA THR D 185 40.88 19.80 12.74
C THR D 185 40.47 21.24 12.44
N LEU D 186 39.33 21.65 12.96
CA LEU D 186 38.82 22.98 12.68
C LEU D 186 39.70 24.03 13.33
N SER D 187 39.95 25.13 12.61
CA SER D 187 40.76 26.22 13.12
C SER D 187 40.21 27.53 12.59
N GLY D 188 40.13 28.52 13.46
CA GLY D 188 39.63 29.82 13.09
C GLY D 188 38.87 30.45 14.24
N SER D 189 37.98 31.38 13.89
CA SER D 189 37.28 32.18 14.88
C SER D 189 35.93 31.61 15.28
N ALA D 190 35.46 30.54 14.63
CA ALA D 190 34.18 29.96 14.98
C ALA D 190 34.36 29.01 16.16
N GLN D 191 33.62 29.25 17.24
CA GLN D 191 33.81 28.48 18.44
C GLN D 191 32.96 27.22 18.48
N HIS D 192 31.67 27.34 18.19
CA HIS D 192 30.78 26.19 18.12
C HIS D 192 30.25 26.06 16.71
N VAL D 193 30.37 24.86 16.14
CA VAL D 193 29.98 24.60 14.77
C VAL D 193 29.16 23.32 14.73
N GLU D 194 27.97 23.40 14.17
CA GLU D 194 27.07 22.26 14.10
C GLU D 194 26.22 22.37 12.85
N GLU D 195 25.77 21.22 12.35
CA GLU D 195 24.73 21.12 11.32
C GLU D 195 24.95 22.12 10.20
N CYS D 196 26.06 21.94 9.49
CA CYS D 196 26.47 22.90 8.48
C CYS D 196 25.76 22.66 7.15
N SER D 197 25.39 23.75 6.50
CA SER D 197 24.87 23.72 5.14
C SER D 197 25.99 24.18 4.21
N CYS D 198 26.53 23.25 3.44
CA CYS D 198 27.72 23.48 2.64
C CYS D 198 27.33 23.59 1.17
N TYR D 199 28.07 24.40 0.44
CA TYR D 199 27.83 24.53 -0.99
C TYR D 199 29.17 24.73 -1.69
N PRO D 200 29.28 24.29 -2.94
CA PRO D 200 30.54 24.44 -3.67
C PRO D 200 30.71 25.86 -4.17
N ARG D 201 31.54 26.62 -3.48
CA ARG D 201 31.96 27.94 -3.94
C ARG D 201 33.31 27.70 -4.58
N TYR D 202 33.30 27.24 -5.82
CA TYR D 202 34.53 26.86 -6.48
C TYR D 202 35.56 27.98 -6.37
N PRO D 203 36.78 27.68 -5.95
CA PRO D 203 37.42 26.38 -5.85
C PRO D 203 37.37 25.66 -4.52
N GLY D 204 36.34 25.88 -3.72
CA GLY D 204 36.32 25.31 -2.41
C GLY D 204 34.90 25.12 -1.97
N VAL D 205 34.73 24.83 -0.70
CA VAL D 205 33.42 24.59 -0.12
C VAL D 205 33.19 25.64 0.94
N ARG D 206 32.00 26.23 0.95
CA ARG D 206 31.65 27.19 1.98
C ARG D 206 30.45 26.67 2.73
N CYS D 207 30.55 26.61 4.05
CA CYS D 207 29.51 26.04 4.90
C CYS D 207 29.03 27.12 5.86
N VAL D 208 27.72 27.23 6.00
CA VAL D 208 27.10 28.09 7.01
C VAL D 208 26.45 27.18 8.03
N CYS D 209 26.89 27.29 9.28
CA CYS D 209 26.59 26.33 10.33
C CYS D 209 25.66 26.98 11.36
N ARG D 210 25.41 26.29 12.47
CA ARG D 210 24.67 26.88 13.58
C ARG D 210 25.59 26.96 14.79
N ASP D 211 25.43 28.04 15.55
CA ASP D 211 26.15 28.22 16.81
C ASP D 211 25.16 27.91 17.93
N ASN D 212 25.34 26.75 18.54
CA ASN D 212 24.39 26.28 19.53
C ASN D 212 24.83 26.64 20.94
N TRP D 213 25.90 27.42 21.07
CA TRP D 213 26.48 27.73 22.38
C TRP D 213 26.39 29.20 22.74
N LYS D 214 26.90 30.11 21.92
CA LYS D 214 27.00 31.49 22.38
C LYS D 214 26.66 32.55 21.33
N GLY D 215 26.07 32.19 20.19
CA GLY D 215 25.80 33.16 19.16
C GLY D 215 24.51 32.88 18.45
N SER D 216 23.87 33.95 17.99
CA SER D 216 22.71 33.85 17.12
C SER D 216 23.04 34.22 15.69
N ASN D 217 24.29 34.53 15.39
CA ASN D 217 24.75 34.65 14.03
C ASN D 217 25.29 33.30 13.56
N ARG D 218 25.43 33.16 12.24
CA ARG D 218 25.83 31.81 11.89
C ARG D 218 27.33 31.75 11.62
N PRO D 219 27.98 30.65 12.00
CA PRO D 219 29.40 30.48 11.64
C PRO D 219 29.56 30.21 10.16
N ILE D 220 30.77 30.46 9.68
CA ILE D 220 31.16 30.20 8.30
C ILE D 220 32.45 29.39 8.32
N VAL D 221 32.47 28.29 7.59
CA VAL D 221 33.64 27.45 7.44
C VAL D 221 34.00 27.42 5.96
N ASP D 222 35.19 27.93 5.63
CA ASP D 222 35.69 27.93 4.28
C ASP D 222 36.74 26.82 4.17
N ILE D 223 36.42 25.79 3.40
CA ILE D 223 37.29 24.65 3.22
C ILE D 223 37.94 24.77 1.86
N ASN D 224 39.27 24.75 1.83
CA ASN D 224 40.02 24.68 0.58
C ASN D 224 40.13 23.21 0.21
N ILE D 225 39.35 22.79 -0.79
CA ILE D 225 39.23 21.38 -1.14
C ILE D 225 40.56 20.78 -1.56
N LYS D 226 41.56 21.63 -1.81
CA LYS D 226 42.83 21.25 -2.40
C LYS D 226 43.97 21.24 -1.39
N ASP D 227 44.19 22.36 -0.72
CA ASP D 227 45.22 22.47 0.31
C ASP D 227 44.75 21.95 1.66
N HIS D 228 43.46 21.63 1.77
CA HIS D 228 42.87 21.12 3.01
C HIS D 228 43.08 22.10 4.16
N SER D 229 42.99 23.39 3.84
CA SER D 229 43.14 24.47 4.81
C SER D 229 41.77 25.04 5.15
N ILE D 230 41.51 25.19 6.45
CA ILE D 230 40.20 25.58 6.95
C ILE D 230 40.28 26.99 7.49
N VAL D 231 39.27 27.80 7.18
CA VAL D 231 39.14 29.14 7.73
C VAL D 231 37.76 29.26 8.36
N SER D 232 37.66 29.97 9.47
CA SER D 232 36.38 30.10 10.16
C SER D 232 36.11 31.55 10.49
N SER D 233 34.84 31.94 10.42
CA SER D 233 34.40 33.29 10.76
C SER D 233 32.91 33.22 11.08
N TYR D 234 32.25 34.36 11.09
CA TYR D 234 30.81 34.41 11.32
C TYR D 234 30.13 35.21 10.22
N VAL D 235 28.85 34.90 9.97
CA VAL D 235 28.09 35.66 8.99
C VAL D 235 27.98 37.09 9.47
N CYS D 236 28.39 38.02 8.62
CA CYS D 236 28.66 39.37 9.08
C CYS D 236 27.41 40.25 9.11
N SER D 237 26.29 39.80 8.57
CA SER D 237 25.12 40.66 8.45
C SER D 237 24.52 41.00 9.81
N GLY D 238 23.97 42.21 9.91
CA GLY D 238 23.36 42.63 11.15
C GLY D 238 22.04 41.96 11.44
N LEU D 239 21.39 41.42 10.42
CA LEU D 239 20.18 40.62 10.59
C LEU D 239 20.57 39.17 10.74
N VAL D 240 20.64 38.68 11.96
CA VAL D 240 21.15 37.34 12.20
C VAL D 240 20.07 36.31 11.91
N GLY D 241 20.51 35.08 11.63
CA GLY D 241 19.61 34.07 11.11
C GLY D 241 19.25 32.94 12.05
N ASP D 242 19.82 32.87 13.25
CA ASP D 242 19.55 31.70 14.09
C ASP D 242 18.30 31.96 14.88
N THR D 243 17.66 30.96 15.45
CA THR D 243 16.47 31.13 16.33
C THR D 243 16.70 30.25 17.54
N PRO D 244 16.75 30.69 18.81
CA PRO D 244 16.34 32.01 19.21
C PRO D 244 17.27 33.16 18.82
N ARG D 245 16.74 34.33 18.52
CA ARG D 245 17.54 35.51 18.16
C ARG D 245 16.84 36.74 18.74
N LYS D 246 17.53 37.88 18.80
CA LYS D 246 16.88 39.14 19.27
C LYS D 246 16.09 39.76 18.13
N ASN D 247 15.21 40.72 18.44
CA ASN D 247 14.39 41.38 17.39
C ASN D 247 15.30 42.18 16.46
N ASP D 248 14.86 42.42 15.22
CA ASP D 248 15.68 43.14 14.22
C ASP D 248 16.28 44.42 14.81
N SER D 249 15.50 45.21 15.55
CA SER D 249 16.01 46.51 16.04
C SER D 249 17.18 46.29 16.99
N SER D 250 17.13 45.27 17.82
CA SER D 250 18.18 45.10 18.83
C SER D 250 19.23 44.08 18.47
N SER D 251 19.22 43.52 17.25
CA SER D 251 20.16 42.42 16.94
C SER D 251 21.51 43.01 16.58
N SER D 252 22.54 42.19 16.62
CA SER D 252 23.88 42.64 16.24
C SER D 252 24.68 41.46 15.73
N SER D 253 25.85 41.69 15.18
CA SER D 253 26.74 40.59 14.76
C SER D 253 28.19 40.99 15.03
N HIS D 254 29.16 40.16 14.65
CA HIS D 254 30.53 40.59 14.91
C HIS D 254 31.47 40.29 13.77
N CYS D 255 31.09 39.43 12.83
CA CYS D 255 31.83 39.18 11.61
C CYS D 255 33.10 38.40 11.91
N LEU D 256 33.43 38.24 13.18
CA LEU D 256 34.51 37.37 13.65
C LEU D 256 34.10 36.48 14.81
N ASP D 257 33.29 36.98 15.73
CA ASP D 257 33.03 36.33 17.01
C ASP D 257 31.54 36.17 17.23
N PRO D 258 31.14 35.28 18.13
CA PRO D 258 29.73 35.23 18.51
C PRO D 258 29.29 36.54 19.10
N ASN D 259 28.04 36.92 18.83
CA ASN D 259 27.54 38.18 19.34
C ASN D 259 27.04 38.09 20.77
N ASN D 260 26.92 36.88 21.29
CA ASN D 260 26.50 36.71 22.70
C ASN D 260 25.10 37.26 22.88
N GLU D 261 24.23 37.03 21.90
CA GLU D 261 22.81 37.45 22.04
C GLU D 261 21.88 36.30 21.80
N GLU D 262 21.03 36.00 22.77
CA GLU D 262 20.09 34.86 22.67
C GLU D 262 20.75 33.75 21.88
N GLY D 263 21.86 33.22 22.39
CA GLY D 263 22.62 32.23 21.63
C GLY D 263 22.53 30.86 22.24
N GLY D 264 21.57 30.66 23.10
CA GLY D 264 21.52 29.38 23.80
C GLY D 264 21.29 28.19 22.91
N HIS D 265 20.32 28.24 22.04
CA HIS D 265 20.05 27.05 21.25
C HIS D 265 20.15 27.48 19.79
N GLY D 266 19.36 26.90 18.91
CA GLY D 266 19.52 27.27 17.50
C GLY D 266 18.60 26.55 16.56
N VAL D 267 18.76 26.76 15.25
CA VAL D 267 18.01 26.02 14.22
C VAL D 267 18.99 25.84 13.09
N LYS D 268 19.07 24.65 12.50
CA LYS D 268 19.86 24.51 11.29
C LYS D 268 19.29 25.37 10.18
N GLY D 269 20.16 26.13 9.52
CA GLY D 269 19.73 27.04 8.48
C GLY D 269 20.79 27.21 7.44
N TRP D 270 20.62 28.19 6.55
CA TRP D 270 21.55 28.38 5.45
C TRP D 270 21.74 29.86 5.19
N ALA D 271 22.72 30.15 4.33
CA ALA D 271 23.03 31.47 3.81
C ALA D 271 24.12 31.30 2.78
N PHE D 272 24.11 32.17 1.77
CA PHE D 272 25.20 32.23 0.82
C PHE D 272 25.37 33.67 0.38
N ASP D 273 26.38 33.92 -0.45
CA ASP D 273 26.79 35.27 -0.77
C ASP D 273 26.66 35.55 -2.25
N ASP D 274 26.17 36.74 -2.57
CA ASP D 274 26.10 37.26 -3.92
C ASP D 274 26.92 38.55 -3.90
N GLY D 275 28.17 38.47 -4.33
CA GLY D 275 29.07 39.60 -4.21
C GLY D 275 29.32 39.96 -2.76
N ASN D 276 28.93 41.17 -2.37
CA ASN D 276 28.96 41.58 -0.98
C ASN D 276 27.66 41.31 -0.26
N ASP D 277 26.56 41.15 -0.98
CA ASP D 277 25.27 40.92 -0.35
C ASP D 277 25.17 39.47 0.10
N VAL D 278 24.28 39.21 1.04
CA VAL D 278 24.07 37.86 1.54
C VAL D 278 22.61 37.47 1.31
N TRP D 279 22.40 36.32 0.69
CA TRP D 279 21.09 35.72 0.58
C TRP D 279 20.91 34.77 1.74
N MET D 280 19.85 34.95 2.51
CA MET D 280 19.67 34.16 3.72
C MET D 280 18.20 33.85 3.93
N GLY D 281 17.97 32.85 4.78
CA GLY D 281 16.63 32.45 5.14
C GLY D 281 16.55 32.12 6.61
N ARG D 282 15.42 32.41 7.24
CA ARG D 282 15.27 32.20 8.67
C ARG D 282 13.79 32.07 8.98
N THR D 283 13.49 31.71 10.23
CA THR D 283 12.10 31.63 10.64
C THR D 283 11.54 33.03 10.86
N ILE D 284 10.23 33.20 10.66
CA ILE D 284 9.61 34.55 10.82
C ILE D 284 9.52 34.86 12.32
N ASN D 285 9.07 33.91 13.13
CA ASN D 285 9.04 34.10 14.60
C ASN D 285 10.49 34.09 15.10
N GLU D 286 10.84 34.99 16.01
CA GLU D 286 12.26 35.12 16.44
C GLU D 286 12.57 34.11 17.56
N THR D 287 11.55 33.45 18.12
CA THR D 287 11.81 32.56 19.24
C THR D 287 11.40 31.13 18.99
N SER D 288 10.28 30.91 18.33
CA SER D 288 9.82 29.58 17.96
C SER D 288 10.07 29.34 16.48
N ARG D 289 10.06 28.08 16.08
CA ARG D 289 10.23 27.72 14.68
C ARG D 289 8.87 27.82 13.98
N LEU D 290 8.42 29.05 13.81
CA LEU D 290 7.14 29.35 13.18
C LEU D 290 7.39 30.26 11.98
N GLY D 291 6.95 29.83 10.81
CA GLY D 291 7.13 30.60 9.60
C GLY D 291 8.51 30.43 9.01
N TYR D 292 8.67 30.97 7.81
CA TYR D 292 9.98 30.95 7.15
C TYR D 292 9.99 31.99 6.04
N GLU D 293 10.99 32.86 6.09
CA GLU D 293 11.18 33.93 5.11
C GLU D 293 12.62 33.92 4.64
N THR D 294 12.82 34.24 3.36
CA THR D 294 14.14 34.44 2.81
C THR D 294 14.24 35.85 2.26
N PHE D 295 15.44 36.42 2.32
CA PHE D 295 15.65 37.77 1.83
C PHE D 295 17.13 37.97 1.53
N LYS D 296 17.47 39.19 1.16
CA LYS D 296 18.82 39.57 0.79
C LYS D 296 19.23 40.78 1.61
N VAL D 297 20.35 40.69 2.30
CA VAL D 297 20.90 41.79 3.07
C VAL D 297 22.02 42.42 2.27
N ILE D 298 21.92 43.72 2.05
CA ILE D 298 22.85 44.44 1.18
C ILE D 298 24.13 44.72 1.95
N GLU D 299 25.27 44.32 1.38
CA GLU D 299 26.55 44.38 2.04
C GLU D 299 26.51 43.62 3.37
N GLY D 300 25.84 42.49 3.37
CA GLY D 300 25.67 41.71 4.58
C GLY D 300 26.73 40.65 4.77
N TRP D 301 27.49 40.35 3.72
CA TRP D 301 28.57 39.40 3.83
C TRP D 301 29.90 40.07 4.16
N SER D 302 29.95 41.39 4.19
CA SER D 302 31.19 42.11 4.42
C SER D 302 31.09 43.14 5.52
N ASN D 303 29.88 43.64 5.79
CA ASN D 303 29.69 44.73 6.74
C ASN D 303 28.69 44.34 7.81
N PRO D 304 29.08 44.27 9.08
CA PRO D 304 28.07 44.23 10.14
C PRO D 304 27.36 45.57 10.22
N LYS D 305 26.40 45.68 11.14
CA LYS D 305 25.61 46.89 11.31
C LYS D 305 24.79 47.23 10.07
N SER D 306 24.62 46.29 9.15
CA SER D 306 23.81 46.49 7.96
C SER D 306 22.49 45.74 8.14
N LYS D 307 21.39 46.46 8.03
CA LYS D 307 20.06 45.89 8.22
C LYS D 307 19.15 46.33 7.07
N LEU D 308 19.65 46.18 5.85
CA LEU D 308 18.95 46.67 4.66
C LEU D 308 18.53 45.46 3.82
N GLN D 309 17.33 44.95 4.07
CA GLN D 309 16.83 43.82 3.30
C GLN D 309 16.40 44.27 1.92
N THR D 310 16.06 43.29 1.09
CA THR D 310 15.57 43.46 -0.25
C THR D 310 15.18 42.08 -0.77
N ASN D 311 14.17 42.03 -1.64
CA ASN D 311 13.73 40.78 -2.25
C ASN D 311 13.28 39.78 -1.20
N ARG D 312 12.50 40.24 -0.23
CA ARG D 312 11.96 39.37 0.79
C ARG D 312 10.86 38.48 0.26
N GLN D 313 10.85 37.23 0.72
CA GLN D 313 9.83 36.27 0.34
C GLN D 313 9.33 35.58 1.60
N VAL D 314 8.06 35.21 1.60
CA VAL D 314 7.48 34.45 2.71
C VAL D 314 7.17 33.05 2.20
N ILE D 315 8.10 32.13 2.41
CA ILE D 315 7.91 30.74 1.99
C ILE D 315 6.88 30.03 2.84
N VAL D 316 6.86 30.17 4.17
CA VAL D 316 5.81 29.57 5.07
C VAL D 316 5.27 30.71 5.91
N ASP D 317 3.99 30.74 6.27
CA ASP D 317 3.37 31.90 6.97
C ASP D 317 3.80 32.02 8.41
N ARG D 318 3.50 33.12 9.07
CA ARG D 318 3.99 33.43 10.44
C ARG D 318 3.45 32.44 11.43
N GLY D 319 2.24 31.96 11.22
CA GLY D 319 1.61 31.07 12.19
C GLY D 319 1.73 29.61 11.86
N ASP D 320 2.38 29.27 10.76
CA ASP D 320 2.58 27.87 10.35
C ASP D 320 3.95 27.38 10.78
N ARG D 321 4.07 26.13 11.18
CA ARG D 321 5.30 25.51 11.71
C ARG D 321 6.34 25.22 10.64
N SER D 322 7.61 25.51 10.92
CA SER D 322 8.76 25.24 10.04
C SER D 322 9.77 24.38 10.82
N GLY D 323 11.05 24.34 10.47
CA GLY D 323 12.08 23.66 11.21
C GLY D 323 13.45 23.80 10.57
N TYR D 324 14.18 22.70 10.48
CA TYR D 324 15.46 22.70 9.80
C TYR D 324 15.30 23.13 8.36
N SER D 325 16.24 23.94 7.88
CA SER D 325 16.31 24.28 6.46
C SER D 325 17.75 24.18 6.00
N GLY D 326 17.93 24.01 4.71
CA GLY D 326 19.27 23.83 4.21
C GLY D 326 19.37 24.14 2.73
N ILE D 327 20.61 24.16 2.24
CA ILE D 327 20.92 24.56 0.89
C ILE D 327 21.43 23.35 0.12
N PHE D 328 21.20 23.36 -1.20
CA PHE D 328 21.84 22.43 -2.10
C PHE D 328 21.97 23.08 -3.46
N SER D 329 23.07 22.78 -4.16
CA SER D 329 23.39 23.42 -5.41
C SER D 329 23.12 22.49 -6.58
N VAL D 330 22.62 23.06 -7.68
CA VAL D 330 22.25 22.31 -8.86
C VAL D 330 23.03 22.87 -10.04
N GLU D 331 23.71 22.00 -10.77
CA GLU D 331 24.51 22.43 -11.91
C GLU D 331 23.58 22.73 -13.09
N GLY D 332 23.58 23.99 -13.53
CA GLY D 332 22.78 24.39 -14.66
C GLY D 332 23.57 24.29 -15.96
N LYS D 333 23.01 24.90 -16.99
CA LYS D 333 23.64 24.84 -18.30
C LYS D 333 24.85 25.76 -18.36
N SER D 334 24.77 26.94 -17.76
CA SER D 334 25.85 27.89 -17.81
C SER D 334 26.28 28.42 -16.45
N CYS D 335 25.65 27.98 -15.36
CA CYS D 335 25.99 28.46 -14.03
C CYS D 335 25.47 27.47 -13.00
N ILE D 336 25.78 27.76 -11.73
CA ILE D 336 25.41 26.90 -10.61
C ILE D 336 24.29 27.59 -9.84
N ASN D 337 23.16 26.90 -9.70
CA ASN D 337 21.99 27.44 -9.04
C ASN D 337 21.95 26.98 -7.59
N ARG D 338 21.37 27.81 -6.73
CA ARG D 338 21.22 27.49 -5.32
C ARG D 338 19.76 27.26 -5.02
N CYS D 339 19.45 26.16 -4.35
CA CYS D 339 18.12 25.85 -3.91
C CYS D 339 18.16 25.63 -2.40
N PHE D 340 17.01 25.75 -1.76
CA PHE D 340 16.91 25.42 -0.35
C PHE D 340 15.67 24.60 -0.10
N TYR D 341 15.70 23.89 1.02
CA TYR D 341 14.56 23.12 1.50
C TYR D 341 14.25 23.55 2.92
N VAL D 342 12.97 23.53 3.28
CA VAL D 342 12.54 23.82 4.68
C VAL D 342 11.85 22.56 5.18
N GLU D 343 12.03 22.17 6.44
CA GLU D 343 11.38 21.01 7.07
C GLU D 343 10.25 21.55 7.91
N LEU D 344 9.02 21.18 7.63
CA LEU D 344 7.83 21.65 8.34
C LEU D 344 7.43 20.61 9.37
N ILE D 345 7.82 20.78 10.63
CA ILE D 345 7.67 19.80 11.71
C ILE D 345 6.26 19.86 12.26
N ARG D 346 5.66 18.71 12.51
CA ARG D 346 4.32 18.62 13.06
C ARG D 346 4.27 17.52 14.11
N GLY D 347 3.73 17.83 15.28
CA GLY D 347 3.48 16.77 16.22
C GLY D 347 3.92 17.13 17.62
N ARG D 348 4.21 16.11 18.39
CA ARG D 348 4.38 16.22 19.84
C ARG D 348 5.55 17.15 20.17
N LYS D 349 5.51 17.66 21.40
CA LYS D 349 6.36 18.65 22.06
C LYS D 349 6.02 20.07 21.61
N GLU D 350 5.17 20.25 20.60
CA GLU D 350 4.64 21.56 20.27
C GLU D 350 3.16 21.54 19.96
N GLU D 351 2.60 20.39 19.60
CA GLU D 351 1.16 20.22 19.38
C GLU D 351 0.79 18.93 20.09
N THR D 352 0.14 19.07 21.25
CA THR D 352 -0.09 17.94 22.14
C THR D 352 -1.40 17.21 21.84
N GLU D 353 -1.93 17.34 20.63
CA GLU D 353 -3.10 16.55 20.25
C GLU D 353 -2.73 15.28 19.49
N VAL D 354 -1.44 14.99 19.33
CA VAL D 354 -0.97 13.75 18.74
C VAL D 354 0.20 13.25 19.56
N LEU D 355 0.49 11.96 19.42
CA LEU D 355 1.57 11.33 20.17
C LEU D 355 2.85 11.19 19.37
N TRP D 356 2.86 11.60 18.11
CA TRP D 356 3.98 11.40 17.21
C TRP D 356 4.61 12.73 16.83
N THR D 357 5.80 12.65 16.24
CA THR D 357 6.47 13.80 15.64
C THR D 357 6.94 13.40 14.25
N SER D 358 6.56 14.16 13.23
CA SER D 358 7.09 13.93 11.87
C SER D 358 7.30 15.26 11.18
N ASN D 359 7.64 15.25 9.91
CA ASN D 359 7.96 16.47 9.15
C ASN D 359 7.49 16.31 7.72
N SER D 360 7.30 17.40 7.01
CA SER D 360 7.05 17.37 5.55
C SER D 360 8.21 18.23 5.03
N ILE D 361 8.38 18.43 3.75
CA ILE D 361 9.45 19.25 3.19
C ILE D 361 8.86 20.14 2.11
N VAL D 362 9.40 21.34 1.96
CA VAL D 362 9.05 22.21 0.85
C VAL D 362 10.33 22.77 0.25
N VAL D 363 10.46 22.70 -1.08
CA VAL D 363 11.72 22.96 -1.76
C VAL D 363 11.54 24.11 -2.73
N PHE D 364 12.47 25.07 -2.67
CA PHE D 364 12.51 26.23 -3.57
C PHE D 364 13.87 26.31 -4.23
N CYS D 365 13.93 26.89 -5.42
CA CYS D 365 15.17 27.10 -6.15
C CYS D 365 15.29 28.53 -6.63
N GLY D 366 16.53 29.01 -6.74
CA GLY D 366 16.75 30.36 -7.17
C GLY D 366 16.39 30.57 -8.62
N THR D 367 16.01 31.80 -8.95
CA THR D 367 15.55 32.12 -10.29
C THR D 367 16.10 33.47 -10.72
N SER D 368 16.38 33.60 -12.01
CA SER D 368 16.74 34.88 -12.60
C SER D 368 15.55 35.61 -13.19
N GLY D 369 14.38 34.98 -13.20
CA GLY D 369 13.17 35.60 -13.66
C GLY D 369 12.42 36.26 -12.54
N THR D 370 11.12 36.42 -12.73
CA THR D 370 10.25 37.06 -11.75
C THR D 370 9.44 36.00 -11.01
N TYR D 371 8.81 36.43 -9.92
CA TYR D 371 8.06 35.52 -9.08
C TYR D 371 6.99 36.31 -8.34
N GLY D 372 6.04 35.59 -7.78
CA GLY D 372 4.96 36.22 -7.05
C GLY D 372 5.03 35.99 -5.55
N THR D 373 3.88 35.97 -4.90
CA THR D 373 3.80 35.71 -3.48
C THR D 373 2.99 34.44 -3.25
N GLY D 374 3.06 33.93 -2.03
CA GLY D 374 2.34 32.73 -1.67
C GLY D 374 2.72 32.29 -0.27
N SER D 375 2.20 31.12 0.08
CA SER D 375 2.57 30.48 1.34
C SER D 375 2.23 29.01 1.21
N TRP D 376 3.17 28.13 1.55
CA TRP D 376 3.02 26.70 1.33
C TRP D 376 3.28 25.98 2.65
N PRO D 377 2.29 25.95 3.53
CA PRO D 377 2.46 25.30 4.83
C PRO D 377 2.41 23.79 4.66
N ASP D 378 2.37 23.04 5.77
CA ASP D 378 2.21 21.57 5.63
C ASP D 378 0.76 21.26 5.31
N GLY D 379 -0.19 21.82 6.05
CA GLY D 379 -1.59 21.65 5.72
C GLY D 379 -2.30 20.55 6.42
N ALA D 380 -1.60 19.81 7.26
CA ALA D 380 -2.20 18.65 7.92
C ALA D 380 -3.12 19.18 9.00
N ASP D 381 -4.26 18.55 9.22
CA ASP D 381 -5.11 18.96 10.35
C ASP D 381 -4.98 17.88 11.41
N LEU D 382 -4.31 18.17 12.52
CA LEU D 382 -3.99 17.14 13.53
C LEU D 382 -5.17 16.93 14.47
N ASN D 383 -6.16 17.81 14.47
CA ASN D 383 -7.35 17.57 15.27
C ASN D 383 -8.15 16.37 14.76
N LEU D 384 -8.00 16.03 13.49
CA LEU D 384 -8.74 14.92 12.91
C LEU D 384 -7.89 13.70 12.64
N MET D 385 -6.58 13.85 12.54
CA MET D 385 -5.72 12.71 12.27
C MET D 385 -5.69 11.77 13.46
N PRO D 386 -5.39 10.49 13.23
CA PRO D 386 -5.23 9.56 14.35
C PRO D 386 -4.10 9.98 15.27
N ILE D 387 -4.30 9.76 16.57
CA ILE D 387 -3.34 10.14 17.59
C ILE D 387 -2.05 9.34 17.45
N GLU E 1 7.58 -3.32 28.82
CA GLU E 1 7.31 -2.08 29.56
C GLU E 1 8.56 -1.59 30.27
N VAL E 2 8.83 -0.29 30.16
CA VAL E 2 9.95 0.30 30.88
C VAL E 2 9.60 0.36 32.36
N GLN E 3 10.57 0.04 33.21
CA GLN E 3 10.39 0.20 34.63
C GLN E 3 11.73 0.41 35.30
N LEU E 4 11.70 1.08 36.44
CA LEU E 4 12.86 1.28 37.30
C LEU E 4 12.53 0.71 38.67
N VAL E 5 13.42 -0.11 39.22
CA VAL E 5 13.20 -0.72 40.53
C VAL E 5 14.39 -0.40 41.41
N GLU E 6 14.15 0.29 42.52
CA GLU E 6 15.18 0.57 43.49
C GLU E 6 15.22 -0.51 44.57
N SER E 7 16.40 -0.73 45.13
CA SER E 7 16.56 -1.70 46.19
C SER E 7 17.81 -1.35 47.00
N GLY E 8 17.80 -1.69 48.27
CA GLY E 8 18.97 -1.43 49.11
C GLY E 8 18.60 -0.57 50.29
N GLY E 9 17.35 -0.13 50.36
CA GLY E 9 16.99 0.78 51.46
C GLY E 9 16.90 0.06 52.77
N GLY E 10 17.52 0.58 53.81
CA GLY E 10 17.53 -0.18 55.08
C GLY E 10 17.89 0.69 56.25
N LEU E 11 17.82 0.17 57.46
CA LEU E 11 18.28 0.95 58.63
C LEU E 11 19.80 1.09 58.50
N VAL E 12 20.35 2.25 58.81
CA VAL E 12 21.83 2.42 58.85
C VAL E 12 22.12 3.21 60.12
N GLN E 13 23.04 2.79 60.95
CA GLN E 13 23.38 3.63 62.13
C GLN E 13 24.18 4.82 61.64
N PRO E 14 24.21 5.96 62.32
CA PRO E 14 24.88 7.11 61.77
C PRO E 14 26.37 6.82 61.57
N GLY E 15 26.95 7.42 60.54
CA GLY E 15 28.38 7.21 60.25
C GLY E 15 28.58 6.00 59.40
N GLY E 16 27.50 5.36 58.97
CA GLY E 16 27.63 4.10 58.24
C GLY E 16 27.72 4.24 56.74
N SER E 17 27.55 3.13 56.05
CA SER E 17 27.54 3.16 54.58
C SER E 17 26.39 2.32 54.08
N LEU E 18 25.92 2.62 52.89
CA LEU E 18 24.87 1.87 52.22
C LEU E 18 25.13 1.94 50.72
N ARG E 19 24.54 1.01 49.97
CA ARG E 19 24.65 1.03 48.52
C ARG E 19 23.28 0.72 47.92
N LEU E 20 22.66 1.72 47.31
CA LEU E 20 21.38 1.55 46.64
C LEU E 20 21.58 1.21 45.17
N SER E 21 20.67 0.40 44.64
CA SER E 21 20.75 -0.04 43.25
C SER E 21 19.41 0.17 42.58
N CYS E 22 19.42 0.81 41.42
CA CYS E 22 18.25 0.96 40.57
C CYS E 22 18.45 0.13 39.32
N ALA E 23 17.56 -0.83 39.10
CA ALA E 23 17.61 -1.72 37.95
C ALA E 23 16.60 -1.26 36.93
N ALA E 24 17.03 -1.16 35.68
CA ALA E 24 16.21 -0.62 34.60
C ALA E 24 15.84 -1.72 33.62
N SER E 25 14.57 -1.71 33.20
CA SER E 25 14.09 -2.69 32.23
C SER E 25 13.36 -1.97 31.12
N GLY E 26 13.63 -2.36 29.89
CA GLY E 26 12.96 -1.79 28.74
C GLY E 26 13.73 -0.72 28.01
N PHE E 27 14.92 -0.36 28.48
CA PHE E 27 15.73 0.64 27.81
C PHE E 27 17.18 0.50 28.25
N SER E 28 18.05 1.23 27.59
CA SER E 28 19.48 1.18 27.87
C SER E 28 19.95 2.51 28.46
N PHE E 29 20.84 2.44 29.44
CA PHE E 29 21.45 3.62 30.00
C PHE E 29 22.38 4.32 29.03
N THR E 30 22.72 3.70 27.91
CA THR E 30 23.64 4.29 26.96
C THR E 30 23.05 5.42 26.16
N THR E 31 21.76 5.73 26.36
CA THR E 31 21.11 6.84 25.67
C THR E 31 20.30 7.75 26.59
N TYR E 32 20.23 7.47 27.88
CA TYR E 32 19.39 8.21 28.81
C TYR E 32 20.21 8.74 29.97
N GLU E 33 19.79 9.90 30.48
CA GLU E 33 20.49 10.56 31.60
C GLU E 33 19.77 10.08 32.86
N MET E 34 20.45 9.65 33.91
CA MET E 34 19.86 9.04 35.09
C MET E 34 20.09 9.88 36.32
N ASN E 35 19.09 9.91 37.20
CA ASN E 35 19.10 10.83 38.33
C ASN E 35 18.75 10.09 39.61
N TRP E 36 19.36 10.53 40.71
CA TRP E 36 18.95 10.15 42.06
C TRP E 36 18.31 11.37 42.71
N VAL E 37 17.08 11.20 43.20
CA VAL E 37 16.28 12.25 43.82
C VAL E 37 15.76 11.70 45.14
N ARG E 38 15.81 12.52 46.18
CA ARG E 38 15.38 12.05 47.50
C ARG E 38 14.32 12.98 48.08
N GLN E 39 13.46 12.41 48.90
CA GLN E 39 12.46 13.16 49.66
C GLN E 39 12.64 12.80 51.14
N ALA E 40 13.14 13.76 51.91
CA ALA E 40 13.20 13.59 53.35
C ALA E 40 11.78 13.67 53.91
N PRO E 41 11.50 13.03 55.04
CA PRO E 41 10.11 12.99 55.52
C PRO E 41 9.66 14.34 56.07
N GLY E 42 8.63 14.90 55.44
CA GLY E 42 8.13 16.20 55.81
C GLY E 42 8.72 17.36 55.04
N LYS E 43 9.58 17.09 54.05
CA LYS E 43 10.11 18.14 53.19
C LYS E 43 9.89 17.76 51.74
N GLY E 44 10.23 18.68 50.83
CA GLY E 44 9.99 18.48 49.42
C GLY E 44 11.04 17.64 48.74
N LEU E 45 10.87 17.46 47.44
CA LEU E 45 11.82 16.71 46.64
C LEU E 45 13.16 17.44 46.57
N GLU E 46 14.23 16.68 46.55
CA GLU E 46 15.58 17.23 46.43
C GLU E 46 16.37 16.41 45.43
N TRP E 47 17.03 17.10 44.51
CA TRP E 47 17.79 16.46 43.44
C TRP E 47 19.18 16.10 43.97
N VAL E 48 19.44 14.80 44.12
CA VAL E 48 20.68 14.35 44.73
C VAL E 48 21.82 14.33 43.73
N SER E 49 21.65 13.65 42.60
CA SER E 49 22.74 13.58 41.64
C SER E 49 22.20 13.28 40.26
N HIS E 50 23.04 13.53 39.26
CA HIS E 50 22.69 13.37 37.85
C HIS E 50 23.89 12.81 37.11
N ILE E 51 23.67 11.82 36.25
CA ILE E 51 24.71 11.23 35.43
C ILE E 51 24.25 11.24 33.97
N SER E 52 25.18 11.52 33.07
CA SER E 52 24.87 11.60 31.65
C SER E 52 24.74 10.20 31.06
N SER E 53 24.17 10.12 29.85
CA SER E 53 24.19 8.88 29.12
C SER E 53 25.60 8.48 28.74
N ARG E 54 26.48 9.47 28.57
CA ARG E 54 27.90 9.30 28.21
C ARG E 54 28.72 8.98 29.46
N GLY E 55 28.12 8.85 30.64
CA GLY E 55 28.83 8.36 31.82
C GLY E 55 29.45 9.36 32.76
N LEU E 56 29.20 10.65 32.58
CA LEU E 56 29.82 11.69 33.42
C LEU E 56 28.85 12.07 34.53
N VAL E 57 29.30 12.23 35.76
CA VAL E 57 28.42 12.71 36.86
C VAL E 57 28.45 14.23 36.77
N ILE E 58 27.45 14.78 36.14
CA ILE E 58 27.35 16.24 35.90
C ILE E 58 27.12 17.01 37.19
N TYR E 59 26.35 16.48 38.17
CA TYR E 59 26.04 17.26 39.39
C TYR E 59 25.93 16.40 40.63
N TYR E 60 26.33 16.89 41.81
CA TYR E 60 26.09 16.22 43.12
C TYR E 60 25.56 17.32 44.03
N ALA E 61 24.56 17.08 44.85
CA ALA E 61 23.96 18.14 45.68
C ALA E 61 25.01 18.57 46.68
N ASP E 62 24.94 19.78 47.22
CA ASP E 62 26.06 20.24 48.07
C ASP E 62 26.24 19.34 49.28
N SER E 63 25.18 18.90 49.93
CA SER E 63 25.30 18.09 51.16
C SER E 63 25.95 16.77 50.80
N VAL E 64 25.47 16.13 49.75
CA VAL E 64 25.95 14.79 49.34
C VAL E 64 27.37 14.90 48.81
N LYS E 65 27.75 16.05 48.27
CA LYS E 65 29.08 16.20 47.63
C LYS E 65 30.19 15.80 48.59
N GLY E 66 30.96 14.79 48.21
CA GLY E 66 32.05 14.30 49.01
C GLY E 66 31.71 13.06 49.80
N ARG E 67 30.43 12.74 49.94
CA ARG E 67 30.05 11.57 50.75
C ARG E 67 29.39 10.52 49.87
N PHE E 68 28.66 10.94 48.85
CA PHE E 68 27.99 9.97 47.99
C PHE E 68 28.78 9.79 46.70
N THR E 69 28.72 8.59 46.14
CA THR E 69 29.34 8.30 44.86
C THR E 69 28.32 7.61 43.97
N MET E 70 28.03 8.21 42.81
CA MET E 70 27.03 7.66 41.92
C MET E 70 27.69 7.07 40.69
N SER E 71 27.30 5.84 40.33
CA SER E 71 27.95 5.14 39.24
C SER E 71 26.90 4.34 38.47
N ARG E 72 27.32 3.70 37.40
CA ARG E 72 26.40 2.91 36.60
C ARG E 72 27.13 1.78 35.89
N ASP E 73 26.45 0.65 35.75
CA ASP E 73 26.93 -0.48 34.96
C ASP E 73 26.05 -0.57 33.73
N THR E 74 26.65 -0.38 32.56
CA THR E 74 25.90 -0.39 31.30
C THR E 74 25.82 -1.77 30.68
N ALA E 75 26.35 -2.79 31.35
CA ALA E 75 26.17 -4.17 30.92
C ALA E 75 24.93 -4.79 31.56
N LYS E 76 24.75 -4.60 32.86
CA LYS E 76 23.55 -5.05 33.55
C LYS E 76 22.46 -4.00 33.59
N ASN E 77 22.70 -2.80 33.08
CA ASN E 77 21.75 -1.68 33.15
C ASN E 77 21.36 -1.39 34.59
N SER E 78 22.35 -1.05 35.40
CA SER E 78 22.10 -0.77 36.81
C SER E 78 22.72 0.56 37.18
N LEU E 79 22.11 1.24 38.14
CA LEU E 79 22.57 2.50 38.67
C LEU E 79 22.83 2.33 40.16
N TYR E 80 23.94 2.89 40.64
CA TYR E 80 24.34 2.64 42.01
C TYR E 80 24.57 3.96 42.72
N LEU E 81 24.24 3.98 44.01
CA LEU E 81 24.54 5.09 44.90
C LEU E 81 25.25 4.52 46.12
N GLN E 82 26.56 4.77 46.21
CA GLN E 82 27.35 4.40 47.38
C GLN E 82 27.33 5.57 48.34
N MET E 83 26.56 5.45 49.41
CA MET E 83 26.45 6.50 50.41
C MET E 83 27.38 6.18 51.57
N ASP E 84 28.29 7.11 51.87
CA ASP E 84 29.24 6.96 52.96
C ASP E 84 29.05 8.07 53.97
N SER E 85 29.30 7.76 55.22
CA SER E 85 29.15 8.69 56.34
C SER E 85 27.73 9.25 56.39
N LEU E 86 26.77 8.34 56.51
CA LEU E 86 25.36 8.73 56.50
C LEU E 86 25.01 9.44 57.80
N THR E 87 24.41 10.62 57.69
CA THR E 87 23.93 11.36 58.84
C THR E 87 22.40 11.22 58.94
N VAL E 88 21.86 11.68 60.07
CA VAL E 88 20.42 11.56 60.29
C VAL E 88 19.60 12.41 59.33
N ALA E 89 20.19 13.45 58.75
CA ALA E 89 19.47 14.24 57.77
C ALA E 89 19.28 13.50 56.46
N ASP E 90 20.03 12.43 56.24
CA ASP E 90 19.94 11.68 54.99
C ASP E 90 18.85 10.62 55.01
N THR E 91 18.10 10.48 56.09
CA THR E 91 16.94 9.60 56.07
C THR E 91 15.90 10.15 55.10
N ALA E 92 15.51 9.34 54.13
CA ALA E 92 14.66 9.81 53.05
C ALA E 92 14.19 8.64 52.19
N VAL E 93 13.25 8.93 51.31
CA VAL E 93 12.84 8.01 50.26
C VAL E 93 13.63 8.37 49.01
N TYR E 94 14.30 7.40 48.42
CA TYR E 94 15.16 7.62 47.28
C TYR E 94 14.51 7.10 46.00
N TYR E 95 14.78 7.78 44.91
CA TYR E 95 14.06 7.67 43.66
C TYR E 95 15.07 7.72 42.54
N CYS E 96 15.06 6.73 41.66
CA CYS E 96 15.83 6.84 40.44
C CYS E 96 14.91 7.29 39.31
N ALA E 97 15.34 8.31 38.59
CA ALA E 97 14.54 8.91 37.54
C ALA E 97 15.36 8.99 36.25
N ARG E 98 14.68 9.26 35.14
CA ARG E 98 15.30 9.21 33.82
C ARG E 98 14.85 10.41 33.00
N HIS E 99 15.80 11.11 32.38
CA HIS E 99 15.45 12.11 31.39
C HIS E 99 16.40 12.02 30.21
N TYR E 100 16.23 12.93 29.25
CA TYR E 100 16.86 12.81 27.94
C TYR E 100 17.56 14.11 27.57
N PHE E 101 18.65 13.98 26.82
CA PHE E 101 19.30 15.11 26.19
C PHE E 101 19.17 14.98 24.68
N ASP E 102 18.38 15.86 24.08
CA ASP E 102 18.14 15.83 22.66
C ASP E 102 19.15 16.74 21.96
N ARG E 103 19.65 16.32 20.81
CA ARG E 103 20.60 17.15 20.08
C ARG E 103 19.97 18.46 19.64
N ASP E 104 18.70 18.43 19.23
CA ASP E 104 18.04 19.60 18.68
C ASP E 104 17.49 20.49 19.80
N TRP E 105 16.70 19.90 20.69
CA TRP E 105 16.01 20.70 21.69
C TRP E 105 16.77 20.80 23.01
N GLY E 106 17.44 19.74 23.41
CA GLY E 106 18.20 19.74 24.64
C GLY E 106 17.59 18.85 25.70
N TYR E 107 17.88 19.19 26.95
CA TYR E 107 17.39 18.42 28.08
C TYR E 107 15.86 18.44 28.10
N SER E 108 15.26 17.33 28.52
CA SER E 108 13.82 17.17 28.42
C SER E 108 13.13 17.20 29.77
N GLY E 109 13.47 16.29 30.68
CA GLY E 109 12.76 16.26 31.94
C GLY E 109 12.36 14.87 32.37
N MET E 110 12.41 14.63 33.67
CA MET E 110 12.31 13.29 34.22
C MET E 110 10.91 12.72 34.02
N ASP E 111 10.77 11.79 33.08
CA ASP E 111 9.47 11.22 32.76
C ASP E 111 9.25 9.83 33.33
N LEU E 112 10.31 9.10 33.66
CA LEU E 112 10.20 7.77 34.22
C LEU E 112 10.75 7.77 35.64
N TRP E 113 9.98 7.24 36.57
CA TRP E 113 10.35 7.23 37.97
C TRP E 113 10.23 5.83 38.53
N GLY E 114 11.02 5.54 39.54
CA GLY E 114 10.98 4.25 40.21
C GLY E 114 9.96 4.22 41.32
N GLN E 115 9.85 3.04 41.94
CA GLN E 115 8.97 2.89 43.10
C GLN E 115 9.49 3.70 44.27
N GLY E 116 10.77 3.58 44.57
CA GLY E 116 11.38 4.27 45.69
C GLY E 116 11.85 3.28 46.74
N THR E 117 12.89 3.68 47.46
CA THR E 117 13.44 2.83 48.53
C THR E 117 13.72 3.72 49.73
N THR E 118 13.36 3.25 50.91
CA THR E 118 13.47 4.07 52.11
C THR E 118 14.79 3.79 52.81
N VAL E 119 15.53 4.85 53.12
CA VAL E 119 16.79 4.75 53.86
C VAL E 119 16.62 5.55 55.14
N THR E 120 16.70 4.87 56.28
CA THR E 120 16.45 5.49 57.58
C THR E 120 17.68 5.33 58.47
N VAL E 121 18.14 6.44 59.03
CA VAL E 121 19.27 6.44 59.94
C VAL E 121 18.74 6.43 61.37
N SER E 122 19.19 5.47 62.17
CA SER E 122 18.64 5.25 63.49
C SER E 122 19.74 5.34 64.53
N SER E 123 19.41 5.96 65.67
CA SER E 123 20.31 6.11 66.81
C SER E 123 21.64 6.72 66.41
N GLU F 1 -28.75 1.86 -8.24
CA GLU F 1 -29.40 0.56 -8.06
C GLU F 1 -30.06 0.10 -9.36
N VAL F 2 -29.84 -1.17 -9.72
CA VAL F 2 -30.49 -1.72 -10.89
C VAL F 2 -31.97 -1.91 -10.59
N GLN F 3 -32.82 -1.59 -11.56
CA GLN F 3 -34.24 -1.87 -11.42
C GLN F 3 -34.86 -2.03 -12.79
N LEU F 4 -35.94 -2.78 -12.84
CA LEU F 4 -36.77 -2.95 -14.02
C LEU F 4 -38.18 -2.51 -13.69
N VAL F 5 -38.77 -1.67 -14.53
CA VAL F 5 -40.12 -1.18 -14.30
C VAL F 5 -40.96 -1.46 -15.54
N GLU F 6 -41.93 -2.36 -15.39
CA GLU F 6 -42.81 -2.69 -16.52
C GLU F 6 -43.99 -1.73 -16.50
N SER F 7 -44.47 -1.33 -17.68
CA SER F 7 -45.64 -0.42 -17.78
C SER F 7 -46.48 -0.81 -18.97
N GLY F 8 -47.74 -0.42 -18.99
CA GLY F 8 -48.60 -0.67 -20.15
C GLY F 8 -49.66 -1.71 -19.89
N GLY F 9 -49.71 -2.25 -18.68
CA GLY F 9 -50.80 -3.22 -18.41
C GLY F 9 -52.16 -2.55 -18.36
N GLY F 10 -53.14 -3.13 -19.02
CA GLY F 10 -54.45 -2.45 -19.08
C GLY F 10 -55.54 -3.40 -19.49
N LEU F 11 -56.80 -2.97 -19.42
CA LEU F 11 -57.88 -3.84 -19.96
C LEU F 11 -57.77 -3.82 -21.49
N VAL F 12 -57.96 -4.96 -22.14
CA VAL F 12 -57.99 -5.01 -23.62
C VAL F 12 -59.18 -5.88 -24.00
N GLN F 13 -60.04 -5.44 -24.90
CA GLN F 13 -61.14 -6.33 -25.36
C GLN F 13 -60.52 -7.39 -26.25
N PRO F 14 -61.08 -8.58 -26.42
CA PRO F 14 -60.40 -9.59 -27.19
C PRO F 14 -60.17 -9.13 -28.63
N GLY F 15 -59.07 -9.56 -29.22
CA GLY F 15 -58.73 -9.16 -30.60
C GLY F 15 -57.93 -7.89 -30.63
N GLY F 16 -57.55 -7.37 -29.47
CA GLY F 16 -56.88 -6.06 -29.43
C GLY F 16 -55.36 -6.09 -29.47
N SER F 17 -54.74 -4.97 -29.14
CA SER F 17 -53.26 -4.89 -29.08
C SER F 17 -52.88 -4.08 -27.85
N LEU F 18 -51.81 -4.47 -27.16
CA LEU F 18 -51.29 -3.65 -26.05
C LEU F 18 -49.79 -3.71 -26.22
N ARG F 19 -49.06 -2.66 -25.88
CA ARG F 19 -47.60 -2.72 -25.91
C ARG F 19 -47.11 -2.58 -24.48
N LEU F 20 -46.39 -3.57 -23.97
CA LEU F 20 -45.80 -3.49 -22.61
C LEU F 20 -44.41 -2.93 -22.78
N SER F 21 -43.93 -2.11 -21.86
CA SER F 21 -42.57 -1.52 -21.95
C SER F 21 -41.86 -1.84 -20.65
N CYS F 22 -40.58 -2.19 -20.68
CA CYS F 22 -39.85 -2.43 -19.43
C CYS F 22 -38.65 -1.53 -19.48
N ALA F 23 -38.59 -0.60 -18.56
CA ALA F 23 -37.49 0.35 -18.55
C ALA F 23 -36.48 -0.14 -17.55
N ALA F 24 -35.24 -0.13 -17.98
CA ALA F 24 -34.15 -0.64 -17.16
C ALA F 24 -33.26 0.50 -16.69
N SER F 25 -32.86 0.43 -15.43
CA SER F 25 -31.99 1.44 -14.86
C SER F 25 -30.83 0.75 -14.15
N GLY F 26 -29.63 1.25 -14.36
CA GLY F 26 -28.45 0.72 -13.71
C GLY F 26 -27.63 -0.24 -14.52
N PHE F 27 -28.05 -0.55 -15.75
CA PHE F 27 -27.30 -1.45 -16.61
C PHE F 27 -27.72 -1.24 -18.05
N SER F 28 -26.99 -1.85 -18.95
CA SER F 28 -27.24 -1.74 -20.38
C SER F 28 -27.73 -3.07 -20.95
N PHE F 29 -28.69 -3.00 -21.86
CA PHE F 29 -29.15 -4.19 -22.56
C PHE F 29 -28.11 -4.75 -23.52
N THR F 30 -27.03 -4.02 -23.78
CA THR F 30 -26.03 -4.48 -24.72
C THR F 30 -25.16 -5.58 -24.18
N THR F 31 -25.36 -6.00 -22.93
CA THR F 31 -24.61 -7.09 -22.32
C THR F 31 -25.46 -8.12 -21.61
N TYR F 32 -26.78 -7.95 -21.56
CA TYR F 32 -27.67 -8.81 -20.79
C TYR F 32 -28.78 -9.35 -21.67
N GLU F 33 -29.20 -10.58 -21.37
CA GLU F 33 -30.30 -11.23 -22.05
C GLU F 33 -31.59 -10.88 -21.33
N MET F 34 -32.63 -10.52 -22.08
CA MET F 34 -33.86 -10.03 -21.47
C MET F 34 -35.03 -10.95 -21.79
N ASN F 35 -35.92 -11.12 -20.81
CA ASN F 35 -36.98 -12.10 -20.91
C ASN F 35 -38.32 -11.47 -20.54
N TRP F 36 -39.37 -11.96 -21.21
CA TRP F 36 -40.74 -11.71 -20.81
C TRP F 36 -41.32 -13.01 -20.26
N VAL F 37 -41.84 -12.95 -19.04
CA VAL F 37 -42.41 -14.09 -18.33
C VAL F 37 -43.77 -13.69 -17.80
N ARG F 38 -44.76 -14.57 -17.94
CA ARG F 38 -46.10 -14.23 -17.50
C ARG F 38 -46.64 -15.27 -16.53
N GLN F 39 -47.52 -14.81 -15.65
CA GLN F 39 -48.25 -15.68 -14.72
C GLN F 39 -49.73 -15.42 -14.91
N ALA F 40 -50.42 -16.39 -15.49
CA ALA F 40 -51.87 -16.32 -15.58
C ALA F 40 -52.46 -16.54 -14.19
N PRO F 41 -53.64 -16.00 -13.89
CA PRO F 41 -54.14 -16.10 -12.51
C PRO F 41 -54.61 -17.50 -12.16
N GLY F 42 -53.96 -18.09 -11.16
CA GLY F 42 -54.24 -19.45 -10.76
C GLY F 42 -53.37 -20.50 -11.41
N LYS F 43 -52.40 -20.11 -12.22
CA LYS F 43 -51.45 -21.06 -12.80
C LYS F 43 -50.03 -20.59 -12.52
N GLY F 44 -49.06 -21.40 -12.90
CA GLY F 44 -47.66 -21.13 -12.60
C GLY F 44 -47.03 -20.17 -13.59
N LEU F 45 -45.74 -19.91 -13.37
CA LEU F 45 -44.98 -19.04 -14.24
C LEU F 45 -44.84 -19.68 -15.62
N GLU F 46 -44.84 -18.84 -16.66
CA GLU F 46 -44.66 -19.28 -18.02
C GLU F 46 -43.71 -18.34 -18.74
N TRP F 47 -42.73 -18.92 -19.42
CA TRP F 47 -41.70 -18.15 -20.11
C TRP F 47 -42.22 -17.74 -21.47
N VAL F 48 -42.45 -16.44 -21.66
CA VAL F 48 -43.08 -15.95 -22.87
C VAL F 48 -42.06 -15.78 -24.00
N SER F 49 -40.99 -15.04 -23.76
CA SER F 49 -40.00 -14.84 -24.81
C SER F 49 -38.66 -14.46 -24.21
N HIS F 50 -37.63 -14.59 -25.04
CA HIS F 50 -36.25 -14.35 -24.65
C HIS F 50 -35.52 -13.66 -25.79
N ILE F 51 -34.73 -12.63 -25.48
CA ILE F 51 -33.93 -11.91 -26.46
C ILE F 51 -32.50 -11.85 -25.96
N SER F 52 -31.56 -11.99 -26.89
CA SER F 52 -30.15 -11.99 -26.55
C SER F 52 -29.67 -10.57 -26.32
N SER F 53 -28.39 -10.47 -25.95
CA SER F 53 -27.75 -9.15 -25.73
C SER F 53 -27.29 -8.67 -27.09
N ARG F 54 -27.22 -9.56 -28.06
CA ARG F 54 -26.79 -9.26 -29.44
C ARG F 54 -28.05 -8.92 -30.23
N GLY F 55 -29.23 -8.95 -29.62
CA GLY F 55 -30.45 -8.46 -30.27
C GLY F 55 -31.30 -9.48 -30.99
N LEU F 56 -31.02 -10.76 -30.83
CA LEU F 56 -31.78 -11.81 -31.54
C LEU F 56 -32.86 -12.35 -30.63
N VAL F 57 -34.08 -12.54 -31.11
CA VAL F 57 -35.14 -13.20 -30.29
C VAL F 57 -34.87 -14.69 -30.44
N ILE F 58 -34.39 -15.30 -29.37
CA ILE F 58 -33.98 -16.74 -29.35
C ILE F 58 -35.21 -17.63 -29.24
N TYR F 59 -36.24 -17.17 -28.55
CA TYR F 59 -37.42 -18.06 -28.32
C TYR F 59 -38.72 -17.30 -28.18
N TYR F 60 -39.85 -17.84 -28.66
CA TYR F 60 -41.20 -17.28 -28.40
C TYR F 60 -42.05 -18.49 -27.99
N ALA F 61 -42.89 -18.38 -26.97
CA ALA F 61 -43.66 -19.55 -26.49
C ALA F 61 -44.61 -19.97 -27.60
N ASP F 62 -45.01 -21.22 -27.66
CA ASP F 62 -45.80 -21.65 -28.84
C ASP F 62 -47.10 -20.86 -28.95
N SER F 63 -47.78 -20.61 -27.85
CA SER F 63 -49.08 -19.90 -27.88
C SER F 63 -48.86 -18.49 -28.38
N VAL F 64 -47.82 -17.84 -27.88
CA VAL F 64 -47.59 -16.42 -28.21
C VAL F 64 -46.95 -16.34 -29.58
N LYS F 65 -46.50 -17.47 -30.12
CA LYS F 65 -45.77 -17.35 -31.37
C LYS F 65 -46.70 -16.95 -32.51
N GLY F 66 -46.31 -15.93 -33.24
CA GLY F 66 -47.12 -15.42 -34.33
C GLY F 66 -48.01 -14.27 -33.93
N ARG F 67 -48.18 -14.03 -32.63
CA ARG F 67 -49.08 -12.93 -32.22
C ARG F 67 -48.28 -11.89 -31.47
N PHE F 68 -47.27 -12.30 -30.72
CA PHE F 68 -46.50 -11.32 -29.96
C PHE F 68 -45.20 -11.00 -30.70
N THR F 69 -44.73 -9.77 -30.55
CA THR F 69 -43.46 -9.34 -31.12
C THR F 69 -42.65 -8.67 -30.02
N MET F 70 -41.46 -9.20 -29.76
CA MET F 70 -40.63 -8.65 -28.70
C MET F 70 -39.43 -7.93 -29.27
N SER F 71 -39.17 -6.72 -28.80
CA SER F 71 -38.12 -5.90 -29.37
C SER F 71 -37.44 -5.13 -28.26
N ARG F 72 -36.40 -4.38 -28.61
CA ARG F 72 -35.68 -3.60 -27.62
C ARG F 72 -35.04 -2.37 -28.25
N ASP F 73 -35.00 -1.28 -27.50
CA ASP F 73 -34.28 -0.07 -27.88
C ASP F 73 -33.09 0.05 -26.96
N THR F 74 -31.88 -0.02 -27.53
CA THR F 74 -30.66 0.03 -26.76
C THR F 74 -30.13 1.44 -26.59
N ALA F 75 -30.87 2.44 -27.07
CA ALA F 75 -30.54 3.83 -26.77
C ALA F 75 -31.24 4.32 -25.51
N LYS F 76 -32.52 4.02 -25.37
CA LYS F 76 -33.28 4.34 -24.17
C LYS F 76 -33.27 3.22 -23.14
N ASN F 77 -32.66 2.07 -23.46
CA ASN F 77 -32.67 0.91 -22.59
C ASN F 77 -34.09 0.48 -22.25
N SER F 78 -34.86 0.15 -23.29
CA SER F 78 -36.24 -0.24 -23.09
C SER F 78 -36.51 -1.55 -23.81
N LEU F 79 -37.42 -2.34 -23.26
CA LEU F 79 -37.85 -3.60 -23.82
C LEU F 79 -39.34 -3.52 -24.10
N TYR F 80 -39.75 -4.03 -25.26
CA TYR F 80 -41.14 -3.86 -25.68
C TYR F 80 -41.75 -5.20 -26.02
N LEU F 81 -43.04 -5.33 -25.71
CA LEU F 81 -43.84 -6.48 -26.11
C LEU F 81 -45.08 -5.95 -26.81
N GLN F 82 -45.13 -6.13 -28.13
CA GLN F 82 -46.30 -5.78 -28.94
C GLN F 82 -47.18 -7.02 -29.02
N MET F 83 -48.27 -7.02 -28.27
CA MET F 83 -49.19 -8.14 -28.25
C MET F 83 -50.36 -7.85 -29.18
N ASP F 84 -50.57 -8.73 -30.15
CA ASP F 84 -51.64 -8.59 -31.12
C ASP F 84 -52.57 -9.79 -31.03
N SER F 85 -53.85 -9.54 -31.30
CA SER F 85 -54.89 -10.56 -31.23
C SER F 85 -54.93 -11.22 -29.85
N LEU F 86 -55.14 -10.39 -28.83
CA LEU F 86 -55.12 -10.87 -27.46
C LEU F 86 -56.38 -11.69 -27.19
N THR F 87 -56.20 -12.91 -26.67
CA THR F 87 -57.30 -13.75 -26.26
C THR F 87 -57.44 -13.73 -24.75
N VAL F 88 -58.54 -14.31 -24.26
CA VAL F 88 -58.80 -14.31 -22.82
C VAL F 88 -57.80 -15.13 -22.04
N ALA F 89 -57.13 -16.09 -22.67
CA ALA F 89 -56.10 -16.86 -21.99
C ALA F 89 -54.86 -16.04 -21.71
N ASP F 90 -54.70 -14.90 -22.38
CA ASP F 90 -53.52 -14.07 -22.21
C ASP F 90 -53.62 -13.10 -21.06
N THR F 91 -54.74 -13.08 -20.32
CA THR F 91 -54.80 -12.28 -19.11
C THR F 91 -53.81 -12.84 -18.09
N ALA F 92 -52.92 -11.98 -17.61
CA ALA F 92 -51.82 -12.44 -16.78
C ALA F 92 -51.06 -11.25 -16.21
N VAL F 93 -50.18 -11.53 -15.27
CA VAL F 93 -49.20 -10.57 -14.77
C VAL F 93 -47.92 -10.79 -15.55
N TYR F 94 -47.39 -9.74 -16.14
CA TYR F 94 -46.22 -9.82 -16.99
C TYR F 94 -45.00 -9.25 -16.27
N TYR F 95 -43.84 -9.83 -16.56
CA TYR F 95 -42.62 -9.69 -15.80
C TYR F 95 -41.48 -9.59 -16.78
N CYS F 96 -40.67 -8.54 -16.69
CA CYS F 96 -39.43 -8.52 -17.44
C CYS F 96 -38.30 -8.93 -16.52
N ALA F 97 -37.50 -9.87 -17.00
CA ALA F 97 -36.41 -10.44 -16.21
C ALA F 97 -35.12 -10.39 -17.01
N ARG F 98 -34.00 -10.62 -16.32
CA ARG F 98 -32.68 -10.44 -16.90
C ARG F 98 -31.79 -11.60 -16.51
N HIS F 99 -31.10 -12.19 -17.49
CA HIS F 99 -30.04 -13.14 -17.19
C HIS F 99 -28.85 -12.90 -18.10
N TYR F 100 -27.83 -13.75 -17.97
CA TYR F 100 -26.52 -13.49 -18.55
C TYR F 100 -26.03 -14.71 -19.33
N PHE F 101 -25.28 -14.45 -20.39
CA PHE F 101 -24.56 -15.50 -21.10
C PHE F 101 -23.07 -15.26 -20.92
N ASP F 102 -22.42 -16.15 -20.18
CA ASP F 102 -21.01 -16.05 -19.90
C ASP F 102 -20.23 -16.83 -20.94
N ARG F 103 -19.10 -16.28 -21.40
CA ARG F 103 -18.29 -17.00 -22.38
C ARG F 103 -17.77 -18.31 -21.83
N ASP F 104 -17.40 -18.34 -20.55
CA ASP F 104 -16.78 -19.52 -19.96
C ASP F 104 -17.83 -20.51 -19.49
N TRP F 105 -18.78 -20.05 -18.69
CA TRP F 105 -19.74 -20.96 -18.07
C TRP F 105 -21.03 -21.09 -18.89
N GLY F 106 -21.50 -20.02 -19.48
CA GLY F 106 -22.71 -20.06 -20.28
C GLY F 106 -23.84 -19.29 -19.63
N TYR F 107 -25.05 -19.70 -19.98
CA TYR F 107 -26.24 -19.05 -19.45
C TYR F 107 -26.29 -19.18 -17.94
N SER F 108 -26.80 -18.14 -17.28
CA SER F 108 -26.75 -18.07 -15.83
C SER F 108 -28.11 -18.24 -15.17
N GLY F 109 -29.06 -17.39 -15.47
CA GLY F 109 -30.33 -17.49 -14.79
C GLY F 109 -30.88 -16.16 -14.32
N MET F 110 -32.19 -16.02 -14.38
CA MET F 110 -32.84 -14.73 -14.21
C MET F 110 -32.70 -14.24 -12.77
N ASP F 111 -31.84 -13.25 -12.54
CA ASP F 111 -31.58 -12.76 -11.19
C ASP F 111 -32.27 -11.43 -10.90
N LEU F 112 -32.62 -10.66 -11.92
CA LEU F 112 -33.28 -9.37 -11.73
C LEU F 112 -34.67 -9.44 -12.32
N TRP F 113 -35.66 -9.03 -11.54
CA TRP F 113 -37.06 -9.10 -11.93
C TRP F 113 -37.72 -7.75 -11.73
N GLY F 114 -38.74 -7.48 -12.53
CA GLY F 114 -39.49 -6.25 -12.42
C GLY F 114 -40.63 -6.36 -11.43
N GLN F 115 -41.32 -5.24 -11.25
CA GLN F 115 -42.51 -5.24 -10.40
C GLN F 115 -43.61 -6.10 -10.99
N GLY F 116 -43.89 -5.90 -12.27
CA GLY F 116 -44.95 -6.63 -12.94
C GLY F 116 -46.05 -5.68 -13.38
N THR F 117 -46.69 -6.05 -14.49
CA THR F 117 -47.78 -5.26 -15.08
C THR F 117 -48.82 -6.30 -15.42
N THR F 118 -50.09 -6.01 -15.18
CA THR F 118 -51.12 -7.03 -15.41
C THR F 118 -51.88 -6.67 -16.66
N VAL F 119 -51.98 -7.60 -17.60
CA VAL F 119 -52.79 -7.37 -18.82
C VAL F 119 -54.04 -8.26 -18.74
N THR F 120 -55.24 -7.67 -18.62
CA THR F 120 -56.49 -8.47 -18.60
C THR F 120 -57.29 -8.39 -19.89
N VAL F 121 -57.37 -9.48 -20.65
CA VAL F 121 -58.25 -9.49 -21.85
C VAL F 121 -59.62 -9.86 -21.32
N SER F 122 -60.65 -9.10 -21.69
CA SER F 122 -61.98 -9.33 -21.05
C SER F 122 -63.14 -9.31 -22.04
N SER F 123 -64.17 -10.12 -21.80
CA SER F 123 -65.43 -10.10 -22.62
C SER F 123 -65.16 -10.30 -24.11
N GLU G 1 -9.90 25.08 12.98
CA GLU G 1 -11.24 25.39 12.53
C GLU G 1 -11.31 26.80 11.96
N VAL G 2 -11.96 26.93 10.81
CA VAL G 2 -12.17 28.25 10.22
C VAL G 2 -13.20 29.01 11.04
N GLN G 3 -12.95 30.28 11.27
CA GLN G 3 -13.94 31.12 11.93
C GLN G 3 -13.74 32.57 11.50
N LEU G 4 -14.83 33.32 11.55
CA LEU G 4 -14.82 34.76 11.32
C LEU G 4 -15.38 35.44 12.56
N VAL G 5 -14.68 36.45 13.05
CA VAL G 5 -15.11 37.18 14.24
C VAL G 5 -15.18 38.66 13.92
N GLU G 6 -16.38 39.22 13.94
CA GLU G 6 -16.54 40.66 13.66
C GLU G 6 -16.42 41.42 14.96
N SER G 7 -15.81 42.60 14.94
CA SER G 7 -15.70 43.44 16.15
C SER G 7 -15.86 44.90 15.74
N GLY G 8 -16.20 45.76 16.68
CA GLY G 8 -16.30 47.20 16.40
C GLY G 8 -17.70 47.72 16.49
N GLY G 9 -18.67 46.87 16.77
CA GLY G 9 -20.06 47.37 16.77
C GLY G 9 -20.34 48.21 17.98
N GLY G 10 -20.95 49.37 17.82
CA GLY G 10 -21.13 50.25 18.99
C GLY G 10 -22.16 51.31 18.75
N LEU G 11 -22.52 52.08 19.77
CA LEU G 11 -23.43 53.22 19.55
C LEU G 11 -22.70 54.26 18.73
N VAL G 12 -23.36 54.88 17.75
CA VAL G 12 -22.74 56.01 16.99
C VAL G 12 -23.82 57.07 16.87
N GLN G 13 -23.54 58.32 17.20
CA GLN G 13 -24.56 59.37 16.98
C GLN G 13 -24.64 59.64 15.49
N PRO G 14 -25.74 60.14 14.92
CA PRO G 14 -25.81 60.26 13.49
C PRO G 14 -24.71 61.19 12.98
N GLY G 15 -24.19 60.91 11.79
CA GLY G 15 -23.12 61.73 11.20
C GLY G 15 -21.75 61.24 11.60
N GLY G 16 -21.68 60.12 12.31
CA GLY G 16 -20.38 59.66 12.84
C GLY G 16 -19.62 58.69 11.96
N SER G 17 -18.62 58.03 12.55
CA SER G 17 -17.84 57.01 11.84
C SER G 17 -17.60 55.83 12.75
N LEU G 18 -17.64 54.61 12.24
CA LEU G 18 -17.27 53.43 13.05
C LEU G 18 -16.46 52.58 12.11
N ARG G 19 -15.46 51.85 12.59
CA ARG G 19 -14.74 50.91 11.72
C ARG G 19 -15.05 49.52 12.25
N LEU G 20 -15.65 48.66 11.44
CA LEU G 20 -15.90 47.26 11.82
C LEU G 20 -14.69 46.46 11.35
N SER G 21 -14.27 45.46 12.09
CA SER G 21 -13.14 44.59 11.66
C SER G 21 -13.67 43.18 11.63
N CYS G 22 -13.11 42.32 10.81
CA CYS G 22 -13.55 40.91 10.75
C CYS G 22 -12.28 40.11 10.65
N ALA G 23 -12.00 39.41 11.71
CA ALA G 23 -10.76 38.65 11.80
C ALA G 23 -11.02 37.22 11.41
N ALA G 24 -10.18 36.69 10.52
CA ALA G 24 -10.37 35.36 9.96
C ALA G 24 -9.30 34.41 10.47
N SER G 25 -9.73 33.20 10.82
CA SER G 25 -8.80 32.19 11.30
C SER G 25 -9.04 30.90 10.54
N GLY G 26 -7.96 30.25 10.11
CA GLY G 26 -8.05 28.98 9.42
C GLY G 26 -7.97 29.06 7.92
N PHE G 27 -7.85 30.26 7.34
CA PHE G 27 -7.72 30.41 5.91
C PHE G 27 -7.12 31.77 5.60
N SER G 28 -6.79 31.96 4.33
CA SER G 28 -6.18 33.20 3.88
C SER G 28 -7.12 33.96 2.96
N PHE G 29 -7.15 35.28 3.10
CA PHE G 29 -7.93 36.11 2.20
C PHE G 29 -7.37 36.15 0.80
N THR G 30 -6.17 35.63 0.57
CA THR G 30 -5.56 35.67 -0.74
C THR G 30 -6.18 34.68 -1.73
N THR G 31 -7.16 33.89 -1.29
CA THR G 31 -7.85 32.95 -2.16
C THR G 31 -9.37 32.98 -2.06
N TYR G 32 -9.92 33.82 -1.19
CA TYR G 32 -11.36 33.85 -0.92
C TYR G 32 -11.92 35.24 -1.11
N GLU G 33 -13.16 35.31 -1.58
CA GLU G 33 -13.89 36.55 -1.74
C GLU G 33 -14.62 36.86 -0.45
N MET G 34 -14.54 38.10 0.01
CA MET G 34 -15.09 38.47 1.31
C MET G 34 -16.21 39.49 1.18
N ASN G 35 -17.23 39.34 2.01
CA ASN G 35 -18.44 40.12 1.87
C ASN G 35 -18.84 40.74 3.21
N TRP G 36 -19.42 41.93 3.14
CA TRP G 36 -20.12 42.54 4.26
C TRP G 36 -21.60 42.52 3.94
N VAL G 37 -22.39 41.95 4.86
CA VAL G 37 -23.83 41.81 4.73
C VAL G 37 -24.48 42.31 6.01
N ARG G 38 -25.56 43.07 5.89
CA ARG G 38 -26.20 43.64 7.07
C ARG G 38 -27.67 43.27 7.11
N GLN G 39 -28.19 43.19 8.33
CA GLN G 39 -29.61 42.99 8.57
C GLN G 39 -30.11 44.11 9.48
N ALA G 40 -30.90 45.02 8.92
CA ALA G 40 -31.54 46.03 9.72
C ALA G 40 -32.64 45.38 10.56
N PRO G 41 -32.99 45.94 11.72
CA PRO G 41 -33.94 45.25 12.59
C PRO G 41 -35.36 45.30 12.05
N GLY G 42 -35.91 44.13 11.77
CA GLY G 42 -37.23 44.02 11.19
C GLY G 42 -37.26 43.93 9.68
N LYS G 43 -36.10 43.90 9.02
CA LYS G 43 -36.05 43.70 7.58
C LYS G 43 -35.11 42.55 7.25
N GLY G 44 -35.04 42.20 5.97
CA GLY G 44 -34.26 41.06 5.53
C GLY G 44 -32.79 41.37 5.37
N LEU G 45 -32.05 40.34 4.95
CA LEU G 45 -30.63 40.49 4.71
C LEU G 45 -30.38 41.44 3.53
N GLU G 46 -29.30 42.21 3.62
CA GLU G 46 -28.91 43.11 2.55
C GLU G 46 -27.42 43.01 2.33
N TRP G 47 -27.02 42.87 1.08
CA TRP G 47 -25.62 42.70 0.71
C TRP G 47 -24.97 44.07 0.62
N VAL G 48 -24.05 44.34 1.55
CA VAL G 48 -23.45 45.67 1.64
C VAL G 48 -22.30 45.84 0.67
N SER G 49 -21.32 44.93 0.70
CA SER G 49 -20.19 45.08 -0.20
C SER G 49 -19.51 43.73 -0.41
N HIS G 50 -18.69 43.67 -1.45
CA HIS G 50 -17.99 42.46 -1.85
C HIS G 50 -16.60 42.83 -2.33
N ILE G 51 -15.60 42.07 -1.91
CA ILE G 51 -14.21 42.27 -2.32
C ILE G 51 -13.67 40.94 -2.84
N SER G 52 -12.81 41.02 -3.85
CA SER G 52 -12.24 39.83 -4.50
C SER G 52 -11.07 39.29 -3.73
N SER G 53 -10.56 38.13 -4.11
CA SER G 53 -9.34 37.54 -3.52
C SER G 53 -8.17 38.34 -4.04
N ARG G 54 -8.35 38.99 -5.19
CA ARG G 54 -7.31 39.79 -5.86
C ARG G 54 -7.38 41.21 -5.31
N GLY G 55 -8.30 41.53 -4.41
CA GLY G 55 -8.29 42.84 -3.72
C GLY G 55 -9.12 43.93 -4.32
N LEU G 56 -9.96 43.63 -5.29
CA LEU G 56 -10.84 44.64 -5.93
C LEU G 56 -12.17 44.67 -5.21
N VAL G 57 -12.73 45.86 -4.96
CA VAL G 57 -14.11 45.95 -4.38
C VAL G 57 -15.05 45.93 -5.57
N ILE G 58 -15.60 44.76 -5.85
CA ILE G 58 -16.49 44.53 -6.99
C ILE G 58 -17.82 45.27 -6.82
N TYR G 59 -18.39 45.36 -5.62
CA TYR G 59 -19.74 45.96 -5.46
C TYR G 59 -19.91 46.72 -4.15
N TYR G 60 -20.67 47.82 -4.14
CA TYR G 60 -21.06 48.54 -2.90
C TYR G 60 -22.56 48.78 -3.04
N ALA G 61 -23.36 48.57 -2.01
CA ALA G 61 -24.83 48.69 -2.15
C ALA G 61 -25.22 50.11 -2.50
N ASP G 62 -26.24 50.29 -3.32
CA ASP G 62 -26.59 51.64 -3.80
C ASP G 62 -26.63 52.66 -2.67
N SER G 63 -27.09 52.28 -1.48
CA SER G 63 -27.24 53.26 -0.41
C SER G 63 -25.90 53.55 0.26
N VAL G 64 -25.08 52.53 0.46
CA VAL G 64 -23.84 52.72 1.20
C VAL G 64 -22.75 53.30 0.32
N LYS G 65 -22.98 53.37 -0.99
CA LYS G 65 -21.95 53.82 -1.91
C LYS G 65 -21.62 55.29 -1.66
N GLY G 66 -20.33 55.58 -1.53
CA GLY G 66 -19.88 56.92 -1.26
C GLY G 66 -19.68 57.19 0.22
N ARG G 67 -20.23 56.35 1.08
CA ARG G 67 -20.11 56.60 2.53
C ARG G 67 -19.26 55.52 3.19
N PHE G 68 -19.33 54.29 2.68
CA PHE G 68 -18.58 53.21 3.29
C PHE G 68 -17.35 52.90 2.45
N THR G 69 -16.28 52.47 3.12
CA THR G 69 -15.06 52.05 2.43
C THR G 69 -14.66 50.68 2.97
N MET G 70 -14.56 49.70 2.09
CA MET G 70 -14.22 48.35 2.52
C MET G 70 -12.82 47.99 2.06
N SER G 71 -12.03 47.45 2.98
CA SER G 71 -10.63 47.18 2.70
C SER G 71 -10.23 45.88 3.38
N ARG G 72 -9.00 45.46 3.15
CA ARG G 72 -8.51 44.23 3.77
C ARG G 72 -7.00 44.27 3.95
N ASP G 73 -6.53 43.67 5.04
CA ASP G 73 -5.11 43.47 5.29
C ASP G 73 -4.83 41.98 5.15
N THR G 74 -4.00 41.62 4.18
CA THR G 74 -3.70 40.22 3.90
C THR G 74 -2.49 39.74 4.67
N ALA G 75 -1.92 40.57 5.52
CA ALA G 75 -0.87 40.12 6.44
C ALA G 75 -1.45 39.65 7.75
N LYS G 76 -2.39 40.39 8.33
CA LYS G 76 -3.09 39.99 9.54
C LYS G 76 -4.36 39.22 9.26
N ASN G 77 -4.74 39.07 7.98
CA ASN G 77 -6.00 38.43 7.61
C ASN G 77 -7.19 39.12 8.26
N SER G 78 -7.35 40.41 7.96
CA SER G 78 -8.43 41.18 8.55
C SER G 78 -9.19 41.90 7.45
N LEU G 79 -10.47 42.10 7.67
CA LEU G 79 -11.37 42.82 6.78
C LEU G 79 -11.92 44.03 7.52
N TYR G 80 -11.98 45.17 6.85
CA TYR G 80 -12.37 46.39 7.52
C TYR G 80 -13.51 47.06 6.77
N LEU G 81 -14.39 47.69 7.54
CA LEU G 81 -15.46 48.53 7.00
C LEU G 81 -15.39 49.88 7.70
N GLN G 82 -14.93 50.89 6.98
CA GLN G 82 -14.91 52.26 7.48
C GLN G 82 -16.22 52.91 7.07
N MET G 83 -17.13 53.08 8.03
CA MET G 83 -18.42 53.68 7.78
C MET G 83 -18.37 55.16 8.17
N ASP G 84 -18.68 56.03 7.21
CA ASP G 84 -18.67 57.46 7.44
C ASP G 84 -20.06 58.03 7.17
N SER G 85 -20.41 59.07 7.92
CA SER G 85 -21.72 59.72 7.82
C SER G 85 -22.84 58.72 8.05
N LEU G 86 -22.81 58.08 9.22
CA LEU G 86 -23.79 57.04 9.55
C LEU G 86 -25.15 57.68 9.81
N THR G 87 -26.17 57.18 9.12
CA THR G 87 -27.54 57.61 9.34
C THR G 87 -28.29 56.57 10.16
N VAL G 88 -29.49 56.94 10.60
CA VAL G 88 -30.28 56.04 11.43
C VAL G 88 -30.73 54.79 10.69
N ALA G 89 -30.80 54.84 9.36
CA ALA G 89 -31.16 53.64 8.61
C ALA G 89 -30.04 52.61 8.61
N ASP G 90 -28.83 53.00 8.98
CA ASP G 90 -27.70 52.08 8.98
C ASP G 90 -27.57 51.28 10.26
N THR G 91 -28.47 51.46 11.23
CA THR G 91 -28.48 50.60 12.40
C THR G 91 -28.84 49.18 11.96
N ALA G 92 -27.98 48.22 12.28
CA ALA G 92 -28.14 46.87 11.77
C ALA G 92 -27.14 45.93 12.44
N VAL G 93 -27.33 44.64 12.21
CA VAL G 93 -26.37 43.62 12.58
C VAL G 93 -25.51 43.35 11.34
N TYR G 94 -24.21 43.43 11.50
CA TYR G 94 -23.28 43.29 10.38
C TYR G 94 -22.57 41.94 10.46
N TYR G 95 -22.28 41.40 9.28
CA TYR G 95 -21.89 40.03 9.07
C TYR G 95 -20.79 40.01 8.04
N CYS G 96 -19.66 39.39 8.37
CA CYS G 96 -18.67 39.12 7.34
C CYS G 96 -18.82 37.69 6.87
N ALA G 97 -18.87 37.51 5.56
CA ALA G 97 -19.10 36.22 4.95
C ALA G 97 -18.03 35.95 3.90
N ARG G 98 -17.95 34.70 3.45
CA ARG G 98 -16.87 34.26 2.57
C ARG G 98 -17.44 33.38 1.48
N HIS G 99 -17.08 33.66 0.22
CA HIS G 99 -17.37 32.74 -0.86
C HIS G 99 -16.17 32.64 -1.79
N TYR G 100 -16.32 31.87 -2.86
CA TYR G 100 -15.21 31.43 -3.69
C TYR G 100 -15.50 31.71 -5.16
N PHE G 101 -14.45 32.01 -5.91
CA PHE G 101 -14.51 32.07 -7.36
C PHE G 101 -13.66 30.94 -7.93
N ASP G 102 -14.32 29.96 -8.54
CA ASP G 102 -13.64 28.82 -9.11
C ASP G 102 -13.34 29.09 -10.58
N ARG G 103 -12.16 28.68 -11.04
CA ARG G 103 -11.83 28.88 -12.44
C ARG G 103 -12.77 28.14 -13.37
N ASP G 104 -13.17 26.93 -12.98
CA ASP G 104 -13.99 26.09 -13.85
C ASP G 104 -15.47 26.44 -13.72
N TRP G 105 -15.98 26.47 -12.49
CA TRP G 105 -17.42 26.64 -12.31
C TRP G 105 -17.80 28.11 -12.07
N GLY G 106 -16.98 28.86 -11.37
CA GLY G 106 -17.27 30.25 -11.11
C GLY G 106 -17.58 30.52 -9.66
N TYR G 107 -18.34 31.58 -9.43
CA TYR G 107 -18.71 31.97 -8.09
C TYR G 107 -19.52 30.87 -7.42
N SER G 108 -19.32 30.71 -6.11
CA SER G 108 -19.90 29.58 -5.40
C SER G 108 -21.02 29.99 -4.45
N GLY G 109 -20.75 30.85 -3.48
CA GLY G 109 -21.79 31.19 -2.53
C GLY G 109 -21.31 31.17 -1.10
N MET G 110 -21.86 32.10 -0.31
CA MET G 110 -21.32 32.38 1.01
C MET G 110 -21.56 31.21 1.96
N ASP G 111 -20.49 30.46 2.27
CA ASP G 111 -20.63 29.28 3.12
C ASP G 111 -20.14 29.50 4.54
N LEU G 112 -19.29 30.49 4.78
CA LEU G 112 -18.78 30.78 6.11
C LEU G 112 -19.27 32.14 6.55
N TRP G 113 -19.82 32.21 7.75
CA TRP G 113 -20.40 33.43 8.27
C TRP G 113 -19.85 33.71 9.66
N GLY G 114 -19.80 34.98 10.02
CA GLY G 114 -19.34 35.38 11.33
C GLY G 114 -20.46 35.40 12.35
N GLN G 115 -20.08 35.72 13.59
CA GLN G 115 -21.07 35.87 14.65
C GLN G 115 -21.99 37.05 14.38
N GLY G 116 -21.40 38.19 14.05
CA GLY G 116 -22.17 39.40 13.82
C GLY G 116 -21.83 40.45 14.86
N THR G 117 -21.96 41.71 14.46
CA THR G 117 -21.71 42.83 15.37
C THR G 117 -22.80 43.86 15.17
N THR G 118 -23.33 44.40 16.26
CA THR G 118 -24.46 45.31 16.17
C THR G 118 -23.98 46.75 16.13
N VAL G 119 -24.47 47.51 15.16
CA VAL G 119 -24.16 48.93 15.04
C VAL G 119 -25.47 49.68 15.15
N THR G 120 -25.60 50.51 16.17
CA THR G 120 -26.85 51.22 16.44
C THR G 120 -26.61 52.72 16.46
N VAL G 121 -27.41 53.45 15.69
CA VAL G 121 -27.32 54.91 15.64
C VAL G 121 -28.37 55.48 16.57
N SER G 122 -27.94 56.35 17.49
CA SER G 122 -28.81 56.83 18.54
C SER G 122 -28.87 58.35 18.49
N SER G 123 -30.07 58.89 18.72
CA SER G 123 -30.33 60.33 18.77
C SER G 123 -29.82 61.04 17.52
N GLU H 1 -11.41 -26.65 7.56
CA GLU H 1 -10.99 -27.01 8.90
C GLU H 1 -10.30 -28.39 8.90
N VAL H 2 -9.17 -28.47 9.59
CA VAL H 2 -8.49 -29.75 9.72
C VAL H 2 -9.28 -30.63 10.66
N GLN H 3 -9.39 -31.92 10.32
CA GLN H 3 -10.02 -32.86 11.23
C GLN H 3 -9.48 -34.25 10.96
N LEU H 4 -9.50 -35.08 11.99
CA LEU H 4 -9.16 -36.49 11.90
C LEU H 4 -10.35 -37.30 12.36
N VAL H 5 -10.74 -38.30 11.57
CA VAL H 5 -11.89 -39.14 11.91
C VAL H 5 -11.45 -40.60 11.90
N GLU H 6 -11.56 -41.26 13.04
CA GLU H 6 -11.26 -42.68 13.14
C GLU H 6 -12.51 -43.50 12.91
N SER H 7 -12.32 -44.71 12.38
CA SER H 7 -13.43 -45.62 12.14
C SER H 7 -12.89 -47.04 12.09
N GLY H 8 -13.72 -47.98 12.49
CA GLY H 8 -13.30 -49.40 12.45
C GLY H 8 -13.41 -50.03 13.80
N GLY H 9 -13.76 -49.26 14.82
CA GLY H 9 -13.77 -49.84 16.18
C GLY H 9 -14.93 -50.78 16.36
N GLY H 10 -14.69 -51.96 16.91
CA GLY H 10 -15.80 -52.93 16.98
C GLY H 10 -15.50 -54.04 17.96
N LEU H 11 -16.47 -54.91 18.22
CA LEU H 11 -16.18 -56.09 19.07
C LEU H 11 -15.25 -57.00 18.28
N VAL H 12 -14.26 -57.61 18.92
CA VAL H 12 -13.40 -58.62 18.25
C VAL H 12 -13.24 -59.75 19.24
N GLN H 13 -13.46 -61.01 18.85
CA GLN H 13 -13.20 -62.10 19.81
C GLN H 13 -11.69 -62.25 19.90
N PRO H 14 -11.11 -62.77 20.98
CA PRO H 14 -9.67 -62.79 21.06
C PRO H 14 -9.07 -63.60 19.93
N GLY H 15 -7.90 -63.20 19.45
CA GLY H 15 -7.23 -63.89 18.34
C GLY H 15 -7.63 -63.32 17.00
N GLY H 16 -8.41 -62.26 17.00
CA GLY H 16 -8.95 -61.73 15.72
C GLY H 16 -8.12 -60.66 15.06
N SER H 17 -8.72 -59.97 14.09
CA SER H 17 -8.06 -58.85 13.39
C SER H 17 -9.06 -57.73 13.22
N LEU H 18 -8.64 -56.48 13.36
CA LEU H 18 -9.52 -55.34 13.04
C LEU H 18 -8.62 -54.36 12.33
N ARG H 19 -9.15 -53.57 11.39
CA ARG H 19 -8.33 -52.52 10.77
C ARG H 19 -8.96 -51.19 11.16
N LEU H 20 -8.23 -50.32 11.83
CA LEU H 20 -8.72 -48.96 12.16
C LEU H 20 -8.32 -48.06 11.01
N SER H 21 -9.07 -47.02 10.70
CA SER H 21 -8.77 -46.17 9.53
C SER H 21 -9.01 -44.72 9.88
N CYS H 22 -7.97 -43.93 9.98
CA CYS H 22 -8.09 -42.51 10.32
C CYS H 22 -8.03 -41.70 9.03
N ALA H 23 -9.08 -40.95 8.76
CA ALA H 23 -9.19 -40.12 7.56
C ALA H 23 -8.92 -38.68 7.94
N ALA H 24 -8.05 -38.03 7.18
CA ALA H 24 -7.61 -36.68 7.47
C ALA H 24 -8.17 -35.70 6.44
N SER H 25 -8.62 -34.55 6.94
CA SER H 25 -9.15 -33.51 6.07
C SER H 25 -8.50 -32.19 6.42
N GLY H 26 -8.08 -31.44 5.40
CA GLY H 26 -7.49 -30.14 5.60
C GLY H 26 -5.99 -30.09 5.56
N PHE H 27 -5.33 -31.23 5.39
CA PHE H 27 -3.87 -31.27 5.30
C PHE H 27 -3.45 -32.55 4.63
N SER H 28 -2.16 -32.62 4.33
CA SER H 28 -1.58 -33.78 3.65
C SER H 28 -0.64 -34.53 4.59
N PHE H 29 -0.68 -35.85 4.52
CA PHE H 29 0.25 -36.67 5.27
C PHE H 29 1.68 -36.56 4.77
N THR H 30 1.90 -35.94 3.62
CA THR H 30 3.24 -35.84 3.06
C THR H 30 4.12 -34.83 3.78
N THR H 31 3.59 -34.14 4.78
CA THR H 31 4.37 -33.19 5.56
C THR H 31 4.21 -33.34 7.07
N TYR H 32 3.39 -34.27 7.54
CA TYR H 32 3.10 -34.41 8.96
C TYR H 32 3.37 -35.83 9.43
N GLU H 33 3.79 -35.94 10.68
CA GLU H 33 4.04 -37.21 11.34
C GLU H 33 2.73 -37.67 11.99
N MET H 34 2.39 -38.93 11.82
CA MET H 34 1.11 -39.43 12.29
C MET H 34 1.28 -40.51 13.35
N ASN H 35 0.40 -40.51 14.34
CA ASN H 35 0.57 -41.36 15.51
C ASN H 35 -0.73 -42.09 15.82
N TRP H 36 -0.59 -43.31 16.31
CA TRP H 36 -1.68 -44.06 16.93
C TRP H 36 -1.42 -44.12 18.42
N VAL H 37 -2.39 -43.68 19.21
CA VAL H 37 -2.31 -43.62 20.67
C VAL H 37 -3.58 -44.26 21.23
N ARG H 38 -3.44 -44.98 22.34
CA ARG H 38 -4.60 -45.70 22.93
C ARG H 38 -4.78 -45.41 24.39
N GLN H 39 -6.02 -45.35 24.88
CA GLN H 39 -6.24 -45.29 26.33
C GLN H 39 -6.98 -46.56 26.68
N ALA H 40 -6.42 -47.40 27.53
CA ALA H 40 -7.10 -48.63 27.96
C ALA H 40 -8.20 -48.25 28.91
N PRO H 41 -9.33 -48.98 29.01
CA PRO H 41 -10.30 -48.60 29.99
C PRO H 41 -9.60 -48.73 31.34
N GLY H 42 -9.60 -47.65 32.12
CA GLY H 42 -8.98 -47.67 33.46
C GLY H 42 -7.54 -47.21 33.50
N LYS H 43 -6.86 -47.04 32.37
CA LYS H 43 -5.41 -46.68 32.43
C LYS H 43 -5.15 -45.37 31.71
N GLY H 44 -3.90 -45.12 31.32
CA GLY H 44 -3.55 -43.81 30.72
C GLY H 44 -3.11 -43.91 29.29
N LEU H 45 -2.90 -42.78 28.62
CA LEU H 45 -2.56 -42.72 27.20
C LEU H 45 -1.28 -43.48 26.98
N GLU H 46 -1.24 -44.37 26.00
CA GLU H 46 -0.04 -45.16 25.66
C GLU H 46 0.23 -44.91 24.18
N TRP H 47 1.48 -44.66 23.81
CA TRP H 47 1.81 -44.32 22.41
C TRP H 47 1.94 -45.65 21.74
N VAL H 48 1.04 -45.91 20.83
CA VAL H 48 1.07 -47.20 20.14
C VAL H 48 2.10 -47.21 19.02
N SER H 49 2.01 -46.25 18.10
CA SER H 49 2.96 -46.24 17.00
C SER H 49 3.08 -44.85 16.42
N HIS H 50 4.15 -44.65 15.65
CA HIS H 50 4.48 -43.36 15.04
C HIS H 50 5.03 -43.60 13.64
N ILE H 51 4.58 -42.81 12.68
CA ILE H 51 5.05 -42.88 11.30
C ILE H 51 5.47 -41.49 10.87
N SER H 52 6.57 -41.42 10.10
CA SER H 52 7.10 -40.15 9.64
C SER H 52 6.27 -39.62 8.47
N SER H 53 6.47 -38.34 8.15
CA SER H 53 5.90 -37.80 6.92
C SER H 53 6.50 -38.46 5.70
N ARG H 54 7.75 -38.89 5.80
CA ARG H 54 8.51 -39.55 4.71
C ARG H 54 8.14 -41.03 4.64
N GLY H 55 7.19 -41.51 5.44
CA GLY H 55 6.65 -42.87 5.28
C GLY H 55 7.27 -43.96 6.09
N LEU H 56 8.18 -43.69 7.00
CA LEU H 56 8.80 -44.83 7.73
C LEU H 56 8.18 -44.94 9.10
N VAL H 57 7.96 -46.16 9.61
CA VAL H 57 7.41 -46.40 10.96
C VAL H 57 8.57 -46.35 11.94
N ILE H 58 8.73 -45.21 12.57
CA ILE H 58 9.83 -44.97 13.52
C ILE H 58 9.68 -45.82 14.78
N TYR H 59 8.47 -46.04 15.30
CA TYR H 59 8.30 -46.76 16.58
C TYR H 59 7.07 -47.64 16.63
N TYR H 60 7.09 -48.76 17.36
CA TYR H 60 5.90 -49.60 17.64
C TYR H 60 6.04 -49.96 19.11
N ALA H 61 5.00 -49.85 19.93
CA ALA H 61 5.11 -50.09 21.38
C ALA H 61 5.52 -51.53 21.58
N ASP H 62 6.18 -51.87 22.66
CA ASP H 62 6.70 -53.25 22.78
C ASP H 62 5.58 -54.28 22.70
N SER H 63 4.45 -54.02 23.34
CA SER H 63 3.34 -55.00 23.36
C SER H 63 2.81 -55.17 21.97
N VAL H 64 2.65 -54.08 21.24
CA VAL H 64 2.01 -54.13 19.91
C VAL H 64 3.04 -54.59 18.90
N LYS H 65 4.31 -54.63 19.26
CA LYS H 65 5.30 -54.94 18.25
C LYS H 65 5.17 -56.39 17.81
N GLY H 66 5.11 -56.60 16.50
CA GLY H 66 4.96 -57.93 15.95
C GLY H 66 3.52 -58.29 15.67
N ARG H 67 2.57 -57.54 16.22
CA ARG H 67 1.16 -57.92 16.02
C ARG H 67 0.44 -56.83 15.24
N PHE H 68 0.84 -55.57 15.43
CA PHE H 68 0.18 -54.49 14.73
C PHE H 68 1.02 -54.03 13.55
N THR H 69 0.36 -53.58 12.49
CA THR H 69 1.05 -53.03 11.32
C THR H 69 0.42 -51.68 10.99
N MET H 70 1.23 -50.64 10.99
CA MET H 70 0.70 -49.30 10.74
C MET H 70 1.18 -48.81 9.38
N SER H 71 0.24 -48.29 8.58
CA SER H 71 0.55 -47.90 7.21
C SER H 71 -0.22 -46.64 6.88
N ARG H 72 0.01 -46.10 5.69
CA ARG H 72 -0.68 -44.90 5.26
C ARG H 72 -0.82 -44.86 3.75
N ASP H 73 -1.93 -44.31 3.28
CA ASP H 73 -2.16 -44.03 1.86
C ASP H 73 -2.13 -42.52 1.68
N THR H 74 -1.15 -42.03 0.93
CA THR H 74 -0.97 -40.60 0.73
C THR H 74 -1.74 -40.09 -0.49
N ALA H 75 -2.52 -40.95 -1.13
CA ALA H 75 -3.42 -40.50 -2.18
C ALA H 75 -4.80 -40.16 -1.63
N LYS H 76 -5.33 -41.02 -0.77
CA LYS H 76 -6.60 -40.75 -0.09
C LYS H 76 -6.41 -40.05 1.25
N ASN H 77 -5.17 -39.83 1.69
CA ASN H 77 -4.88 -39.25 3.00
C ASN H 77 -5.52 -40.07 4.12
N SER H 78 -5.13 -41.34 4.20
CA SER H 78 -5.68 -42.23 5.21
C SER H 78 -4.56 -42.92 5.96
N LEU H 79 -4.81 -43.22 7.22
CA LEU H 79 -3.88 -43.93 8.08
C LEU H 79 -4.55 -45.22 8.55
N TYR H 80 -3.78 -46.31 8.55
CA TYR H 80 -4.37 -47.60 8.83
C TYR H 80 -3.61 -48.29 9.94
N LEU H 81 -4.35 -49.03 10.76
CA LEU H 81 -3.78 -49.90 11.79
C LEU H 81 -4.38 -51.29 11.61
N GLN H 82 -3.57 -52.21 11.11
CA GLN H 82 -3.95 -53.62 10.97
C GLN H 82 -3.55 -54.32 12.25
N MET H 83 -4.51 -54.62 13.11
CA MET H 83 -4.25 -55.30 14.37
C MET H 83 -4.53 -56.79 14.21
N ASP H 84 -3.51 -57.60 14.49
CA ASP H 84 -3.63 -59.04 14.39
C ASP H 84 -3.35 -59.67 15.75
N SER H 85 -4.03 -60.80 16.00
CA SER H 85 -3.93 -61.52 17.26
C SER H 85 -4.27 -60.62 18.44
N LEU H 86 -5.49 -60.07 18.41
CA LEU H 86 -5.92 -59.14 19.44
C LEU H 86 -6.16 -59.88 20.74
N THR H 87 -5.55 -59.41 21.82
CA THR H 87 -5.79 -59.95 23.14
C THR H 87 -6.71 -59.02 23.93
N VAL H 88 -7.17 -59.51 25.09
CA VAL H 88 -8.09 -58.73 25.91
C VAL H 88 -7.46 -57.46 26.46
N ALA H 89 -6.13 -57.41 26.58
CA ALA H 89 -5.49 -56.19 27.04
C ALA H 89 -5.54 -55.08 26.01
N ASP H 90 -5.83 -55.42 24.75
CA ASP H 90 -5.86 -54.43 23.69
C ASP H 90 -7.21 -53.71 23.57
N THR H 91 -8.19 -54.03 24.41
CA THR H 91 -9.42 -53.26 24.43
C THR H 91 -9.11 -51.85 24.90
N ALA H 92 -9.48 -50.85 24.10
CA ALA H 92 -9.07 -49.48 24.37
C ALA H 92 -9.78 -48.54 23.40
N VAL H 93 -9.67 -47.25 23.69
CA VAL H 93 -10.07 -46.19 22.78
C VAL H 93 -8.85 -45.77 21.99
N TYR H 94 -8.95 -45.77 20.67
CA TYR H 94 -7.82 -45.49 19.80
C TYR H 94 -7.98 -44.10 19.18
N TYR H 95 -6.83 -43.45 18.97
CA TYR H 95 -6.72 -42.04 18.68
C TYR H 95 -5.66 -41.86 17.63
N CYS H 96 -6.00 -41.20 16.53
CA CYS H 96 -4.97 -40.79 15.60
C CYS H 96 -4.61 -39.34 15.85
N ALA H 97 -3.33 -39.08 15.97
CA ALA H 97 -2.83 -37.75 16.30
C ALA H 97 -1.77 -37.34 15.29
N ARG H 98 -1.42 -36.05 15.31
CA ARG H 98 -0.54 -35.46 14.30
C ARG H 98 0.48 -34.55 14.97
N HIS H 99 1.74 -34.71 14.62
CA HIS H 99 2.75 -33.73 15.03
C HIS H 99 3.70 -33.47 13.86
N TYR H 100 4.71 -32.65 14.11
CA TYR H 100 5.53 -32.07 13.06
C TYR H 100 7.01 -32.25 13.38
N PHE H 101 7.81 -32.42 12.34
CA PHE H 101 9.26 -32.36 12.45
C PHE H 101 9.77 -31.14 11.70
N ASP H 102 10.27 -30.17 12.44
CA ASP H 102 10.77 -28.95 11.87
C ASP H 102 12.27 -29.08 11.61
N ARG H 103 12.74 -28.55 10.47
CA ARG H 103 14.16 -28.63 10.18
C ARG H 103 14.98 -27.88 11.21
N ASP H 104 14.50 -26.74 11.67
CA ASP H 104 15.27 -25.89 12.58
C ASP H 104 15.12 -26.34 14.02
N TRP H 105 13.89 -26.51 14.48
CA TRP H 105 13.66 -26.80 15.90
C TRP H 105 13.54 -28.29 16.18
N GLY H 106 12.92 -29.04 15.29
CA GLY H 106 12.77 -30.46 15.46
C GLY H 106 11.33 -30.86 15.70
N TYR H 107 11.16 -31.98 16.38
CA TYR H 107 9.84 -32.50 16.68
C TYR H 107 9.06 -31.51 17.53
N SER H 108 7.75 -31.44 17.30
CA SER H 108 6.94 -30.42 17.93
C SER H 108 5.99 -30.97 18.98
N GLY H 109 5.10 -31.88 18.62
CA GLY H 109 4.15 -32.36 19.60
C GLY H 109 2.73 -32.42 19.06
N MET H 110 2.00 -33.44 19.51
CA MET H 110 0.72 -33.78 18.92
C MET H 110 -0.32 -32.71 19.19
N ASP H 111 -0.66 -31.92 18.17
CA ASP H 111 -1.60 -30.81 18.35
C ASP H 111 -2.98 -31.11 17.80
N LEU H 112 -3.11 -32.06 16.88
CA LEU H 112 -4.40 -32.41 16.30
C LEU H 112 -4.74 -33.83 16.68
N TRP H 113 -5.95 -34.02 17.19
CA TRP H 113 -6.40 -35.32 17.67
C TRP H 113 -7.74 -35.66 17.04
N GLY H 114 -8.00 -36.96 16.90
CA GLY H 114 -9.26 -37.42 16.36
C GLY H 114 -10.30 -37.59 17.44
N GLN H 115 -11.51 -37.98 17.00
CA GLN H 115 -12.59 -38.28 17.93
C GLN H 115 -12.25 -39.49 18.78
N GLY H 116 -11.82 -40.56 18.14
CA GLY H 116 -11.51 -41.80 18.82
C GLY H 116 -12.46 -42.90 18.38
N THR H 117 -11.96 -44.14 18.45
CA THR H 117 -12.77 -45.30 18.08
C THR H 117 -12.52 -46.38 19.12
N THR H 118 -13.58 -47.04 19.56
CA THR H 118 -13.45 -48.01 20.64
C THR H 118 -13.30 -49.41 20.06
N VAL H 119 -12.28 -50.13 20.53
CA VAL H 119 -12.04 -51.51 20.13
C VAL H 119 -12.13 -52.36 21.39
N THR H 120 -13.10 -53.27 21.44
CA THR H 120 -13.34 -54.08 22.62
C THR H 120 -13.23 -55.56 22.27
N VAL H 121 -12.44 -56.28 23.05
CA VAL H 121 -12.26 -57.72 22.87
C VAL H 121 -13.19 -58.43 23.85
N SER H 122 -14.02 -59.33 23.33
CA SER H 122 -15.06 -59.96 24.12
C SER H 122 -14.89 -61.47 24.09
N SER H 123 -15.12 -62.10 25.23
CA SER H 123 -15.07 -63.55 25.40
C SER H 123 -13.75 -64.14 24.90
N GLU I 1 23.18 30.00 42.92
CA GLU I 1 21.92 29.34 43.24
C GLU I 1 20.72 30.20 42.86
N VAL I 2 19.64 29.55 42.46
CA VAL I 2 18.41 30.23 42.04
C VAL I 2 17.25 29.59 42.79
N VAL I 3 16.82 30.21 43.87
CA VAL I 3 15.71 29.66 44.64
C VAL I 3 14.41 29.90 43.89
N LEU I 4 13.71 28.80 43.63
CA LEU I 4 12.39 28.88 42.97
C LEU I 4 11.33 28.78 44.07
N THR I 5 10.57 29.85 44.30
CA THR I 5 9.59 29.85 45.41
C THR I 5 8.22 29.53 44.86
N GLN I 6 7.68 28.39 45.22
CA GLN I 6 6.30 28.11 44.79
C GLN I 6 5.47 29.03 45.68
N SER I 7 4.25 29.39 45.30
CA SER I 7 3.51 30.43 46.08
C SER I 7 2.56 29.90 47.15
N PRO I 8 1.34 29.40 46.88
CA PRO I 8 0.46 29.05 47.98
C PRO I 8 1.07 27.78 48.59
N GLY I 9 1.45 27.81 49.86
CA GLY I 9 1.97 26.60 50.48
C GLY I 9 0.89 25.56 50.52
N THR I 10 -0.32 25.99 50.84
CA THR I 10 -1.48 25.08 50.78
C THR I 10 -2.61 25.81 50.08
N LEU I 11 -3.30 25.14 49.18
CA LEU I 11 -4.48 25.73 48.52
C LEU I 11 -5.58 24.72 48.76
N SER I 12 -6.74 25.18 49.21
CA SER I 12 -7.89 24.27 49.37
C SER I 12 -8.97 24.78 48.44
N LEU I 13 -9.55 23.90 47.64
CA LEU I 13 -10.66 24.38 46.79
C LEU I 13 -11.68 23.28 46.62
N SER I 14 -12.72 23.55 45.82
CA SER I 14 -13.76 22.55 45.60
C SER I 14 -13.58 21.87 44.26
N PRO I 15 -14.09 20.65 44.09
CA PRO I 15 -13.83 19.90 42.85
C PRO I 15 -14.57 20.44 41.63
N GLY I 16 -13.98 21.41 40.93
CA GLY I 16 -14.60 21.89 39.72
C GLY I 16 -14.41 23.36 39.34
N GLU I 17 -13.67 24.12 40.13
CA GLU I 17 -13.27 25.47 39.71
C GLU I 17 -11.80 25.45 39.28
N ARG I 18 -11.26 26.63 39.01
CA ARG I 18 -9.87 26.67 38.50
C ARG I 18 -8.91 26.75 39.66
N ALA I 19 -7.64 26.56 39.39
CA ALA I 19 -6.61 26.61 40.42
C ALA I 19 -5.32 27.15 39.79
N THR I 20 -4.91 28.34 40.23
CA THR I 20 -3.74 29.02 39.67
C THR I 20 -2.56 28.87 40.62
N LEU I 21 -1.61 28.02 40.24
CA LEU I 21 -0.40 27.77 41.02
C LEU I 21 0.75 28.58 40.44
N SER I 22 1.55 29.18 41.32
CA SER I 22 2.58 30.10 40.89
C SER I 22 3.96 29.59 41.30
N CYS I 23 4.95 29.92 40.47
CA CYS I 23 6.33 29.56 40.75
C CYS I 23 7.17 30.80 40.42
N ARG I 24 7.83 31.35 41.41
CA ARG I 24 8.56 32.60 41.12
C ARG I 24 10.01 32.24 41.15
N ALA I 25 10.81 32.95 40.39
CA ALA I 25 12.25 32.65 40.26
C ALA I 25 13.09 33.82 40.73
N SER I 26 14.14 33.56 41.50
CA SER I 26 15.07 34.63 41.91
C SER I 26 15.69 35.24 40.67
N GLN I 27 16.30 34.41 39.85
CA GLN I 27 16.96 34.90 38.62
C GLN I 27 16.09 34.43 37.44
N SER I 28 16.19 35.17 36.34
CA SER I 28 15.47 34.80 35.10
C SER I 28 16.17 33.61 34.52
N LEU I 29 15.75 32.42 34.93
CA LEU I 29 16.30 31.20 34.29
C LEU I 29 15.76 31.23 32.87
N GLY I 30 16.52 30.78 31.90
CA GLY I 30 15.91 30.71 30.55
C GLY I 30 14.64 29.90 30.69
N THR I 31 13.53 30.34 30.11
CA THR I 31 12.20 29.72 30.35
C THR I 31 12.01 28.28 29.84
N ASN I 32 12.89 27.78 29.00
CA ASN I 32 12.68 26.46 28.39
C ASN I 32 12.79 25.37 29.43
N TYR I 33 13.77 25.46 30.32
CA TYR I 33 14.01 24.30 31.20
C TYR I 33 13.23 24.42 32.49
N LEU I 34 11.91 24.46 32.41
CA LEU I 34 11.11 24.43 33.66
C LEU I 34 10.04 23.37 33.55
N ALA I 35 9.85 22.60 34.60
CA ALA I 35 8.89 21.50 34.51
C ALA I 35 8.03 21.43 35.75
N TRP I 36 6.81 20.91 35.65
CA TRP I 36 5.84 20.81 36.73
C TRP I 36 5.47 19.35 36.94
N TYR I 37 5.60 18.89 38.19
CA TYR I 37 5.33 17.51 38.59
C TYR I 37 4.21 17.44 39.60
N GLN I 38 3.54 16.29 39.67
CA GLN I 38 2.47 16.07 40.66
C GLN I 38 2.84 14.84 41.45
N HIS I 39 3.05 14.99 42.75
CA HIS I 39 3.40 13.84 43.61
C HIS I 39 2.18 13.58 44.48
N LYS I 40 1.62 12.40 44.41
CA LYS I 40 0.48 12.03 45.26
C LYS I 40 1.05 11.06 46.28
N PRO I 41 0.81 11.21 47.59
CA PRO I 41 1.51 10.38 48.58
C PRO I 41 1.36 8.87 48.35
N GLY I 42 2.48 8.15 48.48
CA GLY I 42 2.48 6.69 48.24
C GLY I 42 2.57 6.35 46.77
N GLN I 43 2.70 7.36 45.89
CA GLN I 43 2.89 7.12 44.45
C GLN I 43 4.13 7.90 44.03
N SER I 44 4.86 7.45 43.01
CA SER I 44 6.12 8.09 42.56
C SER I 44 5.81 9.43 41.91
N PRO I 45 6.70 10.43 41.86
CA PRO I 45 6.37 11.65 41.15
C PRO I 45 5.96 11.41 39.68
N ARG I 46 5.01 12.17 39.15
CA ARG I 46 4.60 12.08 37.72
C ARG I 46 4.77 13.43 37.08
N LEU I 47 5.35 13.49 35.90
CA LEU I 47 5.58 14.73 35.17
C LEU I 47 4.31 15.19 34.49
N LEU I 48 3.92 16.44 34.76
CA LEU I 48 2.77 17.04 34.10
C LEU I 48 3.19 17.95 32.96
N ILE I 49 4.01 18.95 33.23
CA ILE I 49 4.32 20.00 32.28
C ILE I 49 5.82 20.03 32.03
N ASP I 50 6.21 20.20 30.78
CA ASP I 50 7.60 20.31 30.43
C ASP I 50 7.83 21.51 29.54
N GLY I 51 9.01 22.11 29.66
CA GLY I 51 9.29 23.32 28.90
C GLY I 51 8.38 24.46 29.26
N ALA I 52 7.74 24.37 30.42
CA ALA I 52 6.87 25.40 30.99
C ALA I 52 5.58 25.58 30.20
N SER I 53 5.41 24.89 29.07
CA SER I 53 4.19 25.04 28.29
C SER I 53 3.71 23.73 27.66
N THR I 54 4.43 22.64 27.79
CA THR I 54 4.14 21.42 27.04
C THR I 54 3.58 20.35 27.96
N ARG I 55 2.39 19.86 27.64
CA ARG I 55 1.78 18.76 28.37
C ARG I 55 2.52 17.47 28.09
N ALA I 56 2.67 16.64 29.12
CA ALA I 56 3.37 15.38 28.94
C ALA I 56 2.49 14.37 28.21
N ILE I 57 3.04 13.18 28.00
CA ILE I 57 2.33 12.10 27.31
C ILE I 57 1.35 11.45 28.28
N GLY I 58 0.05 11.63 28.05
CA GLY I 58 -0.94 10.95 28.86
C GLY I 58 -1.64 11.84 29.86
N ILE I 59 -1.10 13.05 30.07
CA ILE I 59 -1.70 13.96 31.04
C ILE I 59 -3.03 14.46 30.49
N PRO I 60 -4.09 14.52 31.31
CA PRO I 60 -5.36 15.06 30.84
C PRO I 60 -5.23 16.50 30.34
N ASP I 61 -6.30 16.97 29.72
CA ASP I 61 -6.30 18.29 29.10
C ASP I 61 -6.54 19.39 30.13
N ARG I 62 -6.93 19.02 31.35
CA ARG I 62 -7.24 20.02 32.38
C ARG I 62 -6.02 20.89 32.69
N PHE I 63 -4.85 20.27 32.81
CA PHE I 63 -3.65 21.01 33.15
C PHE I 63 -3.17 21.81 31.94
N SER I 64 -2.84 23.08 32.18
CA SER I 64 -2.10 23.88 31.22
C SER I 64 -1.09 24.71 32.00
N ALA I 65 -0.09 25.23 31.30
CA ALA I 65 0.94 26.01 31.99
C ALA I 65 1.42 27.13 31.09
N SER I 66 2.07 28.11 31.71
CA SER I 66 2.57 29.26 31.00
C SER I 66 3.65 29.90 31.86
N GLY I 67 4.32 30.89 31.30
CA GLY I 67 5.28 31.66 32.06
C GLY I 67 6.42 32.15 31.18
N SER I 68 7.23 33.02 31.76
CA SER I 68 8.42 33.55 31.12
C SER I 68 9.33 34.13 32.18
N GLY I 69 10.62 33.95 32.00
CA GLY I 69 11.59 34.61 32.87
C GLY I 69 11.42 34.19 34.31
N THR I 70 10.93 35.12 35.13
CA THR I 70 10.85 34.89 36.57
C THR I 70 9.48 34.38 36.99
N ASP I 71 8.50 34.44 36.10
CA ASP I 71 7.13 34.10 36.45
C ASP I 71 6.73 32.78 35.78
N PHE I 72 5.97 31.94 36.49
CA PHE I 72 5.45 30.67 35.93
C PHE I 72 4.15 30.30 36.64
N THR I 73 3.24 29.63 35.95
CA THR I 73 1.90 29.31 36.51
C THR I 73 1.37 28.00 35.93
N LEU I 74 0.61 27.22 36.69
CA LEU I 74 -0.02 26.01 36.14
C LEU I 74 -1.48 26.07 36.57
N THR I 75 -2.46 25.84 35.69
CA THR I 75 -3.86 25.82 36.17
C THR I 75 -4.57 24.54 35.81
N VAL I 76 -5.21 23.87 36.77
CA VAL I 76 -6.08 22.72 36.42
C VAL I 76 -7.41 23.43 36.22
N SER I 77 -7.89 23.61 34.99
CA SER I 77 -9.06 24.49 34.74
C SER I 77 -10.31 24.02 35.45
N ARG I 78 -10.58 22.73 35.40
CA ARG I 78 -11.74 22.23 36.17
C ARG I 78 -11.21 21.09 37.03
N LEU I 79 -11.19 21.29 38.35
CA LEU I 79 -10.55 20.27 39.22
C LEU I 79 -11.35 18.98 39.25
N GLU I 80 -10.68 17.92 39.67
CA GLU I 80 -11.32 16.60 39.73
C GLU I 80 -10.92 16.00 41.08
N PRO I 81 -11.55 14.95 41.60
CA PRO I 81 -11.22 14.46 42.91
C PRO I 81 -9.78 13.97 43.05
N GLU I 82 -9.23 13.33 42.01
CA GLU I 82 -7.88 12.72 42.10
C GLU I 82 -6.78 13.74 41.82
N ASP I 83 -7.15 14.94 41.42
CA ASP I 83 -6.12 15.94 41.03
C ASP I 83 -5.62 16.65 42.27
N PHE I 84 -5.95 16.12 43.43
CA PHE I 84 -5.53 16.77 44.69
C PHE I 84 -4.22 16.14 45.14
N ALA I 85 -3.15 16.95 45.15
CA ALA I 85 -1.83 16.45 45.50
C ALA I 85 -0.85 17.57 45.72
N VAL I 86 0.43 17.25 45.81
CA VAL I 86 1.46 18.28 45.88
C VAL I 86 2.04 18.52 44.49
N TYR I 87 2.37 19.76 44.19
CA TYR I 87 2.80 20.19 42.87
C TYR I 87 4.18 20.84 42.99
N TYR I 88 5.14 20.36 42.20
CA TYR I 88 6.48 20.91 42.26
C TYR I 88 6.80 21.56 40.93
N CYS I 89 7.53 22.67 41.00
CA CYS I 89 8.14 23.27 39.84
C CYS I 89 9.65 23.07 39.94
N GLN I 90 10.25 22.58 38.86
CA GLN I 90 11.65 22.21 38.81
C GLN I 90 12.34 22.98 37.70
N HIS I 91 13.56 23.43 37.98
CA HIS I 91 14.47 23.97 36.97
C HIS I 91 15.53 22.91 36.69
N TYR I 92 15.46 22.30 35.50
CA TYR I 92 16.40 21.24 35.14
C TYR I 92 17.50 21.73 34.21
N GLY I 93 17.69 23.04 34.12
CA GLY I 93 18.90 23.61 33.56
C GLY I 93 19.80 24.05 34.68
N ASN I 94 21.00 24.49 34.32
CA ASN I 94 21.96 24.93 35.32
C ASN I 94 21.55 26.30 35.82
N PRO I 95 21.39 26.50 37.14
CA PRO I 95 21.61 25.56 38.24
C PRO I 95 20.39 24.70 38.57
N TYR I 96 20.64 23.43 38.88
CA TYR I 96 19.57 22.49 39.17
C TYR I 96 18.92 22.85 40.49
N THR I 97 17.58 22.90 40.52
CA THR I 97 16.86 23.16 41.75
C THR I 97 15.39 22.78 41.59
N PHE I 98 14.80 22.33 42.69
CA PHE I 98 13.38 22.01 42.77
C PHE I 98 12.64 23.14 43.49
N GLY I 99 11.32 22.96 43.64
CA GLY I 99 10.53 23.82 44.48
C GLY I 99 10.10 23.12 45.76
N GLN I 100 9.49 23.91 46.65
CA GLN I 100 9.04 23.33 47.91
C GLN I 100 7.65 22.71 47.82
N GLY I 101 6.83 23.15 46.87
CA GLY I 101 5.58 22.49 46.62
C GLY I 101 4.34 23.27 47.03
N THR I 102 3.17 22.78 46.61
CA THR I 102 1.88 23.36 46.98
C THR I 102 0.90 22.22 47.19
N LYS I 103 0.23 22.21 48.34
CA LYS I 103 -0.65 21.10 48.71
C LYS I 103 -2.08 21.45 48.33
N LEU I 104 -2.69 20.58 47.52
CA LEU I 104 -4.11 20.71 47.20
C LEU I 104 -4.90 19.69 48.01
N GLU I 105 -5.86 20.17 48.80
CA GLU I 105 -6.69 19.30 49.63
C GLU I 105 -8.15 19.63 49.42
N ILE I 106 -8.98 18.58 49.43
CA ILE I 106 -10.42 18.74 49.23
C ILE I 106 -11.02 19.40 50.47
N LYS I 107 -11.80 20.45 50.24
CA LYS I 107 -12.42 21.19 51.33
C LYS I 107 -13.70 20.51 51.80
N GLU J 1 -40.11 -30.38 -24.85
CA GLU J 1 -40.02 -31.87 -24.90
C GLU J 1 -39.49 -32.39 -23.57
N VAL J 2 -38.97 -31.50 -22.72
CA VAL J 2 -38.60 -31.94 -21.36
C VAL J 2 -39.65 -31.31 -20.47
N VAL J 3 -40.42 -32.12 -19.77
CA VAL J 3 -41.51 -31.53 -18.95
C VAL J 3 -41.03 -31.66 -17.52
N LEU J 4 -40.94 -30.56 -16.80
CA LEU J 4 -40.40 -30.63 -15.43
C LEU J 4 -41.58 -30.72 -14.47
N THR J 5 -41.81 -31.91 -13.91
CA THR J 5 -42.95 -32.11 -13.00
C THR J 5 -42.47 -31.90 -11.59
N GLN J 6 -42.83 -30.80 -10.96
CA GLN J 6 -42.48 -30.68 -9.54
C GLN J 6 -43.32 -31.74 -8.86
N SER J 7 -42.69 -32.62 -8.07
CA SER J 7 -43.42 -33.78 -7.52
C SER J 7 -44.41 -33.37 -6.42
N PRO J 8 -44.04 -32.71 -5.30
CA PRO J 8 -45.03 -32.49 -4.26
C PRO J 8 -45.84 -31.22 -4.53
N GLY J 9 -47.16 -31.30 -4.57
CA GLY J 9 -47.98 -30.09 -4.73
C GLY J 9 -48.63 -29.77 -3.41
N THR J 10 -48.59 -28.54 -2.96
CA THR J 10 -49.12 -28.17 -1.61
C THR J 10 -48.53 -29.00 -0.46
N LEU J 11 -47.21 -29.02 -0.31
CA LEU J 11 -46.62 -29.65 0.90
C LEU J 11 -46.87 -28.67 2.05
N SER J 12 -47.27 -29.19 3.22
CA SER J 12 -47.56 -28.33 4.40
C SER J 12 -46.68 -28.79 5.56
N LEU J 13 -46.10 -27.84 6.30
CA LEU J 13 -45.31 -28.21 7.50
C LEU J 13 -45.32 -27.05 8.51
N SER J 14 -44.43 -27.10 9.52
CA SER J 14 -44.42 -26.09 10.59
C SER J 14 -43.01 -25.55 10.77
N PRO J 15 -42.84 -24.30 11.24
CA PRO J 15 -41.52 -23.71 11.29
C PRO J 15 -40.50 -24.58 12.02
N GLY J 16 -39.29 -24.68 11.47
CA GLY J 16 -38.21 -25.48 12.07
C GLY J 16 -38.07 -26.90 11.58
N GLU J 17 -38.88 -27.35 10.61
CA GLU J 17 -38.71 -28.71 10.04
C GLU J 17 -37.91 -28.64 8.74
N ARG J 18 -37.61 -29.78 8.10
CA ARG J 18 -36.85 -29.80 6.83
C ARG J 18 -37.80 -30.11 5.69
N ALA J 19 -37.78 -29.32 4.63
CA ALA J 19 -38.72 -29.52 3.52
C ALA J 19 -37.97 -29.95 2.28
N THR J 20 -38.40 -31.03 1.64
CA THR J 20 -37.69 -31.55 0.46
C THR J 20 -38.58 -31.40 -0.78
N LEU J 21 -38.17 -30.59 -1.75
CA LEU J 21 -38.99 -30.35 -2.96
C LEU J 21 -38.33 -31.08 -4.11
N SER J 22 -39.09 -31.64 -5.03
CA SER J 22 -38.44 -32.44 -6.09
C SER J 22 -38.87 -31.98 -7.48
N CYS J 23 -37.95 -31.91 -8.42
CA CYS J 23 -38.30 -31.59 -9.82
C CYS J 23 -37.84 -32.79 -10.61
N ARG J 24 -38.74 -33.52 -11.21
CA ARG J 24 -38.26 -34.66 -11.99
C ARG J 24 -38.40 -34.26 -13.45
N ALA J 25 -37.47 -34.69 -14.27
CA ALA J 25 -37.49 -34.24 -15.67
C ALA J 25 -37.78 -35.40 -16.59
N SER J 26 -38.67 -35.20 -17.55
CA SER J 26 -38.97 -36.22 -18.56
C SER J 26 -37.69 -36.89 -19.03
N GLN J 27 -36.94 -36.19 -19.88
CA GLN J 27 -35.70 -36.74 -20.44
C GLN J 27 -34.51 -36.08 -19.74
N SER J 28 -33.35 -36.72 -19.80
CA SER J 28 -32.17 -36.19 -19.12
C SER J 28 -31.69 -34.91 -19.78
N LEU J 29 -31.20 -34.00 -18.95
CA LEU J 29 -30.80 -32.67 -19.38
C LEU J 29 -29.50 -32.30 -18.68
N GLY J 30 -28.79 -31.34 -19.26
CA GLY J 30 -27.54 -30.87 -18.67
C GLY J 30 -27.79 -30.31 -17.27
N THR J 31 -27.15 -30.91 -16.28
CA THR J 31 -27.48 -30.62 -14.89
C THR J 31 -26.94 -29.29 -14.40
N ASN J 32 -26.52 -28.42 -15.32
CA ASN J 32 -26.04 -27.12 -14.91
C ASN J 32 -26.90 -25.99 -15.47
N TYR J 33 -27.99 -26.31 -16.16
CA TYR J 33 -28.92 -25.30 -16.62
C TYR J 33 -30.29 -25.50 -15.99
N LEU J 34 -30.32 -25.76 -14.69
CA LEU J 34 -31.57 -25.85 -13.94
C LEU J 34 -31.49 -24.94 -12.73
N ALA J 35 -32.57 -24.23 -12.44
CA ALA J 35 -32.61 -23.22 -11.40
C ALA J 35 -33.88 -23.35 -10.58
N TRP J 36 -33.85 -22.79 -9.38
CA TRP J 36 -34.96 -22.85 -8.43
C TRP J 36 -35.29 -21.43 -7.97
N TYR J 37 -36.57 -21.05 -8.10
CA TYR J 37 -37.07 -19.73 -7.75
C TYR J 37 -38.10 -19.82 -6.65
N GLN J 38 -38.25 -18.70 -5.93
CA GLN J 38 -39.24 -18.53 -4.86
C GLN J 38 -40.17 -17.42 -5.28
N HIS J 39 -41.48 -17.65 -5.23
CA HIS J 39 -42.45 -16.60 -5.62
C HIS J 39 -43.46 -16.36 -4.50
N LYS J 40 -43.09 -15.56 -3.52
CA LYS J 40 -44.07 -15.20 -2.48
C LYS J 40 -45.12 -14.31 -3.11
N PRO J 41 -46.44 -14.50 -2.86
CA PRO J 41 -47.47 -13.74 -3.57
C PRO J 41 -47.41 -12.23 -3.35
N GLY J 42 -47.64 -11.45 -4.42
CA GLY J 42 -47.56 -9.99 -4.31
C GLY J 42 -46.13 -9.50 -4.38
N GLN J 43 -45.16 -10.39 -4.55
CA GLN J 43 -43.73 -10.03 -4.68
C GLN J 43 -43.22 -10.68 -5.96
N SER J 44 -42.23 -10.10 -6.63
CA SER J 44 -41.69 -10.61 -7.91
C SER J 44 -40.96 -11.92 -7.67
N PRO J 45 -40.81 -12.85 -8.63
CA PRO J 45 -40.01 -14.02 -8.35
C PRO J 45 -38.57 -13.71 -7.90
N ARG J 46 -37.99 -14.50 -7.00
CA ARG J 46 -36.59 -14.33 -6.53
C ARG J 46 -35.84 -15.62 -6.79
N LEU J 47 -34.66 -15.54 -7.38
CA LEU J 47 -33.84 -16.71 -7.68
C LEU J 47 -33.16 -17.24 -6.43
N LEU J 48 -33.36 -18.52 -6.14
CA LEU J 48 -32.70 -19.15 -5.01
C LEU J 48 -31.48 -19.95 -5.45
N ILE J 49 -31.67 -20.90 -6.36
CA ILE J 49 -30.63 -21.85 -6.71
C ILE J 49 -30.34 -21.76 -8.19
N ASP J 50 -29.07 -21.82 -8.56
CA ASP J 50 -28.67 -21.79 -9.95
C ASP J 50 -27.69 -22.90 -10.24
N GLY J 51 -27.74 -23.43 -11.47
CA GLY J 51 -26.89 -24.56 -11.81
C GLY J 51 -27.20 -25.79 -10.99
N ALA J 52 -28.39 -25.83 -10.38
CA ALA J 52 -28.89 -26.95 -9.61
C ALA J 52 -28.14 -27.18 -8.31
N SER J 53 -27.06 -26.43 -8.06
CA SER J 53 -26.31 -26.60 -6.83
C SER J 53 -25.78 -25.31 -6.22
N THR J 54 -25.97 -24.17 -6.88
CA THR J 54 -25.32 -22.93 -6.46
C THR J 54 -26.34 -21.97 -5.86
N ARG J 55 -26.06 -21.55 -4.63
CA ARG J 55 -26.89 -20.56 -3.96
C ARG J 55 -26.67 -19.19 -4.60
N ALA J 56 -27.75 -18.42 -4.72
CA ALA J 56 -27.65 -17.10 -5.32
C ALA J 56 -27.02 -16.12 -4.36
N ILE J 57 -26.87 -14.87 -4.80
CA ILE J 57 -26.29 -13.82 -3.98
C ILE J 57 -27.32 -13.30 -2.99
N GLY J 58 -27.11 -13.57 -1.71
CA GLY J 58 -27.99 -13.02 -0.69
C GLY J 58 -28.95 -14.04 -0.10
N ILE J 59 -29.06 -15.20 -0.74
CA ILE J 59 -29.97 -16.22 -0.23
C ILE J 59 -29.44 -16.78 1.08
N PRO J 60 -30.27 -16.98 2.09
CA PRO J 60 -29.80 -17.58 3.34
C PRO J 60 -29.20 -18.96 3.13
N ASP J 61 -28.57 -19.47 4.18
CA ASP J 61 -27.86 -20.74 4.10
C ASP J 61 -28.83 -21.92 4.23
N ARG J 62 -30.08 -21.67 4.59
CA ARG J 62 -31.04 -22.74 4.79
C ARG J 62 -31.26 -23.54 3.52
N PHE J 63 -31.39 -22.86 2.39
CA PHE J 63 -31.64 -23.52 1.12
C PHE J 63 -30.38 -24.20 0.62
N SER J 64 -30.51 -25.46 0.19
CA SER J 64 -29.48 -26.13 -0.57
C SER J 64 -30.17 -26.94 -1.66
N ALA J 65 -29.41 -27.34 -2.68
CA ALA J 65 -30.01 -28.06 -3.78
C ALA J 65 -29.02 -29.08 -4.31
N SER J 66 -29.56 -30.05 -5.04
CA SER J 66 -28.76 -31.11 -5.62
C SER J 66 -29.55 -31.74 -6.76
N GLY J 67 -28.90 -32.62 -7.48
CA GLY J 67 -29.57 -33.37 -8.52
C GLY J 67 -28.64 -33.71 -9.67
N SER J 68 -29.14 -34.56 -10.56
CA SER J 68 -28.42 -34.95 -11.76
C SER J 68 -29.42 -35.53 -12.74
N GLY J 69 -29.22 -35.25 -14.02
CA GLY J 69 -30.00 -35.88 -15.06
C GLY J 69 -31.48 -35.57 -14.90
N THR J 70 -32.24 -36.59 -14.51
CA THR J 70 -33.69 -36.46 -14.47
C THR J 70 -34.19 -36.09 -13.07
N ASP J 71 -33.32 -36.15 -12.07
CA ASP J 71 -33.73 -35.94 -10.68
C ASP J 71 -33.17 -34.63 -10.17
N PHE J 72 -33.99 -33.86 -9.47
CA PHE J 72 -33.53 -32.64 -8.83
C PHE J 72 -34.26 -32.45 -7.51
N THR J 73 -33.55 -31.89 -6.53
CA THR J 73 -34.11 -31.77 -5.18
C THR J 73 -33.62 -30.49 -4.53
N LEU J 74 -34.52 -29.86 -3.77
CA LEU J 74 -34.24 -28.67 -2.99
C LEU J 74 -34.58 -28.95 -1.54
N THR J 75 -33.81 -28.44 -0.58
CA THR J 75 -34.21 -28.63 0.84
C THR J 75 -33.96 -27.42 1.72
N VAL J 76 -34.98 -26.81 2.30
CA VAL J 76 -34.77 -25.73 3.31
C VAL J 76 -34.57 -26.49 4.60
N SER J 77 -33.35 -26.58 5.13
CA SER J 77 -33.06 -27.49 6.27
C SER J 77 -33.84 -27.15 7.53
N ARG J 78 -33.93 -25.88 7.87
CA ARG J 78 -34.76 -25.52 9.04
C ARG J 78 -35.69 -24.40 8.58
N LEU J 79 -37.01 -24.64 8.59
CA LEU J 79 -37.92 -23.63 7.99
C LEU J 79 -38.00 -22.37 8.82
N GLU J 80 -38.57 -21.33 8.23
CA GLU J 80 -38.69 -20.03 8.91
C GLU J 80 -40.09 -19.54 8.56
N PRO J 81 -40.73 -18.64 9.31
CA PRO J 81 -42.03 -18.15 8.92
C PRO J 81 -42.14 -17.59 7.51
N GLU J 82 -41.14 -16.82 7.04
CA GLU J 82 -41.23 -16.15 5.74
C GLU J 82 -40.70 -17.00 4.59
N ASP J 83 -40.30 -18.24 4.85
CA ASP J 83 -39.89 -19.15 3.78
C ASP J 83 -41.05 -19.97 3.25
N PHE J 84 -42.27 -19.47 3.37
CA PHE J 84 -43.46 -20.19 2.93
C PHE J 84 -43.97 -19.53 1.66
N ALA J 85 -43.88 -20.25 0.55
CA ALA J 85 -44.23 -19.68 -0.75
C ALA J 85 -44.35 -20.74 -1.83
N VAL J 86 -44.41 -20.33 -3.08
CA VAL J 86 -44.39 -21.27 -4.17
C VAL J 86 -42.97 -21.37 -4.73
N TYR J 87 -42.58 -22.57 -5.14
CA TYR J 87 -41.22 -22.87 -5.55
C TYR J 87 -41.26 -23.42 -6.98
N TYR J 88 -40.48 -22.82 -7.88
CA TYR J 88 -40.47 -23.28 -9.26
C TYR J 88 -39.08 -23.80 -9.58
N CYS J 89 -39.06 -24.85 -10.39
CA CYS J 89 -37.84 -25.33 -11.01
C CYS J 89 -37.91 -25.02 -12.50
N GLN J 90 -36.86 -24.42 -13.02
CA GLN J 90 -36.79 -23.95 -14.40
C GLN J 90 -35.61 -24.58 -15.11
N HIS J 91 -35.82 -24.95 -16.36
CA HIS J 91 -34.77 -25.35 -17.27
C HIS J 91 -34.52 -24.21 -18.25
N TYR J 92 -33.39 -23.52 -18.09
CA TYR J 92 -33.07 -22.38 -18.94
C TYR J 92 -32.08 -22.72 -20.05
N GLY J 93 -31.89 -24.00 -20.33
CA GLY J 93 -31.25 -24.42 -21.55
C GLY J 93 -32.32 -24.88 -22.52
N ASN J 94 -31.90 -25.20 -23.75
CA ASN J 94 -32.84 -25.63 -24.76
C ASN J 94 -33.26 -27.06 -24.47
N PRO J 95 -34.56 -27.36 -24.36
CA PRO J 95 -35.72 -26.49 -24.55
C PRO J 95 -36.15 -25.74 -23.28
N TYR J 96 -36.53 -24.48 -23.45
CA TYR J 96 -36.90 -23.65 -22.32
C TYR J 96 -38.23 -24.15 -21.74
N THR J 97 -38.28 -24.29 -20.42
CA THR J 97 -39.52 -24.68 -19.75
C THR J 97 -39.43 -24.41 -18.26
N PHE J 98 -40.56 -24.08 -17.67
CA PHE J 98 -40.71 -23.88 -16.23
C PHE J 98 -41.36 -25.10 -15.60
N GLY J 99 -41.57 -25.04 -14.29
CA GLY J 99 -42.37 -26.01 -13.58
C GLY J 99 -43.70 -25.44 -13.14
N GLN J 100 -44.55 -26.32 -12.63
CA GLN J 100 -45.86 -25.86 -12.17
C GLN J 100 -45.84 -25.35 -10.74
N GLY J 101 -44.89 -25.79 -9.92
CA GLY J 101 -44.73 -25.21 -8.61
C GLY J 101 -45.11 -26.10 -7.45
N THR J 102 -44.76 -25.67 -6.24
CA THR J 102 -45.13 -26.37 -5.01
C THR J 102 -45.44 -25.32 -3.95
N LYS J 103 -46.60 -25.44 -3.32
CA LYS J 103 -47.08 -24.44 -2.38
C LYS J 103 -46.70 -24.86 -0.96
N LEU J 104 -45.98 -23.99 -0.25
CA LEU J 104 -45.69 -24.20 1.16
C LEU J 104 -46.59 -23.30 1.99
N GLU J 105 -47.37 -23.90 2.89
CA GLU J 105 -48.28 -23.16 3.74
C GLU J 105 -48.09 -23.58 5.19
N ILE J 106 -48.19 -22.60 6.10
CA ILE J 106 -48.02 -22.86 7.52
C ILE J 106 -49.22 -23.65 8.03
N LYS J 107 -48.95 -24.74 8.74
CA LYS J 107 -49.99 -25.59 9.26
C LYS J 107 -50.54 -25.04 10.58
N GLU K 1 -32.47 45.52 -12.71
CA GLU K 1 -32.29 44.66 -11.52
C GLU K 1 -33.12 43.40 -11.65
N VAL K 2 -33.02 42.50 -10.68
CA VAL K 2 -33.81 41.24 -10.69
C VAL K 2 -34.44 41.14 -9.31
N VAL K 3 -35.48 41.91 -9.05
CA VAL K 3 -35.99 41.79 -7.67
C VAL K 3 -36.38 40.33 -7.51
N LEU K 4 -35.95 39.71 -6.42
CA LEU K 4 -36.36 38.31 -6.19
C LEU K 4 -37.48 38.34 -5.16
N THR K 5 -38.70 37.92 -5.53
CA THR K 5 -39.84 37.98 -4.61
C THR K 5 -40.02 36.62 -3.97
N GLN K 6 -39.58 36.46 -2.73
CA GLN K 6 -39.82 35.13 -2.14
C GLN K 6 -41.33 35.14 -1.94
N SER K 7 -42.05 34.19 -2.53
CA SER K 7 -43.55 34.22 -2.56
C SER K 7 -44.32 34.06 -1.25
N PRO K 8 -44.08 33.08 -0.35
CA PRO K 8 -44.94 32.98 0.83
C PRO K 8 -44.36 33.78 1.99
N GLY K 9 -44.99 34.88 2.39
CA GLY K 9 -44.38 35.74 3.42
C GLY K 9 -44.24 35.03 4.73
N THR K 10 -45.28 34.31 5.14
CA THR K 10 -45.19 33.48 6.36
C THR K 10 -45.85 32.14 6.05
N LEU K 11 -45.26 31.07 6.53
CA LEU K 11 -45.86 29.73 6.33
C LEU K 11 -45.93 29.13 7.72
N SER K 12 -47.07 28.55 8.08
CA SER K 12 -47.16 27.87 9.40
C SER K 12 -47.56 26.44 9.15
N LEU K 13 -46.77 25.48 9.64
CA LEU K 13 -47.09 24.08 9.32
C LEU K 13 -46.57 23.16 10.42
N SER K 14 -47.13 21.95 10.55
CA SER K 14 -46.78 21.08 11.69
C SER K 14 -45.55 20.23 11.44
N PRO K 15 -44.85 19.80 12.51
CA PRO K 15 -43.65 19.03 12.35
C PRO K 15 -43.78 17.69 11.62
N GLY K 16 -43.60 17.67 10.30
CA GLY K 16 -43.57 16.39 9.63
C GLY K 16 -44.22 16.27 8.27
N GLU K 17 -44.79 17.34 7.72
CA GLU K 17 -45.25 17.35 6.35
C GLU K 17 -44.27 18.12 5.49
N ARG K 18 -44.64 18.35 4.22
CA ARG K 18 -43.72 19.01 3.26
C ARG K 18 -43.93 20.50 3.26
N ALA K 19 -42.94 21.24 2.82
CA ALA K 19 -43.01 22.70 2.80
C ALA K 19 -42.37 23.20 1.52
N THR K 20 -43.19 23.80 0.65
CA THR K 20 -42.73 24.28 -0.66
C THR K 20 -42.55 25.78 -0.62
N LEU K 21 -41.30 26.23 -0.61
CA LEU K 21 -40.97 27.64 -0.59
C LEU K 21 -40.60 28.09 -2.00
N SER K 22 -41.06 29.27 -2.38
CA SER K 22 -40.91 29.72 -3.75
C SER K 22 -40.11 31.01 -3.80
N CYS K 23 -39.36 31.17 -4.89
CA CYS K 23 -38.57 32.38 -5.12
C CYS K 23 -38.79 32.76 -6.58
N ARG K 24 -39.35 33.92 -6.80
CA ARG K 24 -39.67 34.29 -8.19
C ARG K 24 -38.73 35.38 -8.62
N ALA K 25 -38.36 35.36 -9.86
CA ALA K 25 -37.35 36.24 -10.44
C ALA K 25 -38.01 37.20 -11.41
N SER K 26 -37.68 38.48 -11.29
CA SER K 26 -38.24 39.48 -12.19
C SER K 26 -37.87 39.18 -13.63
N GLN K 27 -36.59 38.96 -13.88
CA GLN K 27 -36.09 38.61 -15.20
C GLN K 27 -35.21 37.38 -15.09
N SER K 28 -35.15 36.60 -16.17
CA SER K 28 -34.47 35.32 -16.12
C SER K 28 -32.98 35.51 -15.82
N LEU K 29 -32.43 34.57 -15.07
CA LEU K 29 -31.05 34.65 -14.59
C LEU K 29 -30.41 33.28 -14.71
N GLY K 30 -29.08 33.26 -14.73
CA GLY K 30 -28.36 32.00 -14.79
C GLY K 30 -28.69 31.13 -13.60
N THR K 31 -29.24 29.94 -13.87
CA THR K 31 -29.81 29.13 -12.81
C THR K 31 -28.76 28.42 -11.95
N ASN K 32 -27.50 28.84 -12.05
CA ASN K 32 -26.48 28.24 -11.23
C ASN K 32 -25.85 29.24 -10.27
N TYR K 33 -26.34 30.47 -10.22
CA TYR K 33 -25.88 31.45 -9.26
C TYR K 33 -27.01 31.88 -8.34
N LEU K 34 -27.79 30.91 -7.87
CA LEU K 34 -28.83 31.17 -6.87
C LEU K 34 -28.66 30.22 -5.70
N ALA K 35 -28.82 30.74 -4.49
CA ALA K 35 -28.56 30.00 -3.27
C ALA K 35 -29.68 30.21 -2.26
N TRP K 36 -29.79 29.30 -1.30
CA TRP K 36 -30.81 29.33 -0.27
C TRP K 36 -30.14 29.21 1.09
N TYR K 37 -30.46 30.15 1.98
CA TYR K 37 -29.91 30.24 3.33
C TYR K 37 -30.99 30.10 4.38
N GLN K 38 -30.57 29.67 5.57
CA GLN K 38 -31.42 29.51 6.74
C GLN K 38 -30.91 30.47 7.80
N HIS K 39 -31.74 31.38 8.26
CA HIS K 39 -31.42 32.27 9.36
C HIS K 39 -32.34 31.94 10.53
N LYS K 40 -31.75 31.49 11.63
CA LYS K 40 -32.43 31.24 12.90
C LYS K 40 -32.05 32.41 13.80
N PRO K 41 -33.00 33.05 14.46
CA PRO K 41 -32.66 34.25 15.23
C PRO K 41 -31.69 33.94 16.36
N GLY K 42 -30.70 34.80 16.57
CA GLY K 42 -29.63 34.54 17.49
C GLY K 42 -28.49 33.74 16.89
N GLN K 43 -28.71 33.12 15.72
CA GLN K 43 -27.69 32.36 15.02
C GLN K 43 -27.31 33.09 13.76
N SER K 44 -26.10 32.84 13.29
CA SER K 44 -25.65 33.38 12.02
C SER K 44 -26.33 32.63 10.88
N PRO K 45 -26.46 33.25 9.71
CA PRO K 45 -27.04 32.54 8.57
C PRO K 45 -26.23 31.31 8.21
N ARG K 46 -26.93 30.28 7.74
CA ARG K 46 -26.30 29.04 7.32
C ARG K 46 -26.73 28.72 5.90
N LEU K 47 -25.75 28.42 5.04
CA LEU K 47 -26.05 28.11 3.65
C LEU K 47 -26.64 26.70 3.55
N LEU K 48 -27.81 26.61 2.92
CA LEU K 48 -28.43 25.32 2.68
C LEU K 48 -28.19 24.83 1.25
N ILE K 49 -28.59 25.62 0.27
CA ILE K 49 -28.60 25.19 -1.12
C ILE K 49 -27.73 26.12 -1.93
N ASP K 50 -26.95 25.55 -2.84
CA ASP K 50 -26.11 26.33 -3.73
C ASP K 50 -26.30 25.88 -5.18
N GLY K 51 -26.17 26.83 -6.09
CA GLY K 51 -26.41 26.51 -7.49
C GLY K 51 -27.82 26.08 -7.76
N ALA K 52 -28.73 26.41 -6.83
CA ALA K 52 -30.17 26.15 -6.95
C ALA K 52 -30.50 24.66 -6.87
N SER K 53 -29.51 23.78 -6.83
CA SER K 53 -29.79 22.36 -6.75
C SER K 53 -28.84 21.57 -5.87
N THR K 54 -27.81 22.20 -5.31
CA THR K 54 -26.74 21.48 -4.62
C THR K 54 -26.84 21.70 -3.12
N ARG K 55 -27.03 20.65 -2.35
CA ARG K 55 -27.04 20.81 -0.90
C ARG K 55 -25.63 21.07 -0.42
N ALA K 56 -25.46 21.84 0.63
CA ALA K 56 -24.18 22.25 1.17
C ALA K 56 -23.56 21.11 1.97
N ILE K 57 -22.37 21.37 2.51
CA ILE K 57 -21.65 20.38 3.31
C ILE K 57 -22.24 20.33 4.71
N GLY K 58 -22.89 19.22 5.06
CA GLY K 58 -23.40 19.05 6.40
C GLY K 58 -24.90 19.22 6.53
N ILE K 59 -25.53 19.75 5.48
CA ILE K 59 -26.98 19.97 5.54
C ILE K 59 -27.68 18.61 5.51
N PRO K 60 -28.71 18.41 6.33
CA PRO K 60 -29.46 17.15 6.28
C PRO K 60 -30.07 16.89 4.91
N ASP K 61 -30.58 15.67 4.74
CA ASP K 61 -31.11 15.25 3.44
C ASP K 61 -32.53 15.77 3.23
N ARG K 62 -33.15 16.33 4.27
CA ARG K 62 -34.53 16.79 4.16
C ARG K 62 -34.66 17.89 3.12
N PHE K 63 -33.73 18.84 3.09
CA PHE K 63 -33.79 19.94 2.15
C PHE K 63 -33.42 19.47 0.75
N SER K 64 -34.22 19.87 -0.23
CA SER K 64 -33.84 19.75 -1.63
C SER K 64 -34.31 21.02 -2.33
N ALA K 65 -33.77 21.27 -3.51
CA ALA K 65 -34.13 22.48 -4.22
C ALA K 65 -34.13 22.22 -5.72
N SER K 66 -34.80 23.11 -6.44
CA SER K 66 -34.91 23.00 -7.88
C SER K 66 -35.26 24.36 -8.44
N GLY K 67 -35.27 24.46 -9.75
CA GLY K 67 -35.71 25.68 -10.41
C GLY K 67 -34.97 25.92 -11.71
N SER K 68 -35.45 26.91 -12.45
CA SER K 68 -34.83 27.33 -13.69
C SER K 68 -35.36 28.72 -14.02
N GLY K 69 -34.48 29.54 -14.57
CA GLY K 69 -34.90 30.84 -15.08
C GLY K 69 -35.51 31.70 -13.99
N THR K 70 -36.82 31.89 -14.08
CA THR K 70 -37.49 32.82 -13.18
C THR K 70 -38.08 32.10 -11.97
N ASP K 71 -38.13 30.78 -11.99
CA ASP K 71 -38.80 30.01 -10.95
C ASP K 71 -37.76 29.27 -10.11
N PHE K 72 -37.94 29.30 -8.79
CA PHE K 72 -37.08 28.53 -7.90
C PHE K 72 -37.91 28.02 -6.72
N THR K 73 -37.56 26.83 -6.25
CA THR K 73 -38.34 26.19 -5.20
C THR K 73 -37.44 25.40 -4.27
N LEU K 74 -37.78 25.42 -2.99
CA LEU K 74 -37.09 24.68 -1.94
C LEU K 74 -38.12 23.80 -1.23
N THR K 75 -37.84 22.54 -0.95
CA THR K 75 -38.85 21.78 -0.16
C THR K 75 -38.23 20.97 0.96
N VAL K 76 -38.56 21.26 2.22
CA VAL K 76 -38.11 20.37 3.32
C VAL K 76 -39.16 19.27 3.29
N SER K 77 -38.84 18.08 2.79
CA SER K 77 -39.88 17.05 2.54
C SER K 77 -40.58 16.60 3.80
N ARG K 78 -39.86 16.38 4.88
CA ARG K 78 -40.54 16.06 6.15
C ARG K 78 -39.99 17.02 7.20
N LEU K 79 -40.84 17.89 7.76
CA LEU K 79 -40.31 18.94 8.64
C LEU K 79 -39.78 18.39 9.95
N GLU K 80 -39.06 19.21 10.68
CA GLU K 80 -38.46 18.79 11.95
C GLU K 80 -38.69 19.98 12.87
N PRO K 81 -38.65 19.87 14.21
CA PRO K 81 -38.86 21.05 15.03
C PRO K 81 -37.81 22.13 14.79
N GLU K 82 -36.54 21.73 14.62
CA GLU K 82 -35.41 22.69 14.41
C GLU K 82 -35.54 23.44 13.09
N ASP K 83 -36.07 22.83 12.06
CA ASP K 83 -36.12 23.46 10.72
C ASP K 83 -37.14 24.60 10.71
N PHE K 84 -37.30 25.33 11.81
CA PHE K 84 -38.25 26.43 11.75
C PHE K 84 -37.48 27.73 11.85
N ALA K 85 -37.47 28.50 10.77
CA ALA K 85 -36.65 29.70 10.71
C ALA K 85 -37.02 30.58 9.53
N VAL K 86 -36.20 31.58 9.22
CA VAL K 86 -36.40 32.36 8.03
C VAL K 86 -35.51 31.84 6.91
N TYR K 87 -35.99 31.88 5.69
CA TYR K 87 -35.34 31.29 4.54
C TYR K 87 -35.13 32.38 3.48
N TYR K 88 -33.89 32.55 3.03
CA TYR K 88 -33.61 33.57 2.03
C TYR K 88 -33.14 32.89 0.76
N CYS K 89 -33.53 33.46 -0.37
CA CYS K 89 -32.98 33.12 -1.66
C CYS K 89 -32.14 34.29 -2.14
N GLN K 90 -30.92 33.99 -2.57
CA GLN K 90 -29.94 34.99 -2.95
C GLN K 90 -29.48 34.74 -4.38
N HIS K 91 -29.32 35.81 -5.14
CA HIS K 91 -28.66 35.80 -6.43
C HIS K 91 -27.26 36.38 -6.26
N TYR K 92 -26.24 35.53 -6.35
CA TYR K 92 -24.86 35.97 -6.15
C TYR K 92 -24.11 36.14 -7.46
N GLY K 93 -24.82 36.21 -8.58
CA GLY K 93 -24.28 36.71 -9.82
C GLY K 93 -24.73 38.14 -10.02
N ASN K 94 -24.21 38.77 -11.06
CA ASN K 94 -24.58 40.15 -11.35
C ASN K 94 -25.97 40.19 -11.95
N PRO K 95 -26.91 40.96 -11.39
CA PRO K 95 -26.78 41.88 -10.26
C PRO K 95 -27.01 41.22 -8.90
N TYR K 96 -26.21 41.61 -7.91
CA TYR K 96 -26.30 41.03 -6.58
C TYR K 96 -27.60 41.45 -5.92
N THR K 97 -28.32 40.50 -5.33
CA THR K 97 -29.54 40.81 -4.60
C THR K 97 -29.94 39.63 -3.74
N PHE K 98 -30.55 39.94 -2.59
CA PHE K 98 -31.11 38.96 -1.68
C PHE K 98 -32.63 38.90 -1.84
N GLY K 99 -33.27 38.05 -1.04
CA GLY K 99 -34.70 38.02 -0.92
C GLY K 99 -35.16 38.59 0.41
N GLN K 100 -36.48 38.75 0.54
CA GLN K 100 -37.02 39.28 1.78
C GLN K 100 -37.25 38.20 2.83
N GLY K 101 -37.45 36.96 2.41
CA GLY K 101 -37.52 35.87 3.36
C GLY K 101 -38.88 35.23 3.53
N THR K 102 -38.92 34.05 4.14
CA THR K 102 -40.19 33.35 4.44
C THR K 102 -40.03 32.76 5.83
N LYS K 103 -40.98 32.97 6.71
CA LYS K 103 -40.80 32.52 8.10
C LYS K 103 -41.57 31.22 8.27
N LEU K 104 -40.91 30.14 8.65
CA LEU K 104 -41.66 28.90 8.93
C LEU K 104 -41.97 28.94 10.42
N GLU K 105 -43.24 28.87 10.81
CA GLU K 105 -43.62 28.87 12.24
C GLU K 105 -44.46 27.64 12.59
N ILE K 106 -44.23 27.03 13.74
CA ILE K 106 -45.07 25.88 14.17
C ILE K 106 -46.51 26.38 14.38
N LYS K 107 -47.51 25.70 13.84
CA LYS K 107 -48.91 26.17 13.94
C LYS K 107 -49.61 25.39 15.06
N GLU L 1 15.21 -46.75 29.52
CA GLU L 1 13.97 -45.96 29.36
C GLU L 1 13.99 -44.76 30.30
N VAL L 2 12.95 -43.93 30.23
CA VAL L 2 12.84 -42.74 31.10
C VAL L 2 11.45 -42.78 31.71
N VAL L 3 11.21 -43.65 32.67
CA VAL L 3 9.80 -43.67 33.15
C VAL L 3 9.54 -42.25 33.62
N LEU L 4 8.43 -41.67 33.21
CA LEU L 4 8.10 -40.32 33.70
C LEU L 4 7.13 -40.49 34.85
N THR L 5 7.49 -40.16 36.08
CA THR L 5 6.52 -40.36 37.18
C THR L 5 5.75 -39.08 37.42
N GLN L 6 4.50 -39.01 36.97
CA GLN L 6 3.80 -37.75 37.28
C GLN L 6 3.54 -37.85 38.77
N SER L 7 4.05 -36.92 39.57
CA SER L 7 4.03 -37.05 41.05
C SER L 7 2.70 -37.02 41.79
N PRO L 8 1.73 -36.09 41.60
CA PRO L 8 0.54 -36.13 42.44
C PRO L 8 -0.55 -36.97 41.78
N GLY L 9 -0.90 -38.13 42.33
CA GLY L 9 -1.84 -39.02 41.64
C GLY L 9 -3.21 -38.41 41.50
N THR L 10 -3.70 -37.79 42.57
CA THR L 10 -4.96 -37.04 42.50
C THR L 10 -4.78 -35.74 43.27
N LEU L 11 -5.30 -34.65 42.74
CA LEU L 11 -5.23 -33.36 43.45
C LEU L 11 -6.66 -32.87 43.51
N SER L 12 -7.09 -32.42 44.68
CA SER L 12 -8.44 -31.83 44.79
C SER L 12 -8.22 -30.39 45.22
N LEU L 13 -8.85 -29.44 44.56
CA LEU L 13 -8.70 -28.05 45.03
C LEU L 13 -9.92 -27.21 44.74
N SER L 14 -9.92 -25.97 45.21
CA SER L 14 -11.08 -25.06 45.06
C SER L 14 -10.88 -24.14 43.86
N PRO L 15 -11.94 -23.77 43.11
CA PRO L 15 -11.79 -23.01 41.86
C PRO L 15 -11.22 -21.61 42.06
N GLY L 16 -9.90 -21.48 42.05
CA GLY L 16 -9.31 -20.16 42.16
C GLY L 16 -7.97 -20.01 42.86
N GLU L 17 -7.39 -21.09 43.35
CA GLU L 17 -6.02 -21.04 43.85
C GLU L 17 -5.08 -21.69 42.83
N ARG L 18 -3.83 -21.85 43.22
CA ARG L 18 -2.83 -22.36 42.30
C ARG L 18 -2.76 -23.89 42.39
N ALA L 19 -2.20 -24.52 41.36
CA ALA L 19 -2.10 -25.98 41.30
C ALA L 19 -0.75 -26.35 40.67
N THR L 20 0.13 -26.96 41.47
CA THR L 20 1.47 -27.31 41.01
C THR L 20 1.53 -28.80 40.71
N LEU L 21 1.58 -29.14 39.43
CA LEU L 21 1.65 -30.52 38.97
C LEU L 21 3.09 -30.84 38.62
N SER L 22 3.55 -32.04 39.00
CA SER L 22 4.94 -32.40 38.86
C SER L 22 5.09 -33.61 37.94
N CYS L 23 6.21 -33.64 37.24
CA CYS L 23 6.53 -34.77 36.35
C CYS L 23 8.01 -35.07 36.59
N ARG L 24 8.26 -36.27 37.10
CA ARG L 24 9.60 -36.73 37.42
C ARG L 24 10.16 -37.52 36.25
N ALA L 25 11.46 -37.43 36.05
CA ALA L 25 12.12 -38.19 34.99
C ALA L 25 13.13 -39.13 35.61
N SER L 26 13.10 -40.39 35.18
CA SER L 26 14.04 -41.38 35.69
C SER L 26 15.47 -40.96 35.38
N GLN L 27 15.74 -40.62 34.13
CA GLN L 27 17.05 -40.16 33.70
C GLN L 27 16.88 -38.86 32.92
N SER L 28 17.91 -38.02 32.96
CA SER L 28 17.80 -36.69 32.37
C SER L 28 17.56 -36.78 30.86
N LEU L 29 16.76 -35.85 30.36
CA LEU L 29 16.33 -35.85 28.98
C LEU L 29 16.37 -34.42 28.46
N GLY L 30 16.43 -34.28 27.13
CA GLY L 30 16.44 -32.97 26.51
C GLY L 30 15.19 -32.20 26.87
N THR L 31 15.36 -31.05 27.52
CA THR L 31 14.23 -30.35 28.13
C THR L 31 13.37 -29.62 27.12
N ASN L 32 13.52 -29.93 25.82
CA ASN L 32 12.69 -29.30 24.82
C ASN L 32 11.81 -30.29 24.09
N TYR L 33 11.83 -31.55 24.49
CA TYR L 33 10.94 -32.56 23.91
C TYR L 33 10.02 -33.13 24.98
N LEU L 34 9.47 -32.26 25.82
CA LEU L 34 8.47 -32.66 26.80
C LEU L 34 7.25 -31.77 26.67
N ALA L 35 6.06 -32.38 26.75
CA ALA L 35 4.81 -31.68 26.51
C ALA L 35 3.78 -32.06 27.57
N TRP L 36 2.77 -31.21 27.72
CA TRP L 36 1.71 -31.38 28.72
C TRP L 36 0.36 -31.29 28.01
N TYR L 37 -0.47 -32.31 28.23
CA TYR L 37 -1.80 -32.43 27.63
C TYR L 37 -2.89 -32.45 28.69
N GLN L 38 -4.08 -32.06 28.26
CA GLN L 38 -5.29 -32.04 29.09
C GLN L 38 -6.28 -33.01 28.47
N HIS L 39 -6.69 -34.01 29.22
CA HIS L 39 -7.73 -34.93 28.78
C HIS L 39 -8.94 -34.75 29.69
N LYS L 40 -10.05 -34.33 29.10
CA LYS L 40 -11.36 -34.22 29.77
C LYS L 40 -12.17 -35.40 29.26
N PRO L 41 -12.80 -36.15 30.14
CA PRO L 41 -13.49 -37.36 29.67
C PRO L 41 -14.62 -37.04 28.70
N GLY L 42 -14.74 -37.83 27.64
CA GLY L 42 -15.65 -37.54 26.56
C GLY L 42 -15.07 -36.62 25.51
N GLN L 43 -13.96 -35.94 25.81
CA GLN L 43 -13.28 -35.06 24.88
C GLN L 43 -11.95 -35.69 24.49
N SER L 44 -11.48 -35.32 23.31
CA SER L 44 -10.16 -35.74 22.88
C SER L 44 -9.09 -34.97 23.64
N PRO L 45 -7.88 -35.52 23.75
CA PRO L 45 -6.80 -34.81 24.42
C PRO L 45 -6.50 -33.48 23.73
N ARG L 46 -6.12 -32.49 24.52
CA ARG L 46 -5.76 -31.19 24.01
C ARG L 46 -4.37 -30.82 24.50
N LEU L 47 -3.51 -30.40 23.58
CA LEU L 47 -2.15 -30.01 23.95
C LEU L 47 -2.16 -28.67 24.65
N LEU L 48 -1.57 -28.62 25.84
CA LEU L 48 -1.42 -27.37 26.58
C LEU L 48 -0.02 -26.78 26.42
N ILE L 49 1.00 -27.54 26.78
CA ILE L 49 2.36 -27.03 26.87
C ILE L 49 3.25 -27.83 25.94
N ASP L 50 4.15 -27.15 25.25
CA ASP L 50 5.10 -27.81 24.38
C ASP L 50 6.51 -27.29 24.64
N GLY L 51 7.49 -28.17 24.47
CA GLY L 51 8.86 -27.78 24.77
C GLY L 51 9.07 -27.46 26.24
N ALA L 52 8.14 -27.91 27.09
CA ALA L 52 8.19 -27.77 28.54
C ALA L 52 8.01 -26.32 28.99
N SER L 53 7.95 -25.36 28.07
CA SER L 53 7.77 -23.97 28.46
C SER L 53 6.86 -23.17 27.55
N THR L 54 6.37 -23.75 26.46
CA THR L 54 5.67 -22.99 25.43
C THR L 54 4.18 -23.31 25.45
N ARG L 55 3.34 -22.31 25.69
CA ARG L 55 1.90 -22.59 25.64
C ARG L 55 1.49 -22.77 24.20
N ALA L 56 0.48 -23.55 23.96
CA ALA L 56 0.01 -23.88 22.63
C ALA L 56 -0.85 -22.75 22.07
N ILE L 57 -1.34 -22.94 20.86
CA ILE L 57 -2.18 -21.95 20.19
C ILE L 57 -3.60 -22.03 20.74
N GLY L 58 -4.02 -21.01 21.47
CA GLY L 58 -5.38 -20.95 21.94
C GLY L 58 -5.54 -21.26 23.42
N ILE L 59 -4.49 -21.77 24.03
CA ILE L 59 -4.57 -22.10 25.46
C ILE L 59 -4.64 -20.82 26.27
N PRO L 60 -5.50 -20.74 27.29
CA PRO L 60 -5.55 -19.55 28.14
C PRO L 60 -4.21 -19.27 28.81
N ASP L 61 -4.13 -18.08 29.42
CA ASP L 61 -2.89 -17.63 30.03
C ASP L 61 -2.68 -18.25 31.40
N ARG L 62 -3.71 -18.82 32.01
CA ARG L 62 -3.62 -19.39 33.38
C ARG L 62 -2.51 -20.45 33.46
N PHE L 63 -2.41 -21.33 32.47
CA PHE L 63 -1.46 -22.45 32.55
C PHE L 63 -0.08 -21.97 32.10
N SER L 64 0.95 -22.25 32.88
CA SER L 64 2.33 -21.94 32.47
C SER L 64 3.17 -23.14 32.84
N ALA L 65 4.29 -23.37 32.20
CA ALA L 65 5.05 -24.54 32.63
C ALA L 65 6.51 -24.22 32.73
N SER L 66 7.25 -25.08 33.41
CA SER L 66 8.71 -24.88 33.56
C SER L 66 9.34 -26.26 33.67
N GLY L 67 10.64 -26.35 33.55
CA GLY L 67 11.30 -27.64 33.75
C GLY L 67 12.75 -27.60 33.37
N SER L 68 13.45 -28.72 33.56
CA SER L 68 14.89 -28.87 33.21
C SER L 68 15.39 -30.22 33.70
N GLY L 69 15.90 -31.03 32.80
CA GLY L 69 16.47 -32.34 33.13
C GLY L 69 15.43 -33.31 33.63
N THR L 70 15.49 -33.59 34.93
CA THR L 70 14.63 -34.63 35.50
C THR L 70 13.37 -34.04 36.11
N ASP L 71 13.30 -32.73 36.26
CA ASP L 71 12.20 -32.07 36.96
C ASP L 71 11.34 -31.31 35.96
N PHE L 72 10.02 -31.42 36.09
CA PHE L 72 9.11 -30.64 35.27
C PHE L 72 7.89 -30.28 36.09
N THR L 73 7.29 -29.13 35.80
CA THR L 73 6.13 -28.63 36.60
C THR L 73 5.16 -27.80 35.74
N LEU L 74 3.86 -27.88 35.97
CA LEU L 74 2.89 -27.02 35.26
C LEU L 74 1.99 -26.40 36.31
N THR L 75 1.70 -25.10 36.27
CA THR L 75 0.72 -24.55 37.24
C THR L 75 -0.42 -23.78 36.59
N VAL L 76 -1.66 -24.09 36.93
CA VAL L 76 -2.81 -23.26 36.46
C VAL L 76 -2.90 -22.21 37.56
N SER L 77 -2.34 -21.01 37.37
CA SER L 77 -2.20 -20.04 38.49
C SER L 77 -3.51 -19.76 39.20
N ARG L 78 -4.58 -19.55 38.46
CA ARG L 78 -5.89 -19.38 39.15
C ARG L 78 -6.85 -20.36 38.50
N LEU L 79 -7.38 -21.32 39.26
CA LEU L 79 -8.17 -22.39 38.62
C LEU L 79 -9.51 -21.89 38.10
N GLU L 80 -10.17 -22.70 37.29
CA GLU L 80 -11.45 -22.31 36.69
C GLU L 80 -12.28 -23.59 36.80
N PRO L 81 -13.63 -23.57 36.72
CA PRO L 81 -14.36 -24.82 36.82
C PRO L 81 -14.01 -25.81 35.72
N GLU L 82 -13.83 -25.31 34.49
CA GLU L 82 -13.52 -26.17 33.31
C GLU L 82 -12.15 -26.82 33.42
N ASP L 83 -11.18 -26.16 34.01
CA ASP L 83 -9.79 -26.68 34.06
C ASP L 83 -9.70 -27.87 35.00
N PHE L 84 -10.77 -28.66 35.12
CA PHE L 84 -10.66 -29.83 35.98
C PHE L 84 -10.66 -31.07 35.10
N ALA L 85 -9.52 -31.77 35.07
CA ALA L 85 -9.38 -32.90 34.16
C ALA L 85 -8.15 -33.73 34.49
N VAL L 86 -7.76 -34.63 33.61
CA VAL L 86 -6.52 -35.37 33.79
C VAL L 86 -5.43 -34.70 32.96
N TYR L 87 -4.21 -34.71 33.49
CA TYR L 87 -3.08 -33.99 32.91
C TYR L 87 -1.95 -35.00 32.65
N TYR L 88 -1.46 -35.03 31.42
CA TYR L 88 -0.39 -35.97 31.10
C TYR L 88 0.85 -35.17 30.71
N CYS L 89 1.99 -35.71 31.11
CA CYS L 89 3.28 -35.25 30.62
C CYS L 89 3.85 -36.31 29.70
N GLN L 90 4.28 -35.90 28.52
CA GLN L 90 4.76 -36.78 27.47
C GLN L 90 6.18 -36.41 27.08
N HIS L 91 7.01 -37.43 26.86
CA HIS L 91 8.32 -37.27 26.24
C HIS L 91 8.22 -37.75 24.80
N TYR L 92 8.28 -36.82 23.85
CA TYR L 92 8.15 -37.16 22.44
C TYR L 92 9.49 -37.19 21.72
N GLY L 93 10.59 -37.24 22.47
CA GLY L 93 11.88 -37.62 21.92
C GLY L 93 12.16 -39.06 22.26
N ASN L 94 13.24 -39.59 21.73
CA ASN L 94 13.60 -40.98 21.98
C ASN L 94 14.17 -41.08 23.39
N PRO L 95 13.64 -41.97 24.25
CA PRO L 95 12.57 -42.94 24.01
C PRO L 95 11.16 -42.39 24.25
N TYR L 96 10.23 -42.77 23.39
CA TYR L 96 8.86 -42.28 23.48
C TYR L 96 8.19 -42.85 24.72
N THR L 97 7.53 -41.99 25.48
CA THR L 97 6.79 -42.44 26.66
C THR L 97 5.84 -41.36 27.14
N PHE L 98 4.71 -41.78 27.68
CA PHE L 98 3.71 -40.90 28.29
C PHE L 98 3.83 -40.96 29.80
N GLY L 99 2.96 -40.21 30.48
CA GLY L 99 2.80 -40.32 31.92
C GLY L 99 1.49 -40.99 32.29
N GLN L 100 1.34 -41.26 33.58
CA GLN L 100 0.12 -41.92 34.04
C GLN L 100 -1.00 -40.93 34.33
N GLY L 101 -0.65 -39.71 34.75
CA GLY L 101 -1.67 -38.67 34.92
C GLY L 101 -1.86 -38.11 36.31
N THR L 102 -2.47 -36.94 36.40
CA THR L 102 -2.88 -36.35 37.70
C THR L 102 -4.31 -35.91 37.48
N LYS L 103 -5.21 -36.17 38.40
CA LYS L 103 -6.63 -35.84 38.17
C LYS L 103 -6.95 -34.63 39.01
N LEU L 104 -7.40 -33.54 38.41
CA LEU L 104 -7.81 -32.39 39.25
C LEU L 104 -9.30 -32.57 39.50
N GLU L 105 -9.73 -32.62 40.77
CA GLU L 105 -11.18 -32.73 41.09
C GLU L 105 -11.65 -31.57 41.97
N ILE L 106 -12.84 -31.03 41.69
CA ILE L 106 -13.41 -29.97 42.57
C ILE L 106 -13.74 -30.58 43.94
N LYS L 107 -13.38 -29.90 45.02
CA LYS L 107 -13.59 -30.47 46.38
C LYS L 107 -14.40 -29.48 47.21
#